data_2D3T
#
_entry.id   2D3T
#
_cell.length_a   95.227
_cell.length_b   137.552
_cell.length_c   198.139
_cell.angle_alpha   90.00
_cell.angle_beta   90.00
_cell.angle_gamma   90.00
#
_symmetry.space_group_name_H-M   'P 21 21 21'
#
loop_
_entity.id
_entity.type
_entity.pdbx_description
1 polymer 'Fatty oxidation complex alpha subunit'
2 polymer '3-ketoacyl-CoA thiolase'
3 non-polymer NICOTINAMIDE-ADENINE-DINUCLEOTIDE
4 non-polymer 'ACETYL COENZYME *A'
#
loop_
_entity_poly.entity_id
_entity_poly.type
_entity_poly.pdbx_seq_one_letter_code
_entity_poly.pdbx_strand_id
1 'polypeptide(L)'
;MIYEGKAITVTALESGIVELKFDLKGESVNKFNRLTLNELRQAVDAIKADASVKGVIVSSGKDVFIVGADITEFVENFKL
PDAELIAGNLEANKIFSDFEDLNVPTVAAINGIALGGGLEMCLAADFRVMADSAKIGLPEVKLGIYPGFGGTVRLPRLIG
VDNAVEWIASGKENRAEDALKVSAVDAVVTADKLGAAALDLIKRAISGELDYKAKRQPKLEKLKLNAIEQMMAFETAKGF
VAGQAGPNYPAPVEAIKTIQKAANFGRDKALEVEAAGFAKLAKTSASNCLIGLFLNDQELKKKAKVYDKIAKDVKQAAVL
GAGIMGGGIAYQSASKGTPILMKDINEHGIEQGLAEAAKLLVGRVDKGRMTPAKMAEVLNGIRPTLSYGDFGNVDLVVEA
VVENPKVKQAVLAEVENHVREDAILASNTSTISISLLAKALKRPENFVGMHFFNPVHMMPLVEVIRGEKSSDLAVATTVA
YAKKMGKNPIVVNDCPGFLVNRVLFPYFGGFAKLVSAGVDFVRIDKVMEKFGWPMGPAYLMDVVGIDTGHHGRDVMAEGF
PDRMKDDRRSAIDALYEAKRLGQKNGKGFYAYEADKKGKQKKLVDSSVLEVLKPIVYEQRDVTDEDIINWMMIPLCLETV
RCLEDGIVETAAEADMGLVYGIGFPLFRGGALRYIDSIGVAEFVALADQYAELGALYHPTAKLREMAKNGQSFFG
;
A,B
2 'polypeptide(L)'
;SLNPRDVVIVDFGRTPMGRSKGGMHRNTRAEDMSAHLISKVLERNSKVDPGEVEDVIWGCVNQTLEQGWNIARMASLMTQ
IPHTSAAQTVSRLCGSSMSALHTAAQAIMTGNGDVFVVGGVEHMGHVSMMHGVDPNPHMSLYAAKASGMMGLTAEMLGKM
HGISREQQDAFAVRSHQLAHKATVEGKFKDEIIPMQGYDENGFLKIFDYDETIRPDTTLESLAALKPAFNPKGGTVTAGT
SSQITDGASCMIVMSAQRAKDLGLEPLAVIRSMAVAGVDPAIMGYGPVPATQKALKRAGLNMADIDFIELNEAFAAQALP
VLKDLKVLDKMNEKVNLHGGAIALGHPFGCSGARISGTLLNVMKQNGGTFGLSTMCIGLGQGIATVFERV
;
C,D
#
loop_
_chem_comp.id
_chem_comp.type
_chem_comp.name
_chem_comp.formula
ACO non-polymer 'ACETYL COENZYME *A' 'C23 H38 N7 O17 P3 S'
NAD non-polymer NICOTINAMIDE-ADENINE-DINUCLEOTIDE 'C21 H27 N7 O14 P2'
#
# COMPACT_ATOMS: atom_id res chain seq x y z
N MET A 1 3.33 16.98 -54.93
CA MET A 1 3.96 17.02 -53.58
C MET A 1 5.46 16.69 -53.63
N ILE A 2 6.10 16.63 -52.47
CA ILE A 2 7.52 16.35 -52.36
C ILE A 2 7.86 14.92 -52.73
N TYR A 3 7.00 13.98 -52.32
CA TYR A 3 7.19 12.58 -52.61
C TYR A 3 5.88 11.83 -52.48
N GLU A 4 5.73 10.76 -53.25
CA GLU A 4 4.51 9.95 -53.22
C GLU A 4 4.75 8.53 -53.71
N GLY A 5 4.66 7.58 -52.79
CA GLY A 5 4.86 6.19 -53.14
C GLY A 5 3.59 5.38 -52.97
N LYS A 6 3.73 4.08 -52.70
CA LYS A 6 2.58 3.21 -52.51
C LYS A 6 2.39 2.85 -51.04
N ALA A 7 3.34 3.29 -50.22
CA ALA A 7 3.30 3.00 -48.79
C ALA A 7 3.77 4.22 -47.99
N ILE A 8 4.37 5.19 -48.67
CA ILE A 8 4.87 6.39 -48.01
C ILE A 8 4.52 7.65 -48.80
N THR A 9 4.04 8.65 -48.10
CA THR A 9 3.67 9.92 -48.72
C THR A 9 4.23 11.08 -47.91
N VAL A 10 5.06 11.90 -48.55
CA VAL A 10 5.66 13.04 -47.89
C VAL A 10 4.99 14.33 -48.34
N THR A 11 4.07 14.83 -47.52
CA THR A 11 3.34 16.06 -47.85
C THR A 11 3.87 17.25 -47.05
N ALA A 12 3.98 18.40 -47.70
CA ALA A 12 4.46 19.62 -47.05
C ALA A 12 3.39 20.22 -46.15
N LEU A 13 3.83 20.99 -45.16
CA LEU A 13 2.93 21.63 -44.21
C LEU A 13 3.35 23.08 -43.98
N GLU A 14 2.86 23.66 -42.88
CA GLU A 14 3.18 25.03 -42.54
C GLU A 14 4.61 25.21 -42.04
N SER A 15 5.05 26.47 -41.97
CA SER A 15 6.38 26.82 -41.50
C SER A 15 7.50 25.94 -42.04
N GLY A 16 7.35 25.47 -43.27
CA GLY A 16 8.37 24.64 -43.87
C GLY A 16 8.37 23.20 -43.38
N ILE A 17 7.68 22.95 -42.28
CA ILE A 17 7.60 21.60 -41.72
C ILE A 17 6.92 20.68 -42.73
N VAL A 18 7.42 19.46 -42.87
CA VAL A 18 6.84 18.50 -43.80
C VAL A 18 6.53 17.18 -43.11
N GLU A 19 5.37 16.61 -43.43
CA GLU A 19 4.96 15.35 -42.84
C GLU A 19 5.26 14.15 -43.72
N LEU A 20 5.77 13.09 -43.10
CA LEU A 20 6.13 11.86 -43.80
C LEU A 20 5.22 10.77 -43.24
N LYS A 21 4.12 10.50 -43.94
CA LYS A 21 3.16 9.50 -43.49
C LYS A 21 3.33 8.12 -44.10
N PHE A 22 3.24 7.09 -43.25
CA PHE A 22 3.36 5.71 -43.67
C PHE A 22 1.98 5.13 -43.91
N ASP A 23 1.56 5.11 -45.17
CA ASP A 23 0.25 4.57 -45.53
C ASP A 23 0.35 3.61 -46.71
N LEU A 24 0.41 2.32 -46.41
CA LEU A 24 0.51 1.28 -47.43
C LEU A 24 -0.86 1.00 -48.05
N LYS A 25 -1.16 1.67 -49.15
CA LYS A 25 -2.44 1.50 -49.84
C LYS A 25 -2.66 0.05 -50.24
N GLY A 26 -3.90 -0.42 -50.08
CA GLY A 26 -4.23 -1.79 -50.43
C GLY A 26 -4.23 -2.75 -49.26
N GLU A 27 -3.20 -2.69 -48.43
CA GLU A 27 -3.09 -3.55 -47.28
C GLU A 27 -3.72 -2.93 -46.03
N SER A 28 -3.83 -3.72 -44.97
CA SER A 28 -4.44 -3.26 -43.72
C SER A 28 -3.45 -2.54 -42.80
N VAL A 29 -2.22 -3.03 -42.75
CA VAL A 29 -1.21 -2.44 -41.87
C VAL A 29 0.01 -1.94 -42.63
N ASN A 30 0.99 -1.44 -41.87
CA ASN A 30 2.24 -0.95 -42.43
C ASN A 30 3.37 -1.84 -41.93
N LYS A 31 4.38 -2.03 -42.76
CA LYS A 31 5.50 -2.89 -42.40
C LYS A 31 6.66 -2.65 -43.35
N PHE A 32 7.88 -2.88 -42.87
CA PHE A 32 9.06 -2.67 -43.70
C PHE A 32 9.37 -3.82 -44.64
N ASN A 33 8.67 -3.85 -45.77
CA ASN A 33 8.91 -4.87 -46.79
C ASN A 33 10.01 -4.34 -47.69
N ARG A 34 10.21 -4.99 -48.84
CA ARG A 34 11.25 -4.58 -49.77
C ARG A 34 10.93 -3.21 -50.36
N LEU A 35 9.63 -2.98 -50.59
CA LEU A 35 9.15 -1.73 -51.17
C LEU A 35 9.34 -0.52 -50.27
N THR A 36 8.78 -0.61 -49.06
CA THR A 36 8.86 0.48 -48.09
C THR A 36 10.30 0.94 -47.84
N LEU A 37 11.22 -0.01 -47.70
CA LEU A 37 12.62 0.33 -47.47
C LEU A 37 13.18 1.16 -48.61
N ASN A 38 12.71 0.88 -49.82
CA ASN A 38 13.16 1.60 -51.01
C ASN A 38 12.51 2.98 -51.10
N GLU A 39 11.23 3.05 -50.78
CA GLU A 39 10.51 4.32 -50.84
C GLU A 39 10.98 5.27 -49.75
N LEU A 40 11.29 4.74 -48.58
CA LEU A 40 11.76 5.57 -47.48
C LEU A 40 13.14 6.07 -47.87
N ARG A 41 13.86 5.25 -48.62
CA ARG A 41 15.20 5.59 -49.10
C ARG A 41 15.11 6.85 -49.95
N GLN A 42 14.18 6.84 -50.90
CA GLN A 42 13.99 7.98 -51.79
C GLN A 42 13.42 9.17 -51.03
N ALA A 43 12.49 8.90 -50.11
CA ALA A 43 11.87 9.95 -49.31
C ALA A 43 12.94 10.75 -48.59
N VAL A 44 13.87 10.04 -47.94
CA VAL A 44 14.95 10.69 -47.21
C VAL A 44 15.81 11.53 -48.14
N ASP A 45 16.25 10.92 -49.25
CA ASP A 45 17.08 11.62 -50.21
C ASP A 45 16.36 12.83 -50.78
N ALA A 46 15.04 12.81 -50.70
CA ALA A 46 14.22 13.91 -51.20
C ALA A 46 14.25 15.06 -50.21
N ILE A 47 14.11 14.73 -48.93
CA ILE A 47 14.13 15.72 -47.86
C ILE A 47 15.58 16.21 -47.67
N LYS A 48 16.51 15.37 -48.08
CA LYS A 48 17.93 15.67 -47.95
C LYS A 48 18.36 16.72 -48.98
N ALA A 49 17.51 16.97 -49.97
CA ALA A 49 17.80 17.94 -51.02
C ALA A 49 16.90 19.16 -50.93
N ASP A 50 15.64 18.95 -50.53
CA ASP A 50 14.68 20.04 -50.40
C ASP A 50 15.15 21.02 -49.32
N ALA A 51 15.49 22.24 -49.72
CA ALA A 51 15.97 23.25 -48.80
C ALA A 51 14.86 24.00 -48.04
N SER A 52 13.62 23.83 -48.49
CA SER A 52 12.51 24.51 -47.84
C SER A 52 12.01 23.76 -46.61
N VAL A 53 12.61 22.60 -46.35
CA VAL A 53 12.23 21.78 -45.20
C VAL A 53 12.72 22.42 -43.90
N LYS A 54 11.85 22.45 -42.89
CA LYS A 54 12.20 23.02 -41.60
C LYS A 54 11.94 22.05 -40.46
N GLY A 55 11.45 20.85 -40.80
CA GLY A 55 11.16 19.84 -39.81
C GLY A 55 10.42 18.67 -40.41
N VAL A 56 10.48 17.52 -39.74
CA VAL A 56 9.80 16.33 -40.25
C VAL A 56 8.95 15.65 -39.18
N ILE A 57 7.68 15.39 -39.53
CA ILE A 57 6.75 14.73 -38.63
C ILE A 57 6.31 13.42 -39.25
N VAL A 58 6.73 12.31 -38.65
CA VAL A 58 6.38 10.99 -39.16
C VAL A 58 5.05 10.52 -38.57
N SER A 59 4.07 10.27 -39.43
CA SER A 59 2.75 9.81 -38.99
C SER A 59 2.37 8.48 -39.61
N SER A 60 1.15 8.04 -39.32
CA SER A 60 0.63 6.79 -39.84
C SER A 60 -0.81 6.96 -40.35
N GLY A 61 -1.08 6.42 -41.53
CA GLY A 61 -2.41 6.53 -42.10
C GLY A 61 -3.31 5.39 -41.66
N LYS A 62 -2.73 4.23 -41.43
CA LYS A 62 -3.50 3.07 -41.00
C LYS A 62 -3.79 3.16 -39.50
N ASP A 63 -4.45 2.13 -38.97
CA ASP A 63 -4.77 2.10 -37.55
C ASP A 63 -3.48 1.96 -36.77
N VAL A 64 -2.79 0.84 -36.98
CA VAL A 64 -1.52 0.57 -36.32
C VAL A 64 -0.48 1.53 -36.91
N PHE A 65 0.65 1.70 -36.23
CA PHE A 65 1.69 2.58 -36.74
C PHE A 65 2.51 1.80 -37.77
N ILE A 66 3.44 0.99 -37.29
CA ILE A 66 4.29 0.18 -38.16
C ILE A 66 4.65 -1.12 -37.45
N VAL A 67 4.20 -2.25 -37.99
CA VAL A 67 4.52 -3.54 -37.41
C VAL A 67 5.63 -4.24 -38.17
N GLY A 68 6.06 -5.40 -37.68
CA GLY A 68 7.12 -6.13 -38.34
C GLY A 68 6.78 -6.51 -39.77
N ALA A 69 7.81 -6.73 -40.58
CA ALA A 69 7.62 -7.12 -41.97
C ALA A 69 6.97 -8.50 -42.05
N ASP A 70 6.51 -8.88 -43.24
CA ASP A 70 5.88 -10.17 -43.43
C ASP A 70 6.78 -11.31 -42.97
N ILE A 71 6.21 -12.23 -42.22
CA ILE A 71 6.96 -13.38 -41.71
C ILE A 71 7.50 -14.22 -42.86
N THR A 72 6.77 -14.23 -43.97
CA THR A 72 7.15 -14.99 -45.14
C THR A 72 8.47 -14.51 -45.72
N GLU A 73 8.65 -13.19 -45.76
CA GLU A 73 9.88 -12.59 -46.28
C GLU A 73 11.07 -12.85 -45.36
N PHE A 74 10.79 -13.05 -44.08
CA PHE A 74 11.84 -13.32 -43.11
C PHE A 74 12.57 -14.60 -43.49
N VAL A 75 11.81 -15.69 -43.60
CA VAL A 75 12.34 -16.99 -43.96
C VAL A 75 13.15 -16.91 -45.24
N GLU A 76 12.60 -16.23 -46.25
CA GLU A 76 13.26 -16.07 -47.53
C GLU A 76 14.60 -15.36 -47.37
N ASN A 77 14.65 -14.43 -46.41
CA ASN A 77 15.87 -13.66 -46.16
C ASN A 77 16.89 -14.40 -45.30
N PHE A 78 16.41 -15.32 -44.46
CA PHE A 78 17.31 -16.07 -43.58
C PHE A 78 17.89 -17.34 -44.20
N LYS A 79 17.89 -17.40 -45.52
CA LYS A 79 18.46 -18.53 -46.24
C LYS A 79 19.68 -18.06 -47.02
N LEU A 80 19.71 -16.76 -47.31
CA LEU A 80 20.81 -16.16 -48.05
C LEU A 80 22.11 -16.29 -47.27
N PRO A 81 23.25 -16.26 -47.98
CA PRO A 81 24.56 -16.39 -47.31
C PRO A 81 24.76 -15.24 -46.32
N ASP A 82 25.48 -15.51 -45.25
CA ASP A 82 25.75 -14.51 -44.22
C ASP A 82 26.24 -13.18 -44.81
N ALA A 83 27.12 -13.26 -45.80
CA ALA A 83 27.68 -12.08 -46.43
C ALA A 83 26.60 -11.23 -47.10
N GLU A 84 25.66 -11.89 -47.79
CA GLU A 84 24.58 -11.19 -48.48
C GLU A 84 23.56 -10.60 -47.51
N LEU A 85 23.32 -11.29 -46.40
CA LEU A 85 22.35 -10.82 -45.42
C LEU A 85 22.86 -9.56 -44.71
N ILE A 86 24.11 -9.60 -44.28
CA ILE A 86 24.73 -8.46 -43.60
C ILE A 86 24.65 -7.21 -44.47
N ALA A 87 24.88 -7.38 -45.76
CA ALA A 87 24.83 -6.27 -46.70
C ALA A 87 23.41 -5.73 -46.81
N GLY A 88 22.44 -6.60 -46.55
CA GLY A 88 21.04 -6.20 -46.63
C GLY A 88 20.67 -5.27 -45.48
N ASN A 89 21.28 -5.50 -44.32
CA ASN A 89 21.01 -4.68 -43.15
C ASN A 89 21.96 -3.49 -43.08
N LEU A 90 23.18 -3.67 -43.56
CA LEU A 90 24.18 -2.61 -43.57
C LEU A 90 23.64 -1.43 -44.38
N GLU A 91 22.91 -1.74 -45.45
CA GLU A 91 22.34 -0.73 -46.32
C GLU A 91 20.99 -0.27 -45.77
N ALA A 92 20.33 -1.15 -45.01
CA ALA A 92 19.04 -0.83 -44.44
C ALA A 92 19.21 0.20 -43.34
N ASN A 93 20.11 -0.08 -42.39
CA ASN A 93 20.37 0.83 -41.28
C ASN A 93 20.81 2.19 -41.80
N LYS A 94 21.50 2.20 -42.94
CA LYS A 94 21.99 3.43 -43.54
C LYS A 94 20.82 4.39 -43.77
N ILE A 95 19.70 3.83 -44.23
CA ILE A 95 18.51 4.61 -44.51
C ILE A 95 18.07 5.35 -43.24
N PHE A 96 17.83 4.60 -42.18
CA PHE A 96 17.40 5.18 -40.92
C PHE A 96 18.47 6.12 -40.37
N SER A 97 19.73 5.77 -40.59
CA SER A 97 20.83 6.60 -40.13
C SER A 97 20.80 7.97 -40.79
N ASP A 98 20.48 8.01 -42.08
CA ASP A 98 20.39 9.26 -42.81
C ASP A 98 19.28 10.14 -42.25
N PHE A 99 18.16 9.51 -41.89
CA PHE A 99 17.03 10.25 -41.34
C PHE A 99 17.43 10.78 -39.98
N GLU A 100 18.40 10.11 -39.36
CA GLU A 100 18.88 10.52 -38.05
C GLU A 100 19.87 11.67 -38.15
N ASP A 101 20.75 11.59 -39.14
CA ASP A 101 21.75 12.64 -39.36
C ASP A 101 21.15 13.83 -40.10
N LEU A 102 19.86 13.76 -40.39
CA LEU A 102 19.18 14.83 -41.09
C LEU A 102 19.36 16.13 -40.30
N ASN A 103 19.92 17.14 -40.95
CA ASN A 103 20.14 18.42 -40.27
C ASN A 103 18.82 19.17 -40.12
N VAL A 104 17.90 18.58 -39.35
CA VAL A 104 16.59 19.18 -39.12
C VAL A 104 15.85 18.37 -38.05
N PRO A 105 15.08 19.06 -37.20
CA PRO A 105 14.32 18.40 -36.13
C PRO A 105 13.33 17.38 -36.66
N THR A 106 13.36 16.17 -36.09
CA THR A 106 12.45 15.11 -36.50
C THR A 106 11.67 14.55 -35.32
N VAL A 107 10.38 14.32 -35.51
CA VAL A 107 9.53 13.80 -34.45
C VAL A 107 8.57 12.74 -34.99
N ALA A 108 8.37 11.67 -34.23
CA ALA A 108 7.48 10.60 -34.63
C ALA A 108 6.17 10.66 -33.85
N ALA A 109 5.05 10.56 -34.56
CA ALA A 109 3.74 10.60 -33.94
C ALA A 109 3.14 9.20 -33.87
N ILE A 110 3.52 8.44 -32.83
CA ILE A 110 3.04 7.08 -32.65
C ILE A 110 1.55 7.08 -32.28
N ASN A 111 0.71 6.91 -33.28
CA ASN A 111 -0.74 6.90 -33.08
C ASN A 111 -1.23 5.51 -32.65
N GLY A 112 -0.55 4.47 -33.13
CA GLY A 112 -0.95 3.12 -32.78
C GLY A 112 0.21 2.17 -32.54
N ILE A 113 -0.06 0.88 -32.64
CA ILE A 113 0.95 -0.15 -32.42
C ILE A 113 2.20 0.06 -33.28
N ALA A 114 3.35 0.08 -32.63
CA ALA A 114 4.63 0.24 -33.32
C ALA A 114 5.58 -0.85 -32.81
N LEU A 115 5.59 -1.98 -33.51
CA LEU A 115 6.43 -3.11 -33.13
C LEU A 115 7.58 -3.38 -34.10
N GLY A 116 8.56 -4.15 -33.63
CA GLY A 116 9.71 -4.48 -34.45
C GLY A 116 10.39 -3.29 -35.08
N GLY A 117 10.44 -3.29 -36.41
CA GLY A 117 11.08 -2.18 -37.11
C GLY A 117 10.35 -0.87 -36.88
N GLY A 118 9.06 -0.95 -36.61
CA GLY A 118 8.27 0.25 -36.37
C GLY A 118 8.87 1.12 -35.28
N LEU A 119 9.16 0.50 -34.14
CA LEU A 119 9.73 1.22 -33.01
C LEU A 119 11.14 1.69 -33.37
N GLU A 120 11.86 0.86 -34.12
CA GLU A 120 13.21 1.18 -34.53
C GLU A 120 13.23 2.42 -35.43
N MET A 121 12.14 2.61 -36.17
CA MET A 121 12.03 3.76 -37.05
C MET A 121 11.98 5.01 -36.19
N CYS A 122 11.09 4.99 -35.21
CA CYS A 122 10.91 6.11 -34.29
C CYS A 122 12.21 6.41 -33.57
N LEU A 123 12.89 5.37 -33.12
CA LEU A 123 14.15 5.54 -32.40
C LEU A 123 15.14 6.37 -33.21
N ALA A 124 15.03 6.31 -34.53
CA ALA A 124 15.92 7.05 -35.40
C ALA A 124 15.68 8.54 -35.29
N ALA A 125 14.43 8.92 -35.05
CA ALA A 125 14.06 10.33 -34.92
C ALA A 125 14.63 10.93 -33.64
N ASP A 126 14.36 12.22 -33.43
CA ASP A 126 14.84 12.91 -32.23
C ASP A 126 13.79 12.84 -31.11
N PHE A 127 12.59 13.33 -31.38
CA PHE A 127 11.52 13.31 -30.40
C PHE A 127 10.47 12.27 -30.75
N ARG A 128 9.65 11.91 -29.77
CA ARG A 128 8.61 10.91 -29.98
C ARG A 128 7.36 11.20 -29.14
N VAL A 129 6.22 11.34 -29.82
CA VAL A 129 4.95 11.59 -29.16
C VAL A 129 4.11 10.34 -29.36
N MET A 130 3.50 9.85 -28.29
CA MET A 130 2.70 8.63 -28.37
C MET A 130 1.29 8.77 -27.85
N ALA A 131 0.36 8.08 -28.50
CA ALA A 131 -1.04 8.09 -28.11
C ALA A 131 -1.23 7.12 -26.94
N ASP A 132 -1.91 7.58 -25.90
CA ASP A 132 -2.14 6.75 -24.71
C ASP A 132 -2.74 5.38 -25.01
N SER A 133 -3.40 5.25 -26.15
CA SER A 133 -4.02 3.98 -26.52
C SER A 133 -3.12 3.13 -27.41
N ALA A 134 -1.83 3.47 -27.45
CA ALA A 134 -0.89 2.74 -28.29
C ALA A 134 0.08 1.89 -27.48
N LYS A 135 0.84 1.05 -28.17
CA LYS A 135 1.81 0.17 -27.53
C LYS A 135 3.05 0.04 -28.42
N ILE A 136 4.22 -0.03 -27.79
CA ILE A 136 5.47 -0.16 -28.54
C ILE A 136 6.32 -1.27 -27.93
N GLY A 137 7.12 -1.92 -28.77
CA GLY A 137 7.98 -2.99 -28.28
C GLY A 137 8.83 -3.62 -29.37
N LEU A 138 9.77 -4.47 -28.98
CA LEU A 138 10.65 -5.14 -29.92
C LEU A 138 10.60 -6.64 -29.68
N PRO A 139 9.58 -7.31 -30.24
CA PRO A 139 9.38 -8.76 -30.12
C PRO A 139 10.26 -9.58 -31.06
N GLU A 140 11.49 -9.12 -31.26
CA GLU A 140 12.43 -9.81 -32.14
C GLU A 140 12.83 -11.16 -31.58
N VAL A 141 13.07 -11.21 -30.28
CA VAL A 141 13.48 -12.44 -29.61
C VAL A 141 12.43 -13.54 -29.69
N LYS A 142 11.22 -13.20 -30.12
CA LYS A 142 10.15 -14.17 -30.23
C LYS A 142 10.38 -15.04 -31.47
N LEU A 143 11.48 -14.77 -32.18
CA LEU A 143 11.81 -15.52 -33.39
C LEU A 143 13.22 -16.07 -33.33
N GLY A 144 13.96 -15.73 -32.27
CA GLY A 144 15.31 -16.22 -32.12
C GLY A 144 16.37 -15.22 -32.56
N ILE A 145 15.95 -13.96 -32.71
CA ILE A 145 16.86 -12.89 -33.12
C ILE A 145 16.59 -11.63 -32.30
N TYR A 146 17.37 -10.59 -32.55
CA TYR A 146 17.19 -9.33 -31.84
C TYR A 146 17.14 -8.18 -32.83
N PRO A 147 16.63 -7.01 -32.41
CA PRO A 147 16.53 -5.84 -33.27
C PRO A 147 17.66 -5.71 -34.28
N GLY A 148 17.30 -5.69 -35.56
CA GLY A 148 18.31 -5.59 -36.61
C GLY A 148 18.40 -4.25 -37.27
N PHE A 149 17.41 -3.38 -37.03
CA PHE A 149 17.40 -2.05 -37.62
C PHE A 149 17.86 -0.98 -36.64
N GLY A 150 19.01 -1.21 -36.02
CA GLY A 150 19.54 -0.25 -35.07
C GLY A 150 18.89 -0.28 -33.70
N GLY A 151 17.97 -1.21 -33.50
CA GLY A 151 17.29 -1.32 -32.22
C GLY A 151 18.23 -1.54 -31.05
N THR A 152 19.13 -2.50 -31.20
CA THR A 152 20.09 -2.81 -30.15
C THR A 152 21.17 -1.75 -30.04
N VAL A 153 21.00 -0.65 -30.76
CA VAL A 153 21.97 0.43 -30.74
C VAL A 153 21.41 1.72 -30.18
N ARG A 154 20.21 2.09 -30.62
CA ARG A 154 19.58 3.33 -30.19
C ARG A 154 18.82 3.24 -28.88
N LEU A 155 18.16 2.12 -28.62
CA LEU A 155 17.39 1.96 -27.40
C LEU A 155 18.26 2.00 -26.14
N PRO A 156 19.34 1.22 -26.10
CA PRO A 156 20.23 1.20 -24.94
C PRO A 156 20.80 2.56 -24.57
N ARG A 157 21.05 3.38 -25.59
CA ARG A 157 21.61 4.72 -25.39
C ARG A 157 20.53 5.76 -25.13
N LEU A 158 19.28 5.38 -25.37
CA LEU A 158 18.15 6.29 -25.17
C LEU A 158 17.44 6.11 -23.84
N ILE A 159 17.23 4.85 -23.43
CA ILE A 159 16.53 4.58 -22.18
C ILE A 159 17.41 3.89 -21.13
N GLY A 160 18.68 3.68 -21.43
CA GLY A 160 19.57 3.03 -20.48
C GLY A 160 19.78 1.56 -20.78
N VAL A 161 20.97 1.07 -20.42
CA VAL A 161 21.33 -0.32 -20.66
C VAL A 161 20.31 -1.32 -20.10
N ASP A 162 20.14 -1.29 -18.78
CA ASP A 162 19.20 -2.19 -18.11
C ASP A 162 17.83 -2.22 -18.76
N ASN A 163 17.15 -1.08 -18.77
CA ASN A 163 15.82 -1.00 -19.36
C ASN A 163 15.79 -1.51 -20.80
N ALA A 164 16.88 -1.30 -21.53
CA ALA A 164 16.96 -1.75 -22.91
C ALA A 164 17.04 -3.27 -22.96
N VAL A 165 17.92 -3.84 -22.14
CA VAL A 165 18.08 -5.28 -22.07
C VAL A 165 16.73 -5.95 -21.84
N GLU A 166 15.93 -5.35 -20.97
CA GLU A 166 14.61 -5.88 -20.64
C GLU A 166 13.69 -5.83 -21.85
N TRP A 167 13.54 -4.64 -22.42
CA TRP A 167 12.68 -4.43 -23.58
C TRP A 167 13.04 -5.35 -24.73
N ILE A 168 14.31 -5.74 -24.82
CA ILE A 168 14.77 -6.60 -25.90
C ILE A 168 14.73 -8.09 -25.56
N ALA A 169 15.23 -8.44 -24.39
CA ALA A 169 15.25 -9.84 -23.99
C ALA A 169 13.86 -10.43 -23.77
N SER A 170 12.88 -9.58 -23.51
CA SER A 170 11.52 -10.04 -23.28
C SER A 170 10.65 -9.93 -24.52
N GLY A 171 10.89 -8.88 -25.31
CA GLY A 171 10.11 -8.67 -26.51
C GLY A 171 8.66 -8.37 -26.20
N LYS A 172 8.42 -7.93 -24.97
CA LYS A 172 7.07 -7.60 -24.51
C LYS A 172 6.63 -6.25 -25.05
N GLU A 173 5.31 -6.07 -25.16
CA GLU A 173 4.77 -4.81 -25.64
C GLU A 173 4.75 -3.87 -24.44
N ASN A 174 4.80 -2.57 -24.68
CA ASN A 174 4.80 -1.61 -23.59
C ASN A 174 3.68 -0.57 -23.70
N ARG A 175 2.95 -0.39 -22.61
CA ARG A 175 1.85 0.56 -22.58
C ARG A 175 2.39 2.00 -22.64
N ALA A 176 1.50 2.96 -22.84
CA ALA A 176 1.87 4.36 -22.92
C ALA A 176 2.56 4.86 -21.65
N GLU A 177 1.95 4.58 -20.51
CA GLU A 177 2.49 5.00 -19.22
C GLU A 177 3.95 4.57 -19.03
N ASP A 178 4.21 3.27 -19.14
CA ASP A 178 5.54 2.73 -18.97
C ASP A 178 6.52 3.24 -20.03
N ALA A 179 6.01 3.46 -21.24
CA ALA A 179 6.85 3.93 -22.33
C ALA A 179 7.47 5.29 -22.03
N LEU A 180 6.70 6.15 -21.38
CA LEU A 180 7.17 7.48 -21.05
C LEU A 180 8.15 7.45 -19.87
N LYS A 181 7.85 6.61 -18.88
CA LYS A 181 8.70 6.49 -17.70
C LYS A 181 10.14 6.14 -18.05
N VAL A 182 10.33 5.22 -18.98
CA VAL A 182 11.68 4.83 -19.39
C VAL A 182 12.20 5.79 -20.47
N SER A 183 11.40 6.81 -20.76
CA SER A 183 11.76 7.82 -21.75
C SER A 183 11.88 7.31 -23.17
N ALA A 184 11.16 6.22 -23.47
CA ALA A 184 11.18 5.66 -24.81
C ALA A 184 10.36 6.61 -25.66
N VAL A 185 9.50 7.37 -24.99
CA VAL A 185 8.63 8.35 -25.64
C VAL A 185 8.80 9.64 -24.85
N ASP A 186 8.67 10.79 -25.51
CA ASP A 186 8.84 12.07 -24.84
C ASP A 186 7.55 12.68 -24.29
N ALA A 187 6.40 12.20 -24.76
CA ALA A 187 5.12 12.73 -24.30
C ALA A 187 3.93 11.88 -24.73
N VAL A 188 2.94 11.78 -23.86
CA VAL A 188 1.75 10.99 -24.15
C VAL A 188 0.53 11.91 -24.14
N VAL A 189 -0.31 11.77 -25.16
CA VAL A 189 -1.51 12.60 -25.27
C VAL A 189 -2.66 11.80 -25.87
N THR A 190 -3.87 12.35 -25.76
CA THR A 190 -5.05 11.69 -26.30
C THR A 190 -4.88 11.48 -27.81
N ALA A 191 -5.63 10.53 -28.36
CA ALA A 191 -5.55 10.22 -29.78
C ALA A 191 -5.82 11.44 -30.67
N ASP A 192 -6.93 12.13 -30.40
CA ASP A 192 -7.32 13.30 -31.18
C ASP A 192 -6.32 14.44 -31.13
N LYS A 193 -5.70 14.65 -29.97
CA LYS A 193 -4.74 15.73 -29.82
C LYS A 193 -3.31 15.39 -30.22
N LEU A 194 -3.08 14.14 -30.62
CA LEU A 194 -1.75 13.69 -31.02
C LEU A 194 -1.21 14.48 -32.20
N GLY A 195 -2.12 14.98 -33.04
CA GLY A 195 -1.72 15.75 -34.20
C GLY A 195 -0.97 17.02 -33.83
N ALA A 196 -1.67 17.94 -33.17
CA ALA A 196 -1.08 19.21 -32.77
C ALA A 196 0.12 18.99 -31.84
N ALA A 197 0.12 17.87 -31.14
CA ALA A 197 1.21 17.54 -30.22
C ALA A 197 2.54 17.51 -30.95
N ALA A 198 2.55 16.94 -32.14
CA ALA A 198 3.76 16.84 -32.94
C ALA A 198 4.15 18.20 -33.53
N LEU A 199 3.16 18.87 -34.11
CA LEU A 199 3.35 20.18 -34.73
C LEU A 199 3.93 21.17 -33.71
N ASP A 200 3.26 21.26 -32.56
CA ASP A 200 3.69 22.17 -31.51
C ASP A 200 5.09 21.85 -31.03
N LEU A 201 5.43 20.56 -31.02
CA LEU A 201 6.75 20.13 -30.57
C LEU A 201 7.82 20.54 -31.58
N ILE A 202 7.51 20.38 -32.86
CA ILE A 202 8.45 20.74 -33.92
C ILE A 202 8.87 22.20 -33.82
N LYS A 203 7.89 23.09 -33.74
CA LYS A 203 8.17 24.52 -33.64
C LYS A 203 9.00 24.87 -32.42
N ARG A 204 8.81 24.10 -31.34
CA ARG A 204 9.55 24.33 -30.11
C ARG A 204 10.95 23.75 -30.20
N ALA A 205 11.28 23.18 -31.36
CA ALA A 205 12.60 22.59 -31.57
C ALA A 205 13.36 23.47 -32.57
N ILE A 206 12.65 23.96 -33.58
CA ILE A 206 13.23 24.80 -34.61
C ILE A 206 13.71 26.12 -34.00
N SER A 207 12.84 26.73 -33.19
CA SER A 207 13.16 28.00 -32.53
C SER A 207 14.41 27.86 -31.65
N GLY A 208 14.57 26.68 -31.06
CA GLY A 208 15.72 26.45 -30.21
C GLY A 208 15.32 26.15 -28.78
N GLU A 209 14.01 26.17 -28.52
CA GLU A 209 13.51 25.89 -27.17
C GLU A 209 13.97 24.51 -26.75
N LEU A 210 13.74 23.53 -27.62
CA LEU A 210 14.13 22.15 -27.35
C LEU A 210 15.35 21.81 -28.21
N ASP A 211 16.53 21.80 -27.59
CA ASP A 211 17.76 21.50 -28.31
C ASP A 211 17.71 20.07 -28.86
N TYR A 212 17.41 19.94 -30.14
CA TYR A 212 17.30 18.62 -30.76
C TYR A 212 18.67 18.02 -31.05
N LYS A 213 19.66 18.89 -31.25
CA LYS A 213 21.02 18.44 -31.52
C LYS A 213 21.60 17.73 -30.31
N ALA A 214 21.17 18.16 -29.13
CA ALA A 214 21.65 17.58 -27.88
C ALA A 214 20.88 16.32 -27.49
N LYS A 215 19.62 16.25 -27.89
CA LYS A 215 18.78 15.10 -27.58
C LYS A 215 19.08 13.93 -28.52
N ARG A 216 19.71 14.24 -29.64
CA ARG A 216 20.05 13.23 -30.63
C ARG A 216 21.44 12.65 -30.36
N GLN A 217 22.28 13.47 -29.74
CA GLN A 217 23.66 13.08 -29.41
C GLN A 217 23.83 11.74 -28.69
N PRO A 218 23.09 11.50 -27.59
CA PRO A 218 23.17 10.27 -26.83
C PRO A 218 23.31 8.96 -27.61
N LYS A 219 22.48 8.79 -28.65
CA LYS A 219 22.54 7.58 -29.45
C LYS A 219 23.51 7.65 -30.62
N LEU A 220 24.46 8.57 -30.52
CA LEU A 220 25.47 8.75 -31.56
C LEU A 220 26.83 8.64 -30.91
N GLU A 221 26.83 8.34 -29.61
CA GLU A 221 28.06 8.22 -28.83
C GLU A 221 28.05 7.04 -27.87
N LYS A 222 29.21 6.81 -27.25
CA LYS A 222 29.39 5.73 -26.28
C LYS A 222 28.39 5.85 -25.13
N LEU A 223 28.15 4.72 -24.45
CA LEU A 223 27.23 4.71 -23.32
C LEU A 223 27.80 5.59 -22.22
N LYS A 224 26.93 6.14 -21.38
CA LYS A 224 27.36 7.02 -20.30
C LYS A 224 27.89 6.24 -19.09
N LEU A 225 27.60 4.94 -19.05
CA LEU A 225 28.03 4.11 -17.93
C LEU A 225 29.53 3.99 -17.76
N ASN A 226 29.93 3.71 -16.52
CA ASN A 226 31.33 3.56 -16.15
C ASN A 226 31.78 2.18 -16.62
N ALA A 227 33.10 1.97 -16.70
CA ALA A 227 33.63 0.68 -17.12
C ALA A 227 33.21 -0.34 -16.07
N ILE A 228 33.42 0.01 -14.81
CA ILE A 228 33.09 -0.85 -13.68
C ILE A 228 31.59 -1.12 -13.69
N GLU A 229 30.81 -0.05 -13.83
CA GLU A 229 29.35 -0.17 -13.86
C GLU A 229 28.90 -1.06 -15.01
N GLN A 230 29.62 -0.99 -16.13
CA GLN A 230 29.29 -1.82 -17.29
C GLN A 230 29.49 -3.27 -16.96
N MET A 231 30.60 -3.56 -16.27
CA MET A 231 30.94 -4.93 -15.89
C MET A 231 29.73 -5.56 -15.20
N MET A 232 29.13 -4.83 -14.28
CA MET A 232 27.98 -5.33 -13.55
C MET A 232 26.72 -5.27 -14.40
N ALA A 233 26.49 -4.11 -15.00
CA ALA A 233 25.31 -3.90 -15.84
C ALA A 233 25.05 -5.05 -16.81
N PHE A 234 26.11 -5.59 -17.40
CA PHE A 234 25.95 -6.68 -18.36
C PHE A 234 26.02 -8.07 -17.76
N GLU A 235 27.09 -8.35 -17.00
CA GLU A 235 27.26 -9.66 -16.38
C GLU A 235 26.04 -10.10 -15.58
N THR A 236 25.45 -9.18 -14.83
CA THR A 236 24.27 -9.50 -14.04
C THR A 236 23.12 -9.77 -14.98
N ALA A 237 23.02 -8.97 -16.04
CA ALA A 237 21.96 -9.13 -17.02
C ALA A 237 22.08 -10.52 -17.67
N LYS A 238 23.31 -10.87 -18.02
CA LYS A 238 23.59 -12.17 -18.64
C LYS A 238 23.22 -13.29 -17.69
N GLY A 239 23.67 -13.17 -16.44
CA GLY A 239 23.39 -14.18 -15.45
C GLY A 239 21.90 -14.34 -15.18
N PHE A 240 21.18 -13.22 -15.25
CA PHE A 240 19.74 -13.23 -15.00
C PHE A 240 19.00 -13.92 -16.13
N VAL A 241 19.22 -13.46 -17.36
CA VAL A 241 18.56 -14.03 -18.53
C VAL A 241 18.87 -15.52 -18.67
N ALA A 242 20.14 -15.88 -18.55
CA ALA A 242 20.56 -17.27 -18.69
C ALA A 242 19.88 -18.17 -17.65
N GLY A 243 19.44 -17.58 -16.55
CA GLY A 243 18.80 -18.37 -15.52
C GLY A 243 17.29 -18.44 -15.62
N GLN A 244 16.71 -17.67 -16.52
CA GLN A 244 15.26 -17.66 -16.68
C GLN A 244 14.88 -17.94 -18.13
N ALA A 245 15.88 -18.15 -18.97
CA ALA A 245 15.63 -18.43 -20.38
C ALA A 245 16.14 -19.82 -20.74
N GLY A 246 17.39 -20.10 -20.38
CA GLY A 246 17.97 -21.39 -20.69
C GLY A 246 19.02 -21.30 -21.78
N PRO A 247 20.03 -22.18 -21.75
CA PRO A 247 21.11 -22.18 -22.76
C PRO A 247 20.61 -22.56 -24.15
N ASN A 248 19.32 -22.86 -24.25
CA ASN A 248 18.72 -23.27 -25.51
C ASN A 248 18.35 -22.11 -26.42
N TYR A 249 18.20 -20.91 -25.87
CA TYR A 249 17.84 -19.75 -26.67
C TYR A 249 18.91 -18.67 -26.65
N PRO A 250 19.74 -18.62 -27.70
CA PRO A 250 20.85 -17.68 -27.89
C PRO A 250 20.45 -16.19 -27.94
N ALA A 251 19.44 -15.89 -28.74
CA ALA A 251 18.97 -14.52 -28.92
C ALA A 251 18.97 -13.66 -27.66
N PRO A 252 18.27 -14.11 -26.61
CA PRO A 252 18.20 -13.35 -25.35
C PRO A 252 19.55 -12.87 -24.83
N VAL A 253 20.53 -13.77 -24.82
CA VAL A 253 21.86 -13.43 -24.31
C VAL A 253 22.71 -12.71 -25.35
N GLU A 254 22.59 -13.09 -26.60
CA GLU A 254 23.35 -12.47 -27.67
C GLU A 254 23.10 -10.97 -27.72
N ALA A 255 21.87 -10.57 -27.45
CA ALA A 255 21.51 -9.17 -27.47
C ALA A 255 22.35 -8.41 -26.47
N ILE A 256 22.51 -9.00 -25.28
CA ILE A 256 23.30 -8.39 -24.21
C ILE A 256 24.77 -8.32 -24.62
N LYS A 257 25.29 -9.43 -25.13
CA LYS A 257 26.68 -9.48 -25.56
C LYS A 257 26.96 -8.43 -26.64
N THR A 258 25.92 -8.09 -27.40
CA THR A 258 26.06 -7.12 -28.48
C THR A 258 26.22 -5.73 -27.88
N ILE A 259 25.29 -5.36 -27.01
CA ILE A 259 25.30 -4.06 -26.36
C ILE A 259 26.57 -3.91 -25.52
N GLN A 260 27.10 -5.04 -25.07
CA GLN A 260 28.29 -5.05 -24.23
C GLN A 260 29.52 -4.69 -25.05
N LYS A 261 29.55 -5.12 -26.30
CA LYS A 261 30.70 -4.84 -27.17
C LYS A 261 30.71 -3.38 -27.62
N ALA A 262 29.57 -2.90 -28.11
CA ALA A 262 29.45 -1.53 -28.58
C ALA A 262 29.34 -0.53 -27.43
N ALA A 263 29.49 -1.02 -26.21
CA ALA A 263 29.41 -0.18 -25.02
C ALA A 263 30.38 0.98 -25.02
N ASN A 264 31.38 0.93 -25.90
CA ASN A 264 32.38 1.99 -25.98
C ASN A 264 32.56 2.53 -27.39
N PHE A 265 31.60 2.23 -28.26
CA PHE A 265 31.67 2.68 -29.65
C PHE A 265 30.55 3.66 -30.00
N GLY A 266 30.66 4.26 -31.18
CA GLY A 266 29.65 5.18 -31.64
C GLY A 266 28.54 4.39 -32.31
N ARG A 267 27.71 5.07 -33.10
CA ARG A 267 26.61 4.40 -33.78
C ARG A 267 27.11 3.45 -34.87
N ASP A 268 28.04 3.93 -35.68
CA ASP A 268 28.58 3.15 -36.79
C ASP A 268 29.12 1.78 -36.39
N LYS A 269 30.09 1.74 -35.46
CA LYS A 269 30.65 0.47 -35.03
C LYS A 269 29.63 -0.39 -34.28
N ALA A 270 28.69 0.27 -33.62
CA ALA A 270 27.65 -0.44 -32.88
C ALA A 270 26.78 -1.22 -33.85
N LEU A 271 26.48 -0.58 -34.99
CA LEU A 271 25.64 -1.21 -36.01
C LEU A 271 26.36 -2.41 -36.62
N GLU A 272 27.68 -2.33 -36.73
CA GLU A 272 28.47 -3.43 -37.27
C GLU A 272 28.38 -4.64 -36.36
N VAL A 273 28.25 -4.39 -35.06
CA VAL A 273 28.15 -5.46 -34.08
C VAL A 273 26.75 -6.06 -34.13
N GLU A 274 25.75 -5.19 -34.31
CA GLU A 274 24.37 -5.63 -34.38
C GLU A 274 24.16 -6.59 -35.55
N ALA A 275 24.51 -6.15 -36.75
CA ALA A 275 24.36 -6.95 -37.95
C ALA A 275 25.14 -8.26 -37.85
N ALA A 276 26.35 -8.17 -37.31
CA ALA A 276 27.19 -9.36 -37.16
C ALA A 276 26.49 -10.44 -36.36
N GLY A 277 25.85 -10.05 -35.26
CA GLY A 277 25.15 -11.01 -34.43
C GLY A 277 23.82 -11.42 -35.04
N PHE A 278 23.19 -10.50 -35.76
CA PHE A 278 21.90 -10.75 -36.39
C PHE A 278 22.03 -11.94 -37.35
N ALA A 279 23.12 -11.97 -38.10
CA ALA A 279 23.36 -13.03 -39.05
C ALA A 279 23.61 -14.36 -38.35
N LYS A 280 24.32 -14.31 -37.23
CA LYS A 280 24.63 -15.52 -36.47
C LYS A 280 23.37 -16.20 -35.94
N LEU A 281 22.45 -15.40 -35.43
CA LEU A 281 21.20 -15.92 -34.87
C LEU A 281 20.23 -16.37 -35.94
N ALA A 282 20.30 -15.75 -37.11
CA ALA A 282 19.41 -16.08 -38.21
C ALA A 282 19.66 -17.47 -38.78
N LYS A 283 20.79 -18.07 -38.43
CA LYS A 283 21.14 -19.39 -38.93
C LYS A 283 20.94 -20.51 -37.92
N THR A 284 20.75 -20.16 -36.66
CA THR A 284 20.58 -21.15 -35.61
C THR A 284 19.48 -22.16 -35.92
N SER A 285 19.66 -23.39 -35.45
CA SER A 285 18.68 -24.45 -35.66
C SER A 285 17.57 -24.31 -34.63
N ALA A 286 17.35 -23.07 -34.19
CA ALA A 286 16.33 -22.77 -33.20
C ALA A 286 15.49 -21.61 -33.73
N SER A 287 16.16 -20.64 -34.33
CA SER A 287 15.48 -19.47 -34.88
C SER A 287 14.38 -19.87 -35.84
N ASN A 288 14.75 -20.46 -36.97
CA ASN A 288 13.79 -20.87 -37.98
C ASN A 288 12.77 -21.86 -37.42
N CYS A 289 13.10 -22.50 -36.31
CA CYS A 289 12.18 -23.45 -35.68
C CYS A 289 11.08 -22.65 -35.01
N LEU A 290 11.47 -21.60 -34.31
CA LEU A 290 10.52 -20.73 -33.62
C LEU A 290 9.69 -20.03 -34.70
N ILE A 291 10.34 -19.69 -35.80
CA ILE A 291 9.68 -19.03 -36.92
C ILE A 291 8.65 -19.99 -37.47
N GLY A 292 8.95 -21.29 -37.37
CA GLY A 292 8.04 -22.31 -37.86
C GLY A 292 6.75 -22.30 -37.05
N LEU A 293 6.90 -22.10 -35.73
CA LEU A 293 5.75 -22.05 -34.84
C LEU A 293 4.87 -20.87 -35.25
N PHE A 294 5.51 -19.78 -35.65
CA PHE A 294 4.79 -18.58 -36.06
C PHE A 294 3.95 -18.92 -37.28
N LEU A 295 4.48 -19.77 -38.15
CA LEU A 295 3.78 -20.19 -39.35
C LEU A 295 2.60 -21.07 -38.95
N ASN A 296 2.87 -22.06 -38.11
CA ASN A 296 1.84 -22.98 -37.64
C ASN A 296 0.74 -22.18 -36.96
N ASP A 297 1.12 -21.08 -36.32
CA ASP A 297 0.18 -20.21 -35.63
C ASP A 297 -0.77 -19.57 -36.63
N GLN A 298 -0.21 -19.04 -37.71
CA GLN A 298 -0.99 -18.39 -38.75
C GLN A 298 -1.95 -19.38 -39.40
N GLU A 299 -1.50 -20.62 -39.56
CA GLU A 299 -2.34 -21.66 -40.17
C GLU A 299 -3.51 -21.95 -39.25
N LEU A 300 -3.26 -21.96 -37.95
CA LEU A 300 -4.30 -22.21 -36.96
C LEU A 300 -5.30 -21.07 -36.91
N LYS A 301 -4.83 -19.85 -37.14
CA LYS A 301 -5.70 -18.67 -37.12
C LYS A 301 -6.64 -18.64 -38.31
N LYS A 302 -6.13 -19.04 -39.48
CA LYS A 302 -6.94 -19.06 -40.69
C LYS A 302 -8.03 -20.12 -40.53
N LYS A 303 -7.64 -21.29 -40.03
CA LYS A 303 -8.59 -22.37 -39.81
C LYS A 303 -9.54 -21.96 -38.70
N ALA A 304 -9.05 -21.11 -37.81
CA ALA A 304 -9.85 -20.62 -36.69
C ALA A 304 -11.02 -19.82 -37.22
N LYS A 305 -10.80 -19.07 -38.30
CA LYS A 305 -11.84 -18.26 -38.90
C LYS A 305 -12.94 -19.14 -39.49
N VAL A 306 -12.60 -20.39 -39.76
CA VAL A 306 -13.56 -21.33 -40.31
C VAL A 306 -14.59 -21.71 -39.25
N TYR A 307 -14.10 -22.14 -38.09
CA TYR A 307 -14.97 -22.54 -36.98
C TYR A 307 -15.76 -21.34 -36.47
N ASP A 308 -15.17 -20.15 -36.55
CA ASP A 308 -15.81 -18.92 -36.09
C ASP A 308 -17.00 -18.48 -36.95
N LYS A 309 -17.39 -19.32 -37.91
CA LYS A 309 -18.51 -18.98 -38.78
C LYS A 309 -19.74 -19.82 -38.47
N ILE A 310 -19.59 -20.78 -37.56
CA ILE A 310 -20.69 -21.65 -37.18
C ILE A 310 -20.65 -22.01 -35.69
N ALA A 311 -19.92 -21.21 -34.92
CA ALA A 311 -19.80 -21.45 -33.47
C ALA A 311 -20.58 -20.42 -32.67
N LYS A 312 -21.51 -20.90 -31.85
CA LYS A 312 -22.33 -20.02 -31.01
C LYS A 312 -21.57 -19.69 -29.74
N ASP A 313 -21.43 -18.41 -29.45
CA ASP A 313 -20.71 -17.95 -28.26
C ASP A 313 -21.36 -18.52 -27.00
N VAL A 314 -20.52 -19.00 -26.09
CA VAL A 314 -21.01 -19.58 -24.84
C VAL A 314 -21.11 -18.50 -23.76
N LYS A 315 -22.23 -17.80 -23.73
CA LYS A 315 -22.46 -16.74 -22.74
C LYS A 315 -22.89 -17.31 -21.40
N GLN A 316 -23.05 -18.63 -21.35
CA GLN A 316 -23.46 -19.30 -20.14
C GLN A 316 -22.93 -20.74 -20.13
N ALA A 317 -21.77 -20.94 -19.52
CA ALA A 317 -21.16 -22.27 -19.46
C ALA A 317 -21.58 -23.01 -18.19
N ALA A 318 -21.21 -24.28 -18.11
CA ALA A 318 -21.55 -25.10 -16.95
C ALA A 318 -20.73 -26.38 -16.95
N VAL A 319 -20.17 -26.74 -15.81
CA VAL A 319 -19.36 -27.95 -15.69
C VAL A 319 -19.94 -28.88 -14.62
N LEU A 320 -19.89 -30.17 -14.91
CA LEU A 320 -20.41 -31.17 -13.98
C LEU A 320 -19.29 -31.75 -13.12
N GLY A 321 -18.84 -30.99 -12.14
CA GLY A 321 -17.79 -31.45 -11.26
C GLY A 321 -17.09 -30.31 -10.55
N ALA A 322 -16.05 -30.65 -9.79
CA ALA A 322 -15.29 -29.65 -9.05
C ALA A 322 -13.98 -30.27 -8.55
N GLY A 323 -13.39 -29.65 -7.53
CA GLY A 323 -12.14 -30.16 -6.98
C GLY A 323 -10.92 -29.88 -7.83
N ILE A 324 -10.48 -30.89 -8.56
CA ILE A 324 -9.29 -30.77 -9.41
C ILE A 324 -9.59 -30.19 -10.79
N MET A 325 -10.13 -31.01 -11.67
CA MET A 325 -10.43 -30.57 -13.03
C MET A 325 -11.70 -29.73 -13.12
N GLY A 326 -12.74 -30.15 -12.41
CA GLY A 326 -13.99 -29.41 -12.44
C GLY A 326 -13.80 -27.97 -12.00
N GLY A 327 -13.12 -27.78 -10.87
CA GLY A 327 -12.88 -26.44 -10.35
C GLY A 327 -12.04 -25.61 -11.29
N GLY A 328 -11.08 -26.25 -11.94
CA GLY A 328 -10.22 -25.54 -12.87
C GLY A 328 -10.99 -25.02 -14.07
N ILE A 329 -11.78 -25.90 -14.68
CA ILE A 329 -12.57 -25.52 -15.85
C ILE A 329 -13.53 -24.40 -15.47
N ALA A 330 -14.01 -24.43 -14.23
CA ALA A 330 -14.93 -23.40 -13.75
C ALA A 330 -14.18 -22.10 -13.53
N TYR A 331 -12.90 -22.22 -13.22
CA TYR A 331 -12.04 -21.06 -12.99
C TYR A 331 -11.73 -20.36 -14.31
N GLN A 332 -11.06 -21.07 -15.20
CA GLN A 332 -10.69 -20.52 -16.51
C GLN A 332 -11.87 -19.88 -17.22
N SER A 333 -13.03 -20.51 -17.15
CA SER A 333 -14.22 -19.99 -17.81
C SER A 333 -14.62 -18.64 -17.24
N ALA A 334 -14.56 -18.52 -15.92
CA ALA A 334 -14.93 -17.27 -15.26
C ALA A 334 -13.83 -16.23 -15.39
N SER A 335 -12.59 -16.65 -15.26
CA SER A 335 -11.44 -15.76 -15.34
C SER A 335 -11.36 -15.01 -16.68
N LYS A 336 -12.11 -15.50 -17.67
CA LYS A 336 -12.10 -14.87 -18.98
C LYS A 336 -13.42 -14.19 -19.34
N GLY A 337 -14.44 -14.39 -18.52
CA GLY A 337 -15.73 -13.76 -18.77
C GLY A 337 -16.82 -14.68 -19.27
N THR A 338 -17.04 -15.79 -18.58
CA THR A 338 -18.07 -16.74 -18.96
C THR A 338 -18.69 -17.41 -17.75
N PRO A 339 -19.89 -16.95 -17.35
CA PRO A 339 -20.59 -17.49 -16.18
C PRO A 339 -20.72 -19.01 -16.30
N ILE A 340 -19.97 -19.74 -15.48
CA ILE A 340 -20.01 -21.20 -15.51
C ILE A 340 -20.60 -21.79 -14.24
N LEU A 341 -21.51 -22.75 -14.42
CA LEU A 341 -22.16 -23.42 -13.30
C LEU A 341 -21.26 -24.55 -12.78
N MET A 342 -21.48 -24.94 -11.53
CA MET A 342 -20.73 -26.02 -10.92
C MET A 342 -21.70 -27.01 -10.28
N LYS A 343 -22.04 -28.05 -11.04
CA LYS A 343 -22.98 -29.06 -10.57
C LYS A 343 -22.23 -30.18 -9.85
N ASP A 344 -22.82 -30.69 -8.78
CA ASP A 344 -22.22 -31.75 -8.00
C ASP A 344 -23.31 -32.46 -7.21
N ILE A 345 -23.13 -33.75 -6.93
CA ILE A 345 -24.12 -34.53 -6.19
C ILE A 345 -24.06 -34.29 -4.68
N ASN A 346 -22.90 -33.90 -4.18
CA ASN A 346 -22.74 -33.65 -2.76
C ASN A 346 -22.13 -32.26 -2.50
N GLU A 347 -22.50 -31.67 -1.37
CA GLU A 347 -22.00 -30.34 -1.01
C GLU A 347 -20.49 -30.31 -0.83
N HIS A 348 -19.93 -31.39 -0.28
CA HIS A 348 -18.49 -31.46 -0.05
C HIS A 348 -17.72 -31.28 -1.35
N GLY A 349 -18.33 -31.71 -2.45
CA GLY A 349 -17.68 -31.59 -3.74
C GLY A 349 -17.54 -30.14 -4.14
N ILE A 350 -18.63 -29.40 -4.07
CA ILE A 350 -18.63 -27.98 -4.43
C ILE A 350 -17.65 -27.22 -3.54
N GLU A 351 -17.43 -27.74 -2.33
CA GLU A 351 -16.53 -27.12 -1.38
C GLU A 351 -15.12 -27.08 -1.97
N GLN A 352 -14.61 -28.26 -2.32
CA GLN A 352 -13.28 -28.38 -2.89
C GLN A 352 -13.14 -27.53 -4.15
N GLY A 353 -14.19 -27.51 -4.96
CA GLY A 353 -14.16 -26.73 -6.18
C GLY A 353 -13.90 -25.25 -5.94
N LEU A 354 -14.75 -24.64 -5.12
CA LEU A 354 -14.61 -23.22 -4.80
C LEU A 354 -13.35 -22.97 -3.99
N ALA A 355 -12.93 -23.98 -3.24
CA ALA A 355 -11.74 -23.85 -2.40
C ALA A 355 -10.51 -23.51 -3.23
N GLU A 356 -10.09 -24.43 -4.08
CA GLU A 356 -8.92 -24.23 -4.93
C GLU A 356 -9.13 -23.08 -5.90
N ALA A 357 -10.37 -22.87 -6.32
CA ALA A 357 -10.69 -21.79 -7.25
C ALA A 357 -10.50 -20.45 -6.55
N ALA A 358 -10.44 -20.49 -5.23
CA ALA A 358 -10.28 -19.28 -4.43
C ALA A 358 -8.80 -19.03 -4.14
N LYS A 359 -8.07 -20.09 -3.81
CA LYS A 359 -6.65 -19.99 -3.50
C LYS A 359 -5.86 -19.46 -4.70
N LEU A 360 -6.46 -19.54 -5.88
CA LEU A 360 -5.80 -19.07 -7.10
C LEU A 360 -5.88 -17.55 -7.20
N LEU A 361 -7.10 -17.02 -7.15
CA LEU A 361 -7.31 -15.58 -7.24
C LEU A 361 -6.65 -14.86 -6.07
N VAL A 362 -6.94 -15.32 -4.86
CA VAL A 362 -6.38 -14.72 -3.67
C VAL A 362 -4.86 -14.87 -3.69
N GLY A 363 -4.40 -15.94 -4.32
CA GLY A 363 -2.97 -16.18 -4.42
C GLY A 363 -2.23 -15.08 -5.15
N ARG A 364 -2.95 -14.35 -6.00
CA ARG A 364 -2.32 -13.27 -6.76
C ARG A 364 -2.59 -11.92 -6.13
N VAL A 365 -3.75 -11.79 -5.48
CA VAL A 365 -4.12 -10.54 -4.82
C VAL A 365 -3.16 -10.27 -3.68
N ASP A 366 -2.71 -11.34 -3.04
CA ASP A 366 -1.78 -11.23 -1.92
C ASP A 366 -0.34 -11.14 -2.41
N LYS A 367 -0.17 -10.62 -3.62
CA LYS A 367 1.14 -10.45 -4.21
C LYS A 367 1.19 -9.21 -5.10
N GLY A 368 0.03 -8.62 -5.34
CA GLY A 368 -0.05 -7.42 -6.15
C GLY A 368 -0.08 -7.64 -7.65
N ARG A 369 -0.96 -8.52 -8.12
CA ARG A 369 -1.08 -8.81 -9.54
C ARG A 369 -2.52 -8.76 -10.01
N MET A 370 -3.46 -8.67 -9.06
CA MET A 370 -4.88 -8.62 -9.39
C MET A 370 -5.67 -7.78 -8.38
N THR A 371 -6.55 -6.94 -8.91
CA THR A 371 -7.37 -6.07 -8.06
C THR A 371 -8.52 -6.87 -7.45
N PRO A 372 -8.80 -6.65 -6.16
CA PRO A 372 -9.88 -7.36 -5.47
C PRO A 372 -11.20 -7.20 -6.23
N ALA A 373 -11.36 -6.05 -6.87
CA ALA A 373 -12.57 -5.76 -7.64
C ALA A 373 -12.74 -6.80 -8.73
N LYS A 374 -11.62 -7.29 -9.25
CA LYS A 374 -11.64 -8.30 -10.30
C LYS A 374 -11.90 -9.68 -9.71
N MET A 375 -11.28 -9.95 -8.56
CA MET A 375 -11.45 -11.24 -7.90
C MET A 375 -12.94 -11.47 -7.64
N ALA A 376 -13.64 -10.40 -7.33
CA ALA A 376 -15.07 -10.49 -7.06
C ALA A 376 -15.81 -10.90 -8.32
N GLU A 377 -15.57 -10.17 -9.41
CA GLU A 377 -16.21 -10.45 -10.68
C GLU A 377 -16.07 -11.92 -11.05
N VAL A 378 -14.86 -12.43 -10.92
CA VAL A 378 -14.57 -13.83 -11.24
C VAL A 378 -15.34 -14.78 -10.33
N LEU A 379 -15.38 -14.47 -9.05
CA LEU A 379 -16.10 -15.31 -8.08
C LEU A 379 -17.62 -15.20 -8.21
N ASN A 380 -18.07 -14.20 -8.97
CA ASN A 380 -19.50 -14.01 -9.17
C ASN A 380 -19.96 -14.78 -10.40
N GLY A 381 -19.03 -15.05 -11.31
CA GLY A 381 -19.37 -15.79 -12.51
C GLY A 381 -19.59 -17.26 -12.19
N ILE A 382 -18.84 -17.77 -11.23
CA ILE A 382 -18.96 -19.17 -10.80
C ILE A 382 -20.21 -19.29 -9.94
N ARG A 383 -21.14 -20.14 -10.37
CA ARG A 383 -22.38 -20.33 -9.63
C ARG A 383 -22.64 -21.78 -9.24
N PRO A 384 -22.28 -22.15 -8.01
CA PRO A 384 -22.44 -23.51 -7.47
C PRO A 384 -23.90 -23.96 -7.47
N THR A 385 -24.11 -25.26 -7.62
CA THR A 385 -25.47 -25.82 -7.63
C THR A 385 -25.45 -27.33 -7.39
N LEU A 386 -26.57 -27.84 -6.88
CA LEU A 386 -26.71 -29.28 -6.60
C LEU A 386 -27.84 -29.86 -7.43
N SER A 387 -28.51 -29.00 -8.19
CA SER A 387 -29.61 -29.43 -9.04
C SER A 387 -29.45 -28.86 -10.45
N TYR A 388 -30.20 -29.40 -11.40
CA TYR A 388 -30.13 -28.95 -12.79
C TYR A 388 -31.12 -27.81 -13.05
N GLY A 389 -31.55 -27.15 -11.98
CA GLY A 389 -32.50 -26.08 -12.12
C GLY A 389 -32.01 -24.85 -12.86
N ASP A 390 -30.71 -24.61 -12.85
CA ASP A 390 -30.14 -23.44 -13.51
C ASP A 390 -29.56 -23.72 -14.89
N PHE A 391 -29.63 -24.97 -15.33
CA PHE A 391 -29.10 -25.34 -16.65
C PHE A 391 -30.04 -24.94 -17.78
N GLY A 392 -31.06 -24.15 -17.43
CA GLY A 392 -32.03 -23.71 -18.42
C GLY A 392 -31.49 -22.91 -19.59
N ASN A 393 -30.38 -22.20 -19.39
CA ASN A 393 -29.82 -21.39 -20.47
C ASN A 393 -28.33 -21.62 -20.72
N VAL A 394 -27.84 -22.82 -20.42
CA VAL A 394 -26.43 -23.14 -20.62
C VAL A 394 -26.17 -23.39 -22.10
N ASP A 395 -25.10 -22.82 -22.63
CA ASP A 395 -24.75 -22.98 -24.03
C ASP A 395 -23.81 -24.16 -24.27
N LEU A 396 -23.16 -24.64 -23.21
CA LEU A 396 -22.25 -25.77 -23.32
C LEU A 396 -21.91 -26.34 -21.95
N VAL A 397 -21.98 -27.67 -21.84
CA VAL A 397 -21.70 -28.34 -20.58
C VAL A 397 -20.49 -29.26 -20.71
N VAL A 398 -19.65 -29.27 -19.68
CA VAL A 398 -18.45 -30.10 -19.68
C VAL A 398 -18.51 -31.10 -18.54
N GLU A 399 -18.44 -32.39 -18.88
CA GLU A 399 -18.49 -33.45 -17.88
C GLU A 399 -17.12 -33.72 -17.28
N ALA A 400 -17.02 -33.60 -15.96
CA ALA A 400 -15.76 -33.84 -15.26
C ALA A 400 -15.91 -35.01 -14.29
N VAL A 401 -16.92 -35.84 -14.54
CA VAL A 401 -17.19 -37.01 -13.70
C VAL A 401 -16.03 -38.01 -13.82
N VAL A 402 -15.89 -38.87 -12.81
CA VAL A 402 -14.82 -39.86 -12.79
C VAL A 402 -14.86 -40.76 -14.03
N GLU A 403 -13.72 -41.37 -14.35
CA GLU A 403 -13.61 -42.25 -15.50
C GLU A 403 -14.47 -43.50 -15.33
N ASN A 404 -15.63 -43.51 -15.98
CA ASN A 404 -16.54 -44.64 -15.90
C ASN A 404 -17.62 -44.52 -16.96
N PRO A 405 -17.48 -45.25 -18.08
CA PRO A 405 -18.44 -45.21 -19.19
C PRO A 405 -19.88 -45.38 -18.73
N LYS A 406 -20.10 -46.35 -17.84
CA LYS A 406 -21.43 -46.61 -17.31
C LYS A 406 -22.03 -45.35 -16.67
N VAL A 407 -21.25 -44.74 -15.78
CA VAL A 407 -21.70 -43.54 -15.08
C VAL A 407 -21.87 -42.35 -16.03
N LYS A 408 -20.84 -42.06 -16.82
CA LYS A 408 -20.87 -40.94 -17.75
C LYS A 408 -22.10 -40.96 -18.65
N GLN A 409 -22.55 -42.17 -19.03
CA GLN A 409 -23.73 -42.28 -19.89
C GLN A 409 -25.01 -41.95 -19.15
N ALA A 410 -25.04 -42.26 -17.86
CA ALA A 410 -26.23 -41.98 -17.04
C ALA A 410 -26.30 -40.49 -16.73
N VAL A 411 -25.15 -39.87 -16.55
CA VAL A 411 -25.09 -38.44 -16.23
C VAL A 411 -25.40 -37.59 -17.45
N LEU A 412 -24.63 -37.78 -18.53
CA LEU A 412 -24.83 -37.03 -19.76
C LEU A 412 -26.28 -37.12 -20.25
N ALA A 413 -26.84 -38.33 -20.17
CA ALA A 413 -28.22 -38.56 -20.61
C ALA A 413 -29.19 -37.74 -19.76
N GLU A 414 -28.92 -37.70 -18.46
CA GLU A 414 -29.77 -36.97 -17.52
C GLU A 414 -29.70 -35.46 -17.76
N VAL A 415 -28.54 -34.99 -18.23
CA VAL A 415 -28.34 -33.57 -18.48
C VAL A 415 -29.05 -33.13 -19.77
N GLU A 416 -29.00 -33.99 -20.79
CA GLU A 416 -29.61 -33.69 -22.07
C GLU A 416 -31.11 -33.44 -21.96
N ASN A 417 -31.71 -33.91 -20.86
CA ASN A 417 -33.14 -33.74 -20.65
C ASN A 417 -33.47 -32.36 -20.06
N HIS A 418 -32.49 -31.75 -19.40
CA HIS A 418 -32.68 -30.45 -18.78
C HIS A 418 -32.19 -29.31 -19.68
N VAL A 419 -31.06 -29.53 -20.34
CA VAL A 419 -30.50 -28.53 -21.24
C VAL A 419 -31.35 -28.39 -22.48
N ARG A 420 -31.11 -27.35 -23.27
CA ARG A 420 -31.87 -27.15 -24.50
C ARG A 420 -31.45 -28.22 -25.49
N GLU A 421 -32.08 -28.23 -26.67
CA GLU A 421 -31.74 -29.22 -27.68
C GLU A 421 -30.58 -28.75 -28.56
N ASP A 422 -30.43 -27.44 -28.70
CA ASP A 422 -29.35 -26.88 -29.50
C ASP A 422 -28.09 -26.75 -28.65
N ALA A 423 -28.25 -26.95 -27.34
CA ALA A 423 -27.13 -26.86 -26.41
C ALA A 423 -26.11 -27.94 -26.74
N ILE A 424 -24.83 -27.61 -26.57
CA ILE A 424 -23.76 -28.55 -26.85
C ILE A 424 -23.21 -29.20 -25.57
N LEU A 425 -23.05 -30.52 -25.62
CA LEU A 425 -22.52 -31.27 -24.49
C LEU A 425 -21.06 -31.61 -24.79
N ALA A 426 -20.31 -31.98 -23.74
CA ALA A 426 -18.90 -32.30 -23.93
C ALA A 426 -18.36 -33.17 -22.80
N SER A 427 -17.32 -33.94 -23.09
CA SER A 427 -16.70 -34.81 -22.10
C SER A 427 -15.25 -34.42 -21.92
N ASN A 428 -14.74 -34.57 -20.70
CA ASN A 428 -13.36 -34.22 -20.38
C ASN A 428 -12.53 -35.47 -20.13
N THR A 429 -13.11 -36.63 -20.43
CA THR A 429 -12.43 -37.91 -20.24
C THR A 429 -11.11 -37.96 -20.98
N SER A 430 -10.17 -38.76 -20.47
CA SER A 430 -8.86 -38.87 -21.09
C SER A 430 -8.53 -40.29 -21.52
N THR A 431 -9.28 -41.26 -21.01
CA THR A 431 -9.04 -42.66 -21.34
C THR A 431 -10.31 -43.42 -21.73
N ILE A 432 -11.31 -42.70 -22.23
CA ILE A 432 -12.56 -43.32 -22.65
C ILE A 432 -13.04 -42.77 -23.99
N SER A 433 -13.52 -43.67 -24.84
CA SER A 433 -14.00 -43.29 -26.17
C SER A 433 -15.24 -42.39 -26.10
N ILE A 434 -15.27 -41.39 -26.96
CA ILE A 434 -16.39 -40.45 -27.02
C ILE A 434 -17.53 -41.08 -27.81
N SER A 435 -17.19 -41.79 -28.88
CA SER A 435 -18.18 -42.44 -29.72
C SER A 435 -18.99 -43.45 -28.91
N LEU A 436 -18.41 -43.92 -27.82
CA LEU A 436 -19.06 -44.89 -26.95
C LEU A 436 -19.99 -44.17 -25.98
N LEU A 437 -19.49 -43.09 -25.40
CA LEU A 437 -20.26 -42.30 -24.45
C LEU A 437 -21.32 -41.48 -25.17
N ALA A 438 -21.31 -41.51 -26.50
CA ALA A 438 -22.27 -40.77 -27.29
C ALA A 438 -23.52 -41.56 -27.66
N LYS A 439 -23.44 -42.88 -27.55
CA LYS A 439 -24.57 -43.73 -27.89
C LYS A 439 -25.67 -43.73 -26.82
N ALA A 440 -25.47 -42.93 -25.78
CA ALA A 440 -26.45 -42.84 -24.70
C ALA A 440 -27.39 -41.65 -24.95
N LEU A 441 -26.85 -40.60 -25.53
CA LEU A 441 -27.62 -39.39 -25.83
C LEU A 441 -28.58 -39.61 -26.98
N LYS A 442 -29.67 -38.86 -26.98
CA LYS A 442 -30.66 -38.96 -28.04
C LYS A 442 -30.34 -37.96 -29.15
N ARG A 443 -29.30 -37.15 -28.92
CA ARG A 443 -28.86 -36.15 -29.89
C ARG A 443 -27.34 -36.08 -29.88
N PRO A 444 -26.67 -37.18 -30.29
CA PRO A 444 -25.20 -37.26 -30.34
C PRO A 444 -24.53 -36.20 -31.22
N GLU A 445 -25.33 -35.55 -32.07
CA GLU A 445 -24.79 -34.53 -32.96
C GLU A 445 -24.20 -33.36 -32.17
N ASN A 446 -24.86 -33.00 -31.08
CA ASN A 446 -24.42 -31.89 -30.24
C ASN A 446 -23.40 -32.32 -29.20
N PHE A 447 -22.83 -33.52 -29.37
CA PHE A 447 -21.85 -34.02 -28.41
C PHE A 447 -20.46 -34.14 -29.01
N VAL A 448 -19.46 -33.67 -28.28
CA VAL A 448 -18.08 -33.73 -28.71
C VAL A 448 -17.18 -34.05 -27.53
N GLY A 449 -15.91 -33.65 -27.62
CA GLY A 449 -14.99 -33.92 -26.53
C GLY A 449 -14.10 -32.72 -26.24
N MET A 450 -14.07 -32.30 -24.98
CA MET A 450 -13.24 -31.18 -24.57
C MET A 450 -12.29 -31.68 -23.51
N HIS A 451 -11.04 -31.93 -23.91
CA HIS A 451 -10.02 -32.46 -23.01
C HIS A 451 -9.05 -31.41 -22.47
N PHE A 452 -9.22 -31.06 -21.19
CA PHE A 452 -8.32 -30.10 -20.55
C PHE A 452 -7.22 -30.90 -19.86
N PHE A 453 -6.18 -30.21 -19.42
CA PHE A 453 -5.08 -30.88 -18.74
C PHE A 453 -4.88 -30.38 -17.32
N ASN A 454 -4.06 -31.09 -16.55
CA ASN A 454 -3.79 -30.74 -15.17
C ASN A 454 -2.44 -30.05 -15.01
N PRO A 455 -2.43 -28.81 -14.48
CA PRO A 455 -3.59 -28.05 -13.99
C PRO A 455 -4.33 -27.36 -15.14
N VAL A 456 -5.63 -27.17 -14.97
CA VAL A 456 -6.45 -26.53 -15.99
C VAL A 456 -6.08 -25.07 -16.25
N HIS A 457 -5.51 -24.41 -15.24
CA HIS A 457 -5.14 -23.01 -15.38
C HIS A 457 -3.69 -22.81 -15.82
N MET A 458 -2.96 -23.90 -16.00
CA MET A 458 -1.56 -23.81 -16.42
C MET A 458 -1.31 -24.35 -17.83
N MET A 459 -1.95 -25.46 -18.15
CA MET A 459 -1.78 -26.08 -19.47
C MET A 459 -2.59 -25.38 -20.55
N PRO A 460 -1.95 -25.04 -21.68
CA PRO A 460 -2.56 -24.37 -22.84
C PRO A 460 -3.48 -25.23 -23.69
N LEU A 461 -2.95 -26.36 -24.17
CA LEU A 461 -3.71 -27.26 -25.04
C LEU A 461 -5.07 -27.73 -24.51
N VAL A 462 -6.02 -27.83 -25.43
CA VAL A 462 -7.37 -28.28 -25.14
C VAL A 462 -7.89 -29.01 -26.38
N GLU A 463 -7.69 -30.33 -26.43
CA GLU A 463 -8.11 -31.14 -27.56
C GLU A 463 -9.62 -31.14 -27.75
N VAL A 464 -10.05 -30.97 -28.99
CA VAL A 464 -11.46 -30.97 -29.32
C VAL A 464 -11.77 -32.29 -30.02
N ILE A 465 -12.12 -33.30 -29.24
CA ILE A 465 -12.42 -34.62 -29.77
C ILE A 465 -13.72 -34.63 -30.59
N ARG A 466 -13.69 -35.32 -31.73
CA ARG A 466 -14.86 -35.42 -32.58
C ARG A 466 -15.31 -36.88 -32.72
N GLY A 467 -16.53 -37.16 -32.25
CA GLY A 467 -17.06 -38.50 -32.33
C GLY A 467 -17.62 -38.76 -33.72
N GLU A 468 -17.92 -40.02 -34.01
CA GLU A 468 -18.46 -40.38 -35.32
C GLU A 468 -19.81 -39.71 -35.56
N LYS A 469 -20.52 -39.40 -34.49
CA LYS A 469 -21.83 -38.75 -34.59
C LYS A 469 -21.76 -37.25 -34.35
N SER A 470 -20.54 -36.76 -34.10
CA SER A 470 -20.35 -35.33 -33.84
C SER A 470 -20.55 -34.49 -35.10
N SER A 471 -21.07 -33.28 -34.91
CA SER A 471 -21.31 -32.38 -36.02
C SER A 471 -20.23 -31.31 -36.09
N ASP A 472 -20.19 -30.57 -37.20
CA ASP A 472 -19.20 -29.52 -37.39
C ASP A 472 -19.47 -28.34 -36.45
N LEU A 473 -20.76 -28.03 -36.24
CA LEU A 473 -21.14 -26.94 -35.38
C LEU A 473 -20.74 -27.25 -33.93
N ALA A 474 -20.94 -28.49 -33.53
CA ALA A 474 -20.61 -28.92 -32.17
C ALA A 474 -19.10 -28.73 -31.92
N VAL A 475 -18.30 -29.12 -32.91
CA VAL A 475 -16.85 -29.01 -32.81
C VAL A 475 -16.45 -27.54 -32.81
N ALA A 476 -16.99 -26.78 -33.76
CA ALA A 476 -16.68 -25.36 -33.88
C ALA A 476 -16.97 -24.62 -32.60
N THR A 477 -18.13 -24.88 -32.00
CA THR A 477 -18.53 -24.22 -30.76
C THR A 477 -17.50 -24.48 -29.65
N THR A 478 -17.04 -25.72 -29.56
CA THR A 478 -16.06 -26.09 -28.54
C THR A 478 -14.75 -25.34 -28.75
N VAL A 479 -14.34 -25.26 -30.01
CA VAL A 479 -13.09 -24.57 -30.36
C VAL A 479 -13.14 -23.12 -29.92
N ALA A 480 -14.21 -22.41 -30.31
CA ALA A 480 -14.37 -21.01 -29.96
C ALA A 480 -14.41 -20.82 -28.45
N TYR A 481 -15.18 -21.65 -27.76
CA TYR A 481 -15.28 -21.56 -26.31
C TYR A 481 -13.93 -21.83 -25.65
N ALA A 482 -13.12 -22.64 -26.30
CA ALA A 482 -11.80 -22.98 -25.77
C ALA A 482 -10.85 -21.82 -26.00
N LYS A 483 -10.90 -21.26 -27.21
CA LYS A 483 -10.05 -20.14 -27.59
C LYS A 483 -10.41 -18.90 -26.76
N LYS A 484 -11.68 -18.78 -26.41
CA LYS A 484 -12.15 -17.64 -25.62
C LYS A 484 -11.60 -17.70 -24.20
N MET A 485 -11.24 -18.89 -23.75
CA MET A 485 -10.70 -19.07 -22.42
C MET A 485 -9.17 -18.99 -22.46
N GLY A 486 -8.65 -18.31 -23.48
CA GLY A 486 -7.21 -18.16 -23.62
C GLY A 486 -6.48 -19.47 -23.75
N LYS A 487 -7.01 -20.38 -24.56
CA LYS A 487 -6.39 -21.68 -24.76
C LYS A 487 -5.98 -21.89 -26.22
N ASN A 488 -5.50 -23.10 -26.53
CA ASN A 488 -5.08 -23.44 -27.87
C ASN A 488 -5.73 -24.76 -28.29
N PRO A 489 -6.99 -24.70 -28.75
CA PRO A 489 -7.75 -25.88 -29.17
C PRO A 489 -7.31 -26.49 -30.49
N ILE A 490 -7.31 -27.81 -30.56
CA ILE A 490 -6.94 -28.56 -31.75
C ILE A 490 -7.84 -29.78 -31.87
N VAL A 491 -8.64 -29.83 -32.93
CA VAL A 491 -9.56 -30.93 -33.14
C VAL A 491 -8.84 -32.27 -33.31
N VAL A 492 -9.34 -33.29 -32.62
CA VAL A 492 -8.74 -34.62 -32.69
C VAL A 492 -9.85 -35.67 -32.79
N ASN A 493 -9.72 -36.59 -33.75
CA ASN A 493 -10.71 -37.64 -33.92
C ASN A 493 -10.62 -38.66 -32.80
N ASP A 494 -11.77 -39.10 -32.32
CA ASP A 494 -11.84 -40.07 -31.23
C ASP A 494 -11.00 -41.33 -31.49
N CYS A 495 -10.08 -41.60 -30.58
CA CYS A 495 -9.21 -42.77 -30.66
C CYS A 495 -8.49 -42.94 -29.33
N PRO A 496 -8.22 -44.20 -28.92
CA PRO A 496 -7.53 -44.47 -27.67
C PRO A 496 -6.25 -43.65 -27.49
N GLY A 497 -6.29 -42.67 -26.58
CA GLY A 497 -5.14 -41.83 -26.34
C GLY A 497 -5.20 -40.51 -27.08
N PHE A 498 -6.13 -40.41 -28.02
CA PHE A 498 -6.31 -39.19 -28.80
C PHE A 498 -5.02 -38.75 -29.47
N LEU A 499 -4.51 -37.59 -29.08
CA LEU A 499 -3.28 -37.09 -29.68
C LEU A 499 -2.11 -37.11 -28.69
N VAL A 500 -2.25 -36.34 -27.60
CA VAL A 500 -1.20 -36.27 -26.59
C VAL A 500 -0.88 -37.62 -25.96
N ASN A 501 -1.89 -38.27 -25.41
CA ASN A 501 -1.73 -39.56 -24.77
C ASN A 501 -1.24 -40.65 -25.72
N ARG A 502 -1.70 -40.59 -26.97
CA ARG A 502 -1.30 -41.56 -27.97
C ARG A 502 0.19 -41.47 -28.31
N VAL A 503 0.78 -40.31 -28.06
CA VAL A 503 2.19 -40.10 -28.35
C VAL A 503 3.03 -40.16 -27.07
N LEU A 504 2.39 -39.90 -25.94
CA LEU A 504 3.07 -39.92 -24.64
C LEU A 504 3.57 -41.30 -24.20
N PHE A 505 2.73 -42.32 -24.35
CA PHE A 505 3.11 -43.67 -23.93
C PHE A 505 4.13 -44.34 -24.84
N PRO A 506 4.00 -44.21 -26.18
CA PRO A 506 5.00 -44.85 -27.02
C PRO A 506 6.35 -44.27 -26.64
N TYR A 507 6.31 -43.02 -26.20
CA TYR A 507 7.48 -42.28 -25.76
C TYR A 507 7.96 -42.90 -24.44
N PHE A 508 7.00 -43.24 -23.60
CA PHE A 508 7.29 -43.87 -22.31
C PHE A 508 7.76 -45.30 -22.53
N GLY A 509 7.41 -45.86 -23.68
CA GLY A 509 7.82 -47.21 -24.00
C GLY A 509 9.33 -47.27 -24.13
N GLY A 510 9.89 -46.24 -24.75
CA GLY A 510 11.33 -46.17 -24.93
C GLY A 510 12.00 -46.05 -23.57
N PHE A 511 11.29 -45.42 -22.64
CA PHE A 511 11.82 -45.23 -21.29
C PHE A 511 11.82 -46.58 -20.57
N ALA A 512 10.72 -47.30 -20.69
CA ALA A 512 10.58 -48.60 -20.05
C ALA A 512 11.68 -49.53 -20.54
N LYS A 513 11.95 -49.49 -21.84
CA LYS A 513 12.97 -50.34 -22.44
C LYS A 513 14.35 -49.96 -21.89
N LEU A 514 14.60 -48.67 -21.75
CA LEU A 514 15.88 -48.19 -21.24
C LEU A 514 16.14 -48.75 -19.84
N VAL A 515 15.15 -48.60 -18.96
CA VAL A 515 15.25 -49.08 -17.60
C VAL A 515 15.52 -50.59 -17.58
N SER A 516 14.77 -51.32 -18.39
CA SER A 516 14.93 -52.77 -18.48
C SER A 516 16.28 -53.11 -19.08
N ALA A 517 16.89 -52.14 -19.76
CA ALA A 517 18.19 -52.33 -20.40
C ALA A 517 19.31 -51.95 -19.46
N GLY A 518 18.98 -51.81 -18.18
CA GLY A 518 19.98 -51.47 -17.18
C GLY A 518 20.50 -50.04 -17.29
N VAL A 519 19.68 -49.15 -17.84
CA VAL A 519 20.08 -47.75 -17.97
C VAL A 519 19.56 -46.94 -16.81
N ASP A 520 20.47 -46.29 -16.08
CA ASP A 520 20.13 -45.48 -14.92
C ASP A 520 19.15 -44.38 -15.35
N PHE A 521 17.94 -44.41 -14.79
CA PHE A 521 16.93 -43.41 -15.14
C PHE A 521 17.33 -42.00 -14.73
N VAL A 522 18.10 -41.89 -13.66
CA VAL A 522 18.56 -40.58 -13.19
C VAL A 522 19.41 -39.93 -14.28
N ARG A 523 20.09 -40.77 -15.06
CA ARG A 523 20.95 -40.29 -16.14
C ARG A 523 20.08 -40.01 -17.36
N ILE A 524 19.12 -40.89 -17.61
CA ILE A 524 18.21 -40.75 -18.75
C ILE A 524 17.53 -39.39 -18.79
N ASP A 525 16.80 -39.04 -17.73
CA ASP A 525 16.10 -37.77 -17.68
C ASP A 525 17.04 -36.57 -17.57
N LYS A 526 18.30 -36.83 -17.29
CA LYS A 526 19.29 -35.76 -17.19
C LYS A 526 19.70 -35.38 -18.61
N VAL A 527 19.61 -36.35 -19.51
CA VAL A 527 19.96 -36.16 -20.92
C VAL A 527 18.75 -35.60 -21.66
N MET A 528 17.55 -35.91 -21.16
CA MET A 528 16.33 -35.42 -21.78
C MET A 528 16.07 -33.96 -21.42
N GLU A 529 16.27 -33.63 -20.14
CA GLU A 529 16.07 -32.26 -19.68
C GLU A 529 17.12 -31.38 -20.34
N LYS A 530 18.25 -31.99 -20.69
CA LYS A 530 19.34 -31.28 -21.35
C LYS A 530 18.96 -31.14 -22.81
N PHE A 531 18.19 -32.12 -23.29
CA PHE A 531 17.72 -32.14 -24.67
C PHE A 531 16.76 -30.97 -24.89
N GLY A 532 16.11 -30.54 -23.81
CA GLY A 532 15.17 -29.44 -23.91
C GLY A 532 13.88 -29.63 -23.13
N TRP A 533 13.55 -30.89 -22.86
CA TRP A 533 12.33 -31.20 -22.12
C TRP A 533 12.29 -30.58 -20.74
N PRO A 534 11.15 -29.98 -20.36
CA PRO A 534 10.99 -29.34 -19.06
C PRO A 534 11.30 -30.33 -17.93
N MET A 535 10.67 -31.49 -17.99
CA MET A 535 10.86 -32.54 -16.99
C MET A 535 11.23 -33.84 -17.67
N GLY A 536 12.18 -34.56 -17.10
CA GLY A 536 12.62 -35.82 -17.68
C GLY A 536 11.53 -36.88 -17.61
N PRO A 537 11.62 -37.95 -18.41
CA PRO A 537 10.63 -39.03 -18.44
C PRO A 537 10.34 -39.59 -17.05
N ALA A 538 11.39 -39.87 -16.28
CA ALA A 538 11.25 -40.40 -14.93
C ALA A 538 10.50 -39.43 -14.02
N TYR A 539 11.05 -38.23 -13.88
CA TYR A 539 10.44 -37.21 -13.03
C TYR A 539 9.03 -36.87 -13.51
N LEU A 540 8.74 -37.20 -14.77
CA LEU A 540 7.44 -36.92 -15.35
C LEU A 540 6.43 -37.95 -14.85
N MET A 541 6.85 -39.20 -14.79
CA MET A 541 5.99 -40.28 -14.31
C MET A 541 5.49 -40.02 -12.91
N ASP A 542 6.24 -39.23 -12.15
CA ASP A 542 5.86 -38.90 -10.78
C ASP A 542 4.81 -37.80 -10.78
N VAL A 543 5.00 -36.80 -11.63
CA VAL A 543 4.07 -35.69 -11.72
C VAL A 543 2.68 -36.19 -12.12
N VAL A 544 2.65 -37.09 -13.10
CA VAL A 544 1.40 -37.66 -13.58
C VAL A 544 0.91 -38.75 -12.63
N GLY A 545 1.85 -39.55 -12.13
CA GLY A 545 1.49 -40.62 -11.21
C GLY A 545 1.59 -41.99 -11.86
N ILE A 546 2.32 -42.89 -11.19
CA ILE A 546 2.49 -44.25 -11.70
C ILE A 546 1.14 -44.93 -11.88
N ASP A 547 0.25 -44.75 -10.92
CA ASP A 547 -1.08 -45.35 -10.97
C ASP A 547 -1.85 -44.82 -12.17
N THR A 548 -1.43 -43.66 -12.66
CA THR A 548 -2.08 -43.03 -13.81
C THR A 548 -1.42 -43.55 -15.09
N GLY A 549 -0.09 -43.56 -15.10
CA GLY A 549 0.64 -44.04 -16.26
C GLY A 549 0.44 -45.52 -16.48
N HIS A 550 -0.12 -46.20 -15.49
CA HIS A 550 -0.36 -47.63 -15.58
C HIS A 550 -1.68 -47.91 -16.29
N HIS A 551 -2.73 -47.22 -15.84
CA HIS A 551 -4.05 -47.39 -16.43
C HIS A 551 -4.04 -46.91 -17.88
N GLY A 552 -3.31 -45.81 -18.13
CA GLY A 552 -3.23 -45.28 -19.47
C GLY A 552 -2.55 -46.25 -20.43
N ARG A 553 -1.65 -47.05 -19.89
CA ARG A 553 -0.92 -48.04 -20.69
C ARG A 553 -1.88 -49.10 -21.21
N ASP A 554 -2.70 -49.64 -20.31
CA ASP A 554 -3.68 -50.65 -20.67
C ASP A 554 -4.65 -50.16 -21.74
N VAL A 555 -4.98 -48.88 -21.67
CA VAL A 555 -5.90 -48.29 -22.64
C VAL A 555 -5.28 -48.26 -24.04
N MET A 556 -4.00 -47.93 -24.11
CA MET A 556 -3.28 -47.87 -25.37
C MET A 556 -2.99 -49.26 -25.91
N ALA A 557 -2.98 -50.25 -25.02
CA ALA A 557 -2.73 -51.63 -25.42
C ALA A 557 -3.94 -52.19 -26.15
N GLU A 558 -5.11 -52.08 -25.53
CA GLU A 558 -6.35 -52.57 -26.12
C GLU A 558 -6.71 -51.71 -27.34
N GLY A 559 -6.06 -50.56 -27.45
CA GLY A 559 -6.32 -49.65 -28.56
C GLY A 559 -5.50 -49.96 -29.79
N PHE A 560 -4.18 -50.10 -29.62
CA PHE A 560 -3.29 -50.40 -30.73
C PHE A 560 -2.42 -51.62 -30.42
N PRO A 561 -3.00 -52.82 -30.43
CA PRO A 561 -2.30 -54.08 -30.16
C PRO A 561 -1.14 -54.36 -31.12
N ASP A 562 -1.32 -53.96 -32.38
CA ASP A 562 -0.31 -54.19 -33.41
C ASP A 562 1.06 -53.59 -33.11
N ARG A 563 1.13 -52.63 -32.18
CA ARG A 563 2.42 -52.02 -31.86
C ARG A 563 2.56 -51.43 -30.46
N MET A 564 1.48 -51.41 -29.69
CA MET A 564 1.56 -50.86 -28.35
C MET A 564 1.20 -51.85 -27.25
N LYS A 565 1.29 -53.14 -27.55
CA LYS A 565 0.99 -54.16 -26.56
C LYS A 565 2.29 -54.61 -25.91
N ASP A 566 2.22 -55.02 -24.65
CA ASP A 566 3.40 -55.46 -23.92
C ASP A 566 3.05 -56.57 -22.95
N ASP A 567 3.84 -57.64 -22.97
CA ASP A 567 3.61 -58.79 -22.11
C ASP A 567 4.63 -58.96 -20.99
N ARG A 568 5.74 -58.21 -21.07
CA ARG A 568 6.79 -58.29 -20.05
C ARG A 568 6.49 -57.37 -18.87
N ARG A 569 7.42 -57.31 -17.93
CA ARG A 569 7.27 -56.47 -16.75
C ARG A 569 8.21 -55.27 -16.80
N SER A 570 7.64 -54.08 -16.94
CA SER A 570 8.42 -52.85 -17.00
C SER A 570 8.52 -52.19 -15.62
N ALA A 571 9.37 -51.17 -15.52
CA ALA A 571 9.56 -50.46 -14.27
C ALA A 571 8.25 -49.83 -13.81
N ILE A 572 7.36 -49.56 -14.77
CA ILE A 572 6.07 -48.96 -14.48
C ILE A 572 5.24 -49.92 -13.62
N ASP A 573 5.41 -51.21 -13.86
CA ASP A 573 4.69 -52.23 -13.10
C ASP A 573 5.34 -52.46 -11.74
N ALA A 574 6.67 -52.49 -11.73
CA ALA A 574 7.42 -52.70 -10.49
C ALA A 574 7.04 -51.70 -9.41
N LEU A 575 6.63 -50.50 -9.83
CA LEU A 575 6.24 -49.45 -8.91
C LEU A 575 4.78 -49.57 -8.48
N TYR A 576 3.91 -49.90 -9.44
CA TYR A 576 2.50 -50.04 -9.17
C TYR A 576 2.26 -51.19 -8.21
N GLU A 577 3.17 -52.15 -8.22
CA GLU A 577 3.08 -53.32 -7.35
C GLU A 577 3.97 -53.15 -6.13
N ALA A 578 4.38 -51.92 -5.87
CA ALA A 578 5.24 -51.60 -4.73
C ALA A 578 4.66 -50.42 -3.94
N LYS A 579 3.37 -50.19 -4.14
CA LYS A 579 2.65 -49.10 -3.47
C LYS A 579 3.20 -47.72 -3.81
N ARG A 580 4.16 -47.68 -4.74
CA ARG A 580 4.75 -46.40 -5.17
C ARG A 580 3.82 -45.84 -6.24
N LEU A 581 3.23 -44.68 -5.98
CA LEU A 581 2.29 -44.09 -6.92
C LEU A 581 2.60 -42.69 -7.46
N GLY A 582 3.82 -42.22 -7.24
CA GLY A 582 4.18 -40.91 -7.74
C GLY A 582 4.37 -39.80 -6.71
N GLN A 583 4.24 -38.55 -7.17
CA GLN A 583 4.40 -37.38 -6.31
C GLN A 583 3.31 -37.26 -5.25
N LYS A 584 2.10 -37.72 -5.59
CA LYS A 584 0.98 -37.66 -4.67
C LYS A 584 1.22 -38.59 -3.49
N ASN A 585 1.84 -39.73 -3.76
CA ASN A 585 2.12 -40.72 -2.73
C ASN A 585 3.46 -40.42 -2.06
N GLY A 586 4.25 -39.56 -2.71
CA GLY A 586 5.55 -39.20 -2.16
C GLY A 586 6.63 -40.21 -2.53
N LYS A 587 6.25 -41.23 -3.29
CA LYS A 587 7.19 -42.26 -3.69
C LYS A 587 7.00 -42.72 -5.14
N GLY A 588 8.08 -42.58 -5.91
CA GLY A 588 8.08 -42.99 -7.32
C GLY A 588 9.52 -43.34 -7.62
N PHE A 589 10.12 -42.66 -8.60
CA PHE A 589 11.52 -42.92 -8.92
C PHE A 589 12.34 -42.11 -7.93
N TYR A 590 11.76 -41.01 -7.47
CA TYR A 590 12.41 -40.13 -6.50
C TYR A 590 11.57 -40.10 -5.23
N ALA A 591 12.08 -39.40 -4.21
CA ALA A 591 11.38 -39.27 -2.95
C ALA A 591 10.82 -37.85 -2.91
N TYR A 592 9.55 -37.71 -2.51
CA TYR A 592 8.94 -36.40 -2.45
C TYR A 592 8.45 -35.99 -1.06
N GLU A 593 9.38 -35.49 -0.25
CA GLU A 593 9.08 -35.06 1.10
C GLU A 593 8.48 -33.65 1.09
N LYS A 601 12.82 -30.88 -2.75
CA LYS A 601 11.50 -31.44 -3.06
C LYS A 601 11.63 -32.57 -4.08
N LYS A 602 12.86 -32.85 -4.50
CA LYS A 602 13.13 -33.90 -5.47
C LYS A 602 14.47 -34.56 -5.17
N LEU A 603 14.44 -35.66 -4.41
CA LEU A 603 15.65 -36.36 -4.03
C LEU A 603 15.74 -37.77 -4.61
N VAL A 604 16.98 -38.22 -4.83
CA VAL A 604 17.24 -39.55 -5.37
C VAL A 604 17.40 -40.54 -4.22
N ASP A 605 16.44 -41.45 -4.09
CA ASP A 605 16.48 -42.44 -3.02
C ASP A 605 16.88 -43.81 -3.56
N SER A 606 17.84 -44.44 -2.90
CA SER A 606 18.34 -45.75 -3.31
C SER A 606 17.41 -46.90 -2.95
N SER A 607 16.31 -46.59 -2.25
CA SER A 607 15.36 -47.63 -1.85
C SER A 607 14.52 -48.10 -3.03
N VAL A 608 14.82 -47.60 -4.22
CA VAL A 608 14.09 -47.96 -5.42
C VAL A 608 14.83 -49.05 -6.19
N LEU A 609 16.16 -49.07 -6.03
CA LEU A 609 16.99 -50.06 -6.70
C LEU A 609 16.54 -51.48 -6.39
N GLU A 610 16.06 -51.68 -5.17
CA GLU A 610 15.60 -52.99 -4.74
C GLU A 610 14.26 -53.35 -5.38
N VAL A 611 13.60 -52.34 -5.95
CA VAL A 611 12.30 -52.55 -6.58
C VAL A 611 12.41 -52.67 -8.11
N LEU A 612 13.38 -51.98 -8.69
CA LEU A 612 13.56 -52.00 -10.13
C LEU A 612 14.40 -53.18 -10.63
N LYS A 613 14.86 -54.02 -9.72
CA LYS A 613 15.68 -55.18 -10.07
C LYS A 613 14.93 -56.15 -10.99
N PRO A 614 13.69 -56.52 -10.62
CA PRO A 614 12.88 -57.44 -11.43
C PRO A 614 12.62 -56.97 -12.87
N ILE A 615 13.03 -55.75 -13.17
CA ILE A 615 12.81 -55.20 -14.51
C ILE A 615 14.08 -55.23 -15.35
N VAL A 616 15.23 -55.13 -14.69
CA VAL A 616 16.51 -55.15 -15.39
C VAL A 616 16.77 -56.51 -16.01
N TYR A 617 16.71 -56.57 -17.34
CA TYR A 617 16.92 -57.81 -18.06
C TYR A 617 18.38 -57.90 -18.52
N GLU A 618 18.67 -57.37 -19.71
CA GLU A 618 20.04 -57.39 -20.21
C GLU A 618 20.83 -56.29 -19.49
N GLN A 619 22.05 -56.05 -19.96
CA GLN A 619 22.90 -55.03 -19.36
C GLN A 619 23.71 -54.38 -20.47
N ARG A 620 23.02 -54.07 -21.56
CA ARG A 620 23.61 -53.45 -22.75
C ARG A 620 24.17 -52.05 -22.49
N ASP A 621 25.28 -51.73 -23.15
CA ASP A 621 25.90 -50.42 -23.01
C ASP A 621 25.09 -49.41 -23.80
N VAL A 622 25.29 -48.12 -23.52
CA VAL A 622 24.56 -47.08 -24.22
C VAL A 622 25.09 -45.68 -23.95
N THR A 623 25.14 -44.87 -25.00
CA THR A 623 25.64 -43.50 -24.90
C THR A 623 24.45 -42.57 -24.69
N ASP A 624 24.65 -41.28 -24.91
CA ASP A 624 23.58 -40.30 -24.75
C ASP A 624 22.77 -40.17 -26.04
N GLU A 625 23.48 -40.13 -27.17
CA GLU A 625 22.84 -40.00 -28.47
C GLU A 625 21.83 -41.11 -28.69
N ASP A 626 22.07 -42.27 -28.08
CA ASP A 626 21.18 -43.40 -28.21
C ASP A 626 19.91 -43.15 -27.41
N ILE A 627 20.10 -42.73 -26.15
CA ILE A 627 18.96 -42.44 -25.27
C ILE A 627 17.99 -41.50 -25.96
N ILE A 628 18.53 -40.49 -26.63
CA ILE A 628 17.72 -39.51 -27.34
C ILE A 628 16.88 -40.16 -28.42
N ASN A 629 17.43 -41.16 -29.09
CA ASN A 629 16.72 -41.86 -30.16
C ASN A 629 15.79 -42.93 -29.59
N TRP A 630 16.20 -43.55 -28.48
CA TRP A 630 15.37 -44.57 -27.85
C TRP A 630 14.08 -43.95 -27.34
N MET A 631 14.07 -42.62 -27.22
CA MET A 631 12.91 -41.89 -26.75
C MET A 631 12.18 -41.10 -27.84
N MET A 632 12.94 -40.34 -28.62
CA MET A 632 12.36 -39.51 -29.66
C MET A 632 11.80 -40.25 -30.87
N ILE A 633 12.48 -41.29 -31.32
CA ILE A 633 12.00 -42.05 -32.48
C ILE A 633 10.55 -42.50 -32.34
N PRO A 634 10.20 -43.12 -31.21
CA PRO A 634 8.82 -43.57 -31.00
C PRO A 634 7.82 -42.41 -31.04
N LEU A 635 8.11 -41.38 -30.27
CA LEU A 635 7.26 -40.20 -30.18
C LEU A 635 7.01 -39.57 -31.56
N CYS A 636 8.08 -39.37 -32.32
CA CYS A 636 7.96 -38.78 -33.64
C CYS A 636 7.15 -39.66 -34.59
N LEU A 637 7.57 -40.93 -34.71
CA LEU A 637 6.89 -41.87 -35.59
C LEU A 637 5.41 -41.97 -35.29
N GLU A 638 5.06 -41.97 -34.01
CA GLU A 638 3.66 -42.05 -33.61
C GLU A 638 2.92 -40.80 -34.06
N THR A 639 3.59 -39.65 -33.98
CA THR A 639 3.00 -38.39 -34.39
C THR A 639 2.72 -38.46 -35.88
N VAL A 640 3.61 -39.16 -36.59
CA VAL A 640 3.48 -39.34 -38.03
C VAL A 640 2.21 -40.14 -38.33
N ARG A 641 1.93 -41.13 -37.49
CA ARG A 641 0.75 -41.97 -37.66
C ARG A 641 -0.50 -41.17 -37.34
N CYS A 642 -0.39 -40.28 -36.37
CA CYS A 642 -1.53 -39.45 -35.97
C CYS A 642 -1.86 -38.44 -37.06
N LEU A 643 -1.12 -38.50 -38.16
CA LEU A 643 -1.32 -37.61 -39.29
C LEU A 643 -1.75 -38.41 -40.51
N GLU A 644 -1.11 -39.57 -40.70
CA GLU A 644 -1.42 -40.43 -41.83
C GLU A 644 -2.77 -41.12 -41.67
N ASP A 645 -2.99 -41.72 -40.50
CA ASP A 645 -4.26 -42.40 -40.22
C ASP A 645 -5.44 -41.45 -40.31
N GLY A 646 -5.18 -40.15 -40.17
CA GLY A 646 -6.23 -39.16 -40.25
C GLY A 646 -6.83 -38.77 -38.91
N ILE A 647 -5.99 -38.19 -38.05
CA ILE A 647 -6.44 -37.74 -36.73
C ILE A 647 -6.37 -36.22 -36.71
N VAL A 648 -5.17 -35.68 -36.86
CA VAL A 648 -4.96 -34.24 -36.88
C VAL A 648 -5.03 -33.79 -38.34
N GLU A 649 -5.90 -32.83 -38.61
CA GLU A 649 -6.09 -32.34 -39.98
C GLU A 649 -4.80 -31.98 -40.72
N THR A 650 -3.85 -31.34 -40.04
CA THR A 650 -2.61 -30.95 -40.69
C THR A 650 -1.36 -31.24 -39.86
N ALA A 651 -0.20 -30.95 -40.45
CA ALA A 651 1.07 -31.16 -39.80
C ALA A 651 1.34 -30.07 -38.77
N ALA A 652 0.96 -28.84 -39.11
CA ALA A 652 1.16 -27.70 -38.22
C ALA A 652 0.40 -27.93 -36.92
N GLU A 653 -0.86 -28.37 -37.04
CA GLU A 653 -1.69 -28.63 -35.87
C GLU A 653 -1.15 -29.80 -35.06
N ALA A 654 -0.51 -30.74 -35.74
CA ALA A 654 0.06 -31.92 -35.10
C ALA A 654 1.18 -31.55 -34.12
N ASP A 655 2.07 -30.68 -34.58
CA ASP A 655 3.20 -30.24 -33.76
C ASP A 655 2.75 -29.34 -32.62
N MET A 656 1.95 -28.32 -32.94
CA MET A 656 1.46 -27.40 -31.92
C MET A 656 0.69 -28.14 -30.85
N GLY A 657 0.15 -29.31 -31.21
CA GLY A 657 -0.59 -30.11 -30.25
C GLY A 657 0.33 -30.61 -29.15
N LEU A 658 1.58 -30.88 -29.51
CA LEU A 658 2.57 -31.36 -28.56
C LEU A 658 3.24 -30.18 -27.87
N VAL A 659 3.42 -29.10 -28.62
CA VAL A 659 4.05 -27.89 -28.09
C VAL A 659 3.31 -27.36 -26.88
N TYR A 660 1.99 -27.57 -26.86
CA TYR A 660 1.16 -27.10 -25.76
C TYR A 660 0.80 -28.20 -24.75
N GLY A 661 0.62 -29.42 -25.26
CA GLY A 661 0.25 -30.53 -24.39
C GLY A 661 1.36 -31.24 -23.65
N ILE A 662 2.37 -31.71 -24.38
CA ILE A 662 3.48 -32.42 -23.75
C ILE A 662 4.63 -31.49 -23.37
N GLY A 663 4.63 -30.30 -23.94
CA GLY A 663 5.68 -29.34 -23.66
C GLY A 663 6.93 -29.62 -24.46
N PHE A 664 6.77 -29.85 -25.76
CA PHE A 664 7.88 -30.13 -26.65
C PHE A 664 8.80 -28.93 -26.74
N PRO A 665 10.13 -29.16 -26.70
CA PRO A 665 11.11 -28.07 -26.77
C PRO A 665 10.81 -27.11 -27.91
N LEU A 666 10.62 -25.84 -27.56
CA LEU A 666 10.30 -24.80 -28.54
C LEU A 666 11.38 -24.57 -29.59
N PHE A 667 12.64 -24.64 -29.18
CA PHE A 667 13.74 -24.41 -30.09
C PHE A 667 13.92 -25.56 -31.08
N ARG A 668 12.99 -26.50 -31.07
CA ARG A 668 13.04 -27.65 -31.96
C ARG A 668 11.86 -27.66 -32.91
N GLY A 669 10.88 -26.80 -32.65
CA GLY A 669 9.72 -26.72 -33.51
C GLY A 669 8.61 -27.72 -33.25
N GLY A 670 8.99 -28.98 -33.06
CA GLY A 670 7.99 -30.01 -32.81
C GLY A 670 8.49 -31.39 -33.19
N ALA A 671 7.61 -32.38 -33.06
CA ALA A 671 7.97 -33.76 -33.40
C ALA A 671 8.25 -33.92 -34.88
N LEU A 672 7.26 -33.57 -35.70
CA LEU A 672 7.40 -33.70 -37.15
C LEU A 672 8.52 -32.82 -37.69
N ARG A 673 8.57 -31.57 -37.25
CA ARG A 673 9.61 -30.65 -37.71
C ARG A 673 10.99 -31.17 -37.30
N TYR A 674 11.04 -31.92 -36.20
CA TYR A 674 12.30 -32.48 -35.73
C TYR A 674 12.82 -33.42 -36.80
N ILE A 675 11.91 -34.18 -37.40
CA ILE A 675 12.27 -35.12 -38.45
C ILE A 675 12.83 -34.34 -39.63
N ASP A 676 12.24 -33.18 -39.89
CA ASP A 676 12.67 -32.32 -40.99
C ASP A 676 14.05 -31.75 -40.69
N SER A 677 14.31 -31.44 -39.42
CA SER A 677 15.59 -30.88 -39.02
C SER A 677 16.71 -31.86 -39.33
N ILE A 678 16.47 -33.14 -39.05
CA ILE A 678 17.45 -34.18 -39.30
C ILE A 678 17.31 -34.67 -40.74
N GLY A 679 16.15 -34.44 -41.32
CA GLY A 679 15.89 -34.86 -42.68
C GLY A 679 14.97 -36.08 -42.67
N VAL A 680 13.89 -36.01 -43.43
CA VAL A 680 12.92 -37.10 -43.49
C VAL A 680 13.60 -38.40 -43.89
N ALA A 681 14.51 -38.32 -44.85
CA ALA A 681 15.23 -39.50 -45.32
C ALA A 681 16.24 -39.99 -44.28
N GLU A 682 17.02 -39.07 -43.74
CA GLU A 682 18.01 -39.42 -42.73
C GLU A 682 17.37 -39.97 -41.47
N PHE A 683 16.15 -39.53 -41.18
CA PHE A 683 15.43 -39.99 -40.00
C PHE A 683 15.05 -41.45 -40.14
N VAL A 684 14.70 -41.85 -41.36
CA VAL A 684 14.33 -43.23 -41.64
C VAL A 684 15.50 -44.15 -41.30
N ALA A 685 16.69 -43.75 -41.73
CA ALA A 685 17.89 -44.53 -41.46
C ALA A 685 18.13 -44.61 -39.95
N LEU A 686 17.80 -43.54 -39.26
CA LEU A 686 17.95 -43.48 -37.81
C LEU A 686 16.96 -44.41 -37.15
N ALA A 687 15.89 -44.74 -37.86
CA ALA A 687 14.85 -45.62 -37.35
C ALA A 687 15.21 -47.09 -37.54
N ASP A 688 16.02 -47.36 -38.56
CA ASP A 688 16.43 -48.73 -38.85
C ASP A 688 17.52 -49.20 -37.89
N GLN A 689 18.39 -48.28 -37.50
CA GLN A 689 19.48 -48.61 -36.59
C GLN A 689 18.96 -49.14 -35.26
N TYR A 690 17.82 -48.59 -34.82
CA TYR A 690 17.22 -49.03 -33.56
C TYR A 690 15.90 -49.75 -33.82
N ALA A 691 15.72 -50.22 -35.05
CA ALA A 691 14.50 -50.93 -35.43
C ALA A 691 14.35 -52.27 -34.70
N GLU A 692 15.42 -52.70 -34.05
CA GLU A 692 15.42 -53.97 -33.33
C GLU A 692 14.67 -53.86 -32.00
N LEU A 693 13.92 -52.78 -31.82
CA LEU A 693 13.19 -52.56 -30.57
C LEU A 693 11.67 -52.63 -30.69
N GLY A 694 11.17 -53.08 -31.84
CA GLY A 694 9.74 -53.20 -32.01
C GLY A 694 9.15 -52.38 -33.14
N ALA A 695 7.84 -52.51 -33.32
CA ALA A 695 7.12 -51.79 -34.38
C ALA A 695 7.11 -50.28 -34.14
N LEU A 696 7.39 -49.88 -32.91
CA LEU A 696 7.41 -48.46 -32.56
C LEU A 696 8.62 -47.75 -33.16
N TYR A 697 9.50 -48.52 -33.79
CA TYR A 697 10.69 -47.95 -34.41
C TYR A 697 10.75 -48.22 -35.92
N HIS A 698 9.63 -48.62 -36.49
CA HIS A 698 9.57 -48.90 -37.92
C HIS A 698 8.77 -47.83 -38.67
N PRO A 699 9.44 -47.11 -39.59
CA PRO A 699 8.76 -46.06 -40.36
C PRO A 699 7.57 -46.65 -41.14
N THR A 700 6.74 -45.78 -41.70
CA THR A 700 5.57 -46.24 -42.46
C THR A 700 5.87 -46.23 -43.95
N ALA A 701 5.00 -46.87 -44.72
CA ALA A 701 5.17 -46.93 -46.17
C ALA A 701 5.11 -45.54 -46.77
N LYS A 702 4.40 -44.64 -46.09
CA LYS A 702 4.27 -43.26 -46.55
C LYS A 702 5.46 -42.42 -46.11
N LEU A 703 6.01 -42.75 -44.95
CA LEU A 703 7.16 -42.02 -44.41
C LEU A 703 8.41 -42.38 -45.21
N ARG A 704 8.45 -43.61 -45.71
CA ARG A 704 9.59 -44.08 -46.50
C ARG A 704 9.51 -43.49 -47.90
N GLU A 705 8.29 -43.41 -48.43
CA GLU A 705 8.07 -42.87 -49.77
C GLU A 705 8.46 -41.40 -49.86
N MET A 706 7.94 -40.58 -48.96
CA MET A 706 8.24 -39.16 -48.95
C MET A 706 9.72 -38.92 -48.65
N ALA A 707 10.40 -39.96 -48.17
CA ALA A 707 11.82 -39.86 -47.85
C ALA A 707 12.62 -40.00 -49.14
N LYS A 708 12.01 -40.63 -50.15
CA LYS A 708 12.66 -40.83 -51.44
C LYS A 708 12.49 -39.60 -52.33
N ASN A 709 11.29 -39.03 -52.33
CA ASN A 709 11.01 -37.85 -53.13
C ASN A 709 11.69 -36.61 -52.57
N GLY A 710 12.23 -36.74 -51.36
CA GLY A 710 12.92 -35.62 -50.73
C GLY A 710 11.96 -34.68 -50.01
N GLN A 711 10.67 -34.95 -50.16
CA GLN A 711 9.64 -34.12 -49.52
C GLN A 711 9.81 -34.11 -48.01
N SER A 712 9.20 -33.11 -47.37
CA SER A 712 9.27 -32.96 -45.93
C SER A 712 7.89 -32.53 -45.41
N PHE A 713 7.72 -32.57 -44.09
CA PHE A 713 6.45 -32.19 -43.49
C PHE A 713 6.13 -30.71 -43.64
N PHE A 714 7.16 -29.86 -43.64
CA PHE A 714 6.95 -28.43 -43.79
C PHE A 714 7.76 -27.85 -44.94
N GLY A 715 7.81 -28.58 -46.05
CA GLY A 715 8.56 -28.12 -47.21
C GLY A 715 7.95 -26.86 -47.82
N MET B 1 -8.04 -17.29 55.00
CA MET B 1 -7.25 -16.41 54.09
C MET B 1 -7.17 -14.99 54.64
N ILE B 2 -6.51 -14.11 53.90
CA ILE B 2 -6.34 -12.71 54.31
C ILE B 2 -7.65 -11.95 54.28
N TYR B 3 -8.48 -12.24 53.29
CA TYR B 3 -9.78 -11.58 53.15
C TYR B 3 -10.72 -12.41 52.29
N GLU B 4 -12.02 -12.29 52.54
CA GLU B 4 -13.01 -13.03 51.78
C GLU B 4 -14.40 -12.40 51.87
N GLY B 5 -14.88 -11.88 50.75
CA GLY B 5 -16.19 -11.26 50.71
C GLY B 5 -17.13 -12.02 49.79
N LYS B 6 -18.10 -11.31 49.22
CA LYS B 6 -19.06 -11.93 48.31
C LYS B 6 -18.77 -11.56 46.86
N ALA B 7 -17.85 -10.63 46.67
CA ALA B 7 -17.48 -10.17 45.34
C ALA B 7 -15.97 -10.05 45.18
N ILE B 8 -15.26 -10.08 46.31
CA ILE B 8 -13.80 -9.98 46.29
C ILE B 8 -13.15 -11.00 47.22
N THR B 9 -12.07 -11.61 46.74
CA THR B 9 -11.34 -12.61 47.51
C THR B 9 -9.85 -12.34 47.40
N VAL B 10 -9.20 -12.13 48.54
CA VAL B 10 -7.77 -11.87 48.56
C VAL B 10 -7.02 -13.09 49.08
N THR B 11 -6.48 -13.88 48.16
CA THR B 11 -5.75 -15.09 48.54
C THR B 11 -4.24 -14.88 48.45
N ALA B 12 -3.52 -15.43 49.43
CA ALA B 12 -2.07 -15.30 49.47
C ALA B 12 -1.41 -16.21 48.44
N LEU B 13 -0.21 -15.83 48.01
CA LEU B 13 0.53 -16.60 47.02
C LEU B 13 1.99 -16.76 47.45
N GLU B 14 2.84 -17.15 46.50
CA GLU B 14 4.26 -17.34 46.78
C GLU B 14 5.00 -16.03 46.95
N SER B 15 6.22 -16.11 47.49
CA SER B 15 7.08 -14.95 47.69
C SER B 15 6.38 -13.75 48.34
N GLY B 16 5.38 -14.01 49.18
CA GLY B 16 4.69 -12.93 49.84
C GLY B 16 3.64 -12.25 48.99
N ILE B 17 3.74 -12.43 47.67
CA ILE B 17 2.77 -11.83 46.74
C ILE B 17 1.37 -12.34 47.08
N VAL B 18 0.38 -11.45 47.02
CA VAL B 18 -0.99 -11.82 47.33
C VAL B 18 -1.92 -11.39 46.21
N GLU B 19 -2.84 -12.28 45.84
CA GLU B 19 -3.79 -11.99 44.76
C GLU B 19 -5.13 -11.49 45.28
N LEU B 20 -5.68 -10.50 44.60
CA LEU B 20 -6.97 -9.92 44.97
C LEU B 20 -7.90 -10.12 43.77
N LYS B 21 -8.73 -11.15 43.83
CA LYS B 21 -9.64 -11.47 42.74
C LYS B 21 -11.06 -10.93 42.90
N PHE B 22 -11.58 -10.38 41.81
CA PHE B 22 -12.94 -9.82 41.80
C PHE B 22 -13.89 -10.89 41.27
N ASP B 23 -14.53 -11.61 42.19
CA ASP B 23 -15.45 -12.67 41.81
C ASP B 23 -16.77 -12.52 42.56
N LEU B 24 -17.74 -11.87 41.93
CA LEU B 24 -19.06 -11.65 42.52
C LEU B 24 -19.92 -12.91 42.40
N LYS B 25 -19.91 -13.72 43.45
CA LYS B 25 -20.68 -14.96 43.49
C LYS B 25 -22.16 -14.69 43.27
N GLY B 26 -22.81 -15.55 42.49
CA GLY B 26 -24.24 -15.37 42.23
C GLY B 26 -24.56 -14.69 40.92
N GLU B 27 -23.87 -13.57 40.66
CA GLU B 27 -24.09 -12.81 39.43
C GLU B 27 -23.19 -13.30 38.30
N SER B 28 -23.44 -12.79 37.10
CA SER B 28 -22.65 -13.18 35.93
C SER B 28 -21.39 -12.35 35.75
N VAL B 29 -21.49 -11.04 35.99
CA VAL B 29 -20.36 -10.14 35.83
C VAL B 29 -19.94 -9.48 37.12
N ASN B 30 -18.94 -8.60 37.01
CA ASN B 30 -18.44 -7.85 38.16
C ASN B 30 -18.65 -6.37 37.91
N LYS B 31 -18.98 -5.62 38.96
CA LYS B 31 -19.19 -4.19 38.84
C LYS B 31 -19.08 -3.53 40.20
N PHE B 32 -18.81 -2.23 40.22
CA PHE B 32 -18.67 -1.50 41.47
C PHE B 32 -19.99 -1.03 42.05
N ASN B 33 -20.68 -1.94 42.74
CA ASN B 33 -21.94 -1.61 43.39
C ASN B 33 -21.60 -1.09 44.78
N ARG B 34 -22.60 -0.97 45.64
CA ARG B 34 -22.36 -0.48 47.00
C ARG B 34 -21.52 -1.47 47.80
N LEU B 35 -21.76 -2.76 47.57
CA LEU B 35 -21.06 -3.83 48.27
C LEU B 35 -19.58 -3.91 47.92
N THR B 36 -19.29 -4.05 46.63
CA THR B 36 -17.92 -4.15 46.16
C THR B 36 -17.04 -3.00 46.66
N LEU B 37 -17.58 -1.78 46.62
CA LEU B 37 -16.85 -0.62 47.07
C LEU B 37 -16.44 -0.76 48.54
N ASN B 38 -17.34 -1.34 49.35
CA ASN B 38 -17.07 -1.53 50.76
C ASN B 38 -16.10 -2.68 51.00
N GLU B 39 -16.23 -3.76 50.23
CA GLU B 39 -15.34 -4.91 50.38
C GLU B 39 -13.94 -4.59 49.92
N LEU B 40 -13.82 -3.79 48.86
CA LEU B 40 -12.52 -3.42 48.34
C LEU B 40 -11.86 -2.55 49.40
N ARG B 41 -12.68 -1.74 50.07
CA ARG B 41 -12.20 -0.85 51.12
C ARG B 41 -11.53 -1.68 52.21
N GLN B 42 -12.24 -2.71 52.67
CA GLN B 42 -11.71 -3.59 53.71
C GLN B 42 -10.50 -4.35 53.21
N ALA B 43 -10.57 -4.80 51.97
CA ALA B 43 -9.47 -5.54 51.36
C ALA B 43 -8.19 -4.71 51.40
N VAL B 44 -8.30 -3.45 50.99
CA VAL B 44 -7.15 -2.54 51.00
C VAL B 44 -6.61 -2.34 52.41
N ASP B 45 -7.50 -2.04 53.35
CA ASP B 45 -7.11 -1.83 54.74
C ASP B 45 -6.49 -3.10 55.33
N ALA B 46 -6.81 -4.24 54.71
CA ALA B 46 -6.27 -5.51 55.16
C ALA B 46 -4.84 -5.67 54.68
N ILE B 47 -4.61 -5.37 53.41
CA ILE B 47 -3.29 -5.46 52.81
C ILE B 47 -2.42 -4.33 53.35
N LYS B 48 -3.08 -3.27 53.81
CA LYS B 48 -2.41 -2.10 54.36
C LYS B 48 -1.85 -2.39 55.74
N ALA B 49 -2.28 -3.51 56.32
CA ALA B 49 -1.83 -3.90 57.65
C ALA B 49 -0.93 -5.14 57.63
N ASP B 50 -1.25 -6.08 56.73
CA ASP B 50 -0.46 -7.30 56.61
C ASP B 50 0.95 -6.96 56.15
N ALA B 51 1.93 -7.25 56.99
CA ALA B 51 3.32 -6.96 56.69
C ALA B 51 4.01 -8.03 55.84
N SER B 52 3.36 -9.18 55.68
CA SER B 52 3.94 -10.27 54.89
C SER B 52 3.70 -10.09 53.39
N VAL B 53 2.96 -9.04 53.03
CA VAL B 53 2.66 -8.76 51.64
C VAL B 53 3.87 -8.20 50.91
N LYS B 54 4.12 -8.70 49.71
CA LYS B 54 5.27 -8.26 48.90
C LYS B 54 4.83 -7.81 47.51
N GLY B 55 3.53 -7.89 47.25
CA GLY B 55 3.00 -7.51 45.96
C GLY B 55 1.52 -7.85 45.83
N VAL B 56 0.84 -7.18 44.92
CA VAL B 56 -0.58 -7.43 44.72
C VAL B 56 -0.94 -7.64 43.25
N ILE B 57 -1.62 -8.75 42.98
CA ILE B 57 -2.04 -9.08 41.62
C ILE B 57 -3.57 -9.11 41.57
N VAL B 58 -4.16 -8.14 40.86
CA VAL B 58 -5.61 -8.05 40.75
C VAL B 58 -6.10 -8.86 39.56
N SER B 59 -6.92 -9.88 39.84
CA SER B 59 -7.45 -10.74 38.80
C SER B 59 -8.97 -10.74 38.77
N SER B 60 -9.55 -11.58 37.91
CA SER B 60 -10.99 -11.68 37.79
C SER B 60 -11.43 -13.13 37.67
N GLY B 61 -12.50 -13.50 38.38
CA GLY B 61 -12.99 -14.86 38.34
C GLY B 61 -14.02 -15.07 37.24
N LYS B 62 -14.78 -14.03 36.93
CA LYS B 62 -15.80 -14.10 35.89
C LYS B 62 -15.15 -14.01 34.52
N ASP B 63 -15.97 -14.06 33.47
CA ASP B 63 -15.46 -13.96 32.11
C ASP B 63 -14.89 -12.57 31.93
N VAL B 64 -15.76 -11.57 31.98
CA VAL B 64 -15.34 -10.18 31.84
C VAL B 64 -14.55 -9.80 33.09
N PHE B 65 -13.80 -8.70 33.02
CA PHE B 65 -13.03 -8.26 34.17
C PHE B 65 -13.97 -7.52 35.12
N ILE B 66 -14.22 -6.25 34.82
CA ILE B 66 -15.11 -5.43 35.64
C ILE B 66 -15.82 -4.41 34.76
N VAL B 67 -17.15 -4.44 34.75
CA VAL B 67 -17.93 -3.52 33.95
C VAL B 67 -18.54 -2.45 34.84
N GLY B 68 -19.23 -1.49 34.23
CA GLY B 68 -19.84 -0.42 34.98
C GLY B 68 -20.88 -0.92 35.97
N ALA B 69 -21.15 -0.11 36.99
CA ALA B 69 -22.12 -0.48 38.02
C ALA B 69 -23.51 -0.58 37.40
N ASP B 70 -24.45 -1.15 38.15
CA ASP B 70 -25.82 -1.30 37.67
C ASP B 70 -26.42 0.06 37.29
N ILE B 71 -26.95 0.12 36.07
CA ILE B 71 -27.54 1.35 35.57
C ILE B 71 -28.67 1.82 36.50
N THR B 72 -29.28 0.87 37.19
CA THR B 72 -30.37 1.17 38.11
C THR B 72 -29.89 2.05 39.26
N GLU B 73 -28.75 1.69 39.83
CA GLU B 73 -28.18 2.44 40.94
C GLU B 73 -27.69 3.82 40.52
N PHE B 74 -27.37 3.98 39.24
CA PHE B 74 -26.92 5.26 38.72
C PHE B 74 -28.00 6.30 38.93
N VAL B 75 -29.18 6.01 38.39
CA VAL B 75 -30.32 6.91 38.51
C VAL B 75 -30.61 7.24 39.97
N GLU B 76 -30.64 6.22 40.81
CA GLU B 76 -30.90 6.40 42.24
C GLU B 76 -29.87 7.33 42.87
N ASN B 77 -28.65 7.26 42.37
CA ASN B 77 -27.57 8.09 42.88
C ASN B 77 -27.56 9.51 42.32
N PHE B 78 -28.10 9.68 41.12
CA PHE B 78 -28.13 11.00 40.49
C PHE B 78 -29.33 11.86 40.89
N LYS B 79 -29.97 11.50 42.00
CA LYS B 79 -31.11 12.25 42.49
C LYS B 79 -30.71 12.97 43.78
N LEU B 80 -29.73 12.39 44.47
CA LEU B 80 -29.22 12.94 45.72
C LEU B 80 -28.66 14.34 45.51
N PRO B 81 -28.65 15.16 46.56
CA PRO B 81 -28.12 16.53 46.45
C PRO B 81 -26.65 16.51 46.04
N ASP B 82 -26.22 17.53 45.33
CA ASP B 82 -24.83 17.63 44.88
C ASP B 82 -23.83 17.39 46.00
N ALA B 83 -24.10 17.95 47.17
CA ALA B 83 -23.21 17.82 48.31
C ALA B 83 -23.05 16.35 48.74
N GLU B 84 -24.15 15.61 48.74
CA GLU B 84 -24.11 14.21 49.14
C GLU B 84 -23.50 13.32 48.06
N LEU B 85 -23.63 13.74 46.80
CA LEU B 85 -23.09 12.98 45.69
C LEU B 85 -21.57 13.04 45.67
N ILE B 86 -21.04 14.26 45.72
CA ILE B 86 -19.59 14.46 45.73
C ILE B 86 -18.92 13.71 46.87
N ALA B 87 -19.60 13.65 48.02
CA ALA B 87 -19.06 12.96 49.19
C ALA B 87 -18.99 11.47 48.89
N GLY B 88 -19.89 11.00 48.04
CA GLY B 88 -19.90 9.59 47.69
C GLY B 88 -18.71 9.20 46.84
N ASN B 89 -18.28 10.11 45.98
CA ASN B 89 -17.14 9.86 45.10
C ASN B 89 -15.84 10.25 45.79
N LEU B 90 -15.92 11.26 46.67
CA LEU B 90 -14.74 11.72 47.40
C LEU B 90 -14.21 10.58 48.25
N GLU B 91 -15.12 9.81 48.82
CA GLU B 91 -14.77 8.68 49.66
C GLU B 91 -14.46 7.46 48.80
N ALA B 92 -15.07 7.41 47.62
CA ALA B 92 -14.86 6.30 46.70
C ALA B 92 -13.44 6.33 46.13
N ASN B 93 -13.05 7.49 45.59
CA ASN B 93 -11.71 7.66 45.03
C ASN B 93 -10.64 7.39 46.08
N LYS B 94 -10.96 7.63 47.34
CA LYS B 94 -10.03 7.40 48.43
C LYS B 94 -9.61 5.93 48.45
N ILE B 95 -10.57 5.06 48.19
CA ILE B 95 -10.31 3.62 48.17
C ILE B 95 -9.24 3.29 47.15
N PHE B 96 -9.47 3.71 45.91
CA PHE B 96 -8.52 3.47 44.83
C PHE B 96 -7.18 4.13 45.14
N SER B 97 -7.23 5.37 45.62
CA SER B 97 -6.03 6.11 45.94
C SER B 97 -5.19 5.35 46.96
N ASP B 98 -5.84 4.71 47.93
CA ASP B 98 -5.14 3.94 48.94
C ASP B 98 -4.42 2.75 48.31
N PHE B 99 -5.06 2.11 47.34
CA PHE B 99 -4.47 0.98 46.65
C PHE B 99 -3.31 1.48 45.79
N GLU B 100 -3.37 2.76 45.45
CA GLU B 100 -2.34 3.39 44.64
C GLU B 100 -1.13 3.76 45.49
N ASP B 101 -1.38 4.32 46.67
CA ASP B 101 -0.31 4.71 47.58
C ASP B 101 0.24 3.53 48.38
N LEU B 102 -0.28 2.34 48.08
CA LEU B 102 0.16 1.13 48.76
C LEU B 102 1.67 0.98 48.54
N ASN B 103 2.43 0.93 49.62
CA ASN B 103 3.88 0.79 49.53
C ASN B 103 4.25 -0.63 49.09
N VAL B 104 3.90 -0.97 47.85
CA VAL B 104 4.17 -2.28 47.32
C VAL B 104 3.75 -2.33 45.84
N PRO B 105 4.49 -3.07 45.00
CA PRO B 105 4.17 -3.17 43.58
C PRO B 105 2.78 -3.79 43.33
N THR B 106 2.01 -3.16 42.46
CA THR B 106 0.66 -3.65 42.14
C THR B 106 0.48 -3.79 40.64
N VAL B 107 -0.11 -4.90 40.22
CA VAL B 107 -0.36 -5.15 38.80
C VAL B 107 -1.75 -5.70 38.57
N ALA B 108 -2.39 -5.28 37.49
CA ALA B 108 -3.74 -5.73 37.16
C ALA B 108 -3.70 -6.71 35.98
N ALA B 109 -4.31 -7.86 36.15
CA ALA B 109 -4.36 -8.87 35.10
C ALA B 109 -5.71 -8.82 34.37
N ILE B 110 -5.81 -7.95 33.39
CA ILE B 110 -7.04 -7.78 32.62
C ILE B 110 -7.25 -8.98 31.69
N ASN B 111 -8.05 -9.95 32.15
CA ASN B 111 -8.33 -11.14 31.37
C ASN B 111 -9.52 -10.93 30.43
N GLY B 112 -10.40 -10.02 30.79
CA GLY B 112 -11.56 -9.74 29.97
C GLY B 112 -11.94 -8.28 29.90
N ILE B 113 -13.18 -8.02 29.49
CA ILE B 113 -13.70 -6.67 29.35
C ILE B 113 -13.60 -5.86 30.64
N ALA B 114 -13.00 -4.68 30.53
CA ALA B 114 -12.84 -3.78 31.67
C ALA B 114 -13.35 -2.40 31.25
N LEU B 115 -14.61 -2.13 31.56
CA LEU B 115 -15.23 -0.86 31.21
C LEU B 115 -15.54 0.02 32.41
N GLY B 116 -15.71 1.32 32.15
CA GLY B 116 -16.03 2.27 33.20
C GLY B 116 -15.12 2.19 34.40
N GLY B 117 -15.70 1.92 35.57
CA GLY B 117 -14.90 1.81 36.78
C GLY B 117 -13.88 0.70 36.70
N GLY B 118 -14.18 -0.33 35.93
CA GLY B 118 -13.25 -1.44 35.80
C GLY B 118 -11.86 -0.99 35.34
N LEU B 119 -11.84 -0.14 34.31
CA LEU B 119 -10.58 0.36 33.77
C LEU B 119 -9.95 1.29 34.80
N GLU B 120 -10.77 2.10 35.46
CA GLU B 120 -10.28 3.03 36.48
C GLU B 120 -9.61 2.28 37.63
N MET B 121 -10.06 1.06 37.87
CA MET B 121 -9.49 0.22 38.92
C MET B 121 -8.06 -0.09 38.54
N CYS B 122 -7.90 -0.58 37.31
CA CYS B 122 -6.58 -0.93 36.80
C CYS B 122 -5.66 0.29 36.73
N LEU B 123 -6.22 1.43 36.34
CA LEU B 123 -5.45 2.66 36.24
C LEU B 123 -4.81 3.03 37.58
N ALA B 124 -5.43 2.58 38.66
CA ALA B 124 -4.92 2.87 40.00
C ALA B 124 -3.65 2.08 40.29
N ALA B 125 -3.56 0.87 39.75
CA ALA B 125 -2.39 0.02 39.96
C ALA B 125 -1.17 0.60 39.26
N ASP B 126 -0.03 -0.06 39.42
CA ASP B 126 1.21 0.38 38.80
C ASP B 126 1.35 -0.17 37.38
N PHE B 127 1.34 -1.49 37.26
CA PHE B 127 1.46 -2.13 35.95
C PHE B 127 0.13 -2.74 35.52
N ARG B 128 0.04 -3.08 34.25
CA ARG B 128 -1.18 -3.68 33.71
C ARG B 128 -0.89 -4.67 32.58
N VAL B 129 -1.34 -5.90 32.75
CA VAL B 129 -1.15 -6.94 31.75
C VAL B 129 -2.54 -7.23 31.19
N MET B 130 -2.65 -7.33 29.88
CA MET B 130 -3.95 -7.57 29.27
C MET B 130 -3.95 -8.73 28.27
N ALA B 131 -5.08 -9.43 28.21
CA ALA B 131 -5.24 -10.56 27.30
C ALA B 131 -5.61 -10.02 25.92
N ASP B 132 -4.99 -10.58 24.89
CA ASP B 132 -5.22 -10.15 23.52
C ASP B 132 -6.68 -10.20 23.09
N SER B 133 -7.49 -10.99 23.79
CA SER B 133 -8.90 -11.12 23.46
C SER B 133 -9.80 -10.24 24.33
N ALA B 134 -9.21 -9.26 25.00
CA ALA B 134 -9.97 -8.37 25.88
C ALA B 134 -10.14 -6.98 25.28
N LYS B 135 -10.91 -6.15 25.97
CA LYS B 135 -11.15 -4.78 25.55
C LYS B 135 -11.34 -3.87 26.77
N ILE B 136 -10.83 -2.65 26.68
CA ILE B 136 -10.96 -1.70 27.78
C ILE B 136 -11.41 -0.35 27.26
N GLY B 137 -12.08 0.42 28.11
CA GLY B 137 -12.55 1.73 27.69
C GLY B 137 -13.32 2.47 28.78
N LEU B 138 -13.70 3.70 28.48
CA LEU B 138 -14.44 4.53 29.44
C LEU B 138 -15.69 5.10 28.76
N PRO B 139 -16.76 4.29 28.67
CA PRO B 139 -18.03 4.69 28.05
C PRO B 139 -18.90 5.56 28.94
N GLU B 140 -18.27 6.42 29.73
CA GLU B 140 -19.01 7.30 30.64
C GLU B 140 -19.82 8.34 29.87
N VAL B 141 -19.24 8.88 28.80
CA VAL B 141 -19.90 9.90 28.00
C VAL B 141 -21.18 9.40 27.33
N LYS B 142 -21.36 8.09 27.31
CA LYS B 142 -22.55 7.51 26.70
C LYS B 142 -23.74 7.67 27.62
N LEU B 143 -23.52 8.40 28.72
CA LEU B 143 -24.57 8.65 29.70
C LEU B 143 -24.67 10.13 30.06
N GLY B 144 -23.79 10.94 29.46
CA GLY B 144 -23.79 12.37 29.73
C GLY B 144 -22.87 12.76 30.86
N ILE B 145 -21.94 11.86 31.21
CA ILE B 145 -20.98 12.11 32.27
C ILE B 145 -19.60 11.63 31.85
N TYR B 146 -18.62 11.81 32.74
CA TYR B 146 -17.25 11.37 32.44
C TYR B 146 -16.71 10.60 33.64
N PRO B 147 -15.64 9.80 33.42
CA PRO B 147 -15.02 9.01 34.49
C PRO B 147 -15.05 9.70 35.85
N GLY B 148 -15.72 9.07 36.82
CA GLY B 148 -15.82 9.64 38.15
C GLY B 148 -14.93 8.99 39.18
N PHE B 149 -14.29 7.88 38.83
CA PHE B 149 -13.41 7.17 39.74
C PHE B 149 -11.94 7.40 39.41
N GLY B 150 -11.55 8.66 39.27
CA GLY B 150 -10.18 9.01 38.97
C GLY B 150 -9.79 8.81 37.52
N GLY B 151 -10.76 8.44 36.69
CA GLY B 151 -10.47 8.23 35.28
C GLY B 151 -9.89 9.45 34.60
N THR B 152 -10.56 10.59 34.75
CA THR B 152 -10.11 11.83 34.13
C THR B 152 -8.88 12.38 34.83
N VAL B 153 -8.30 11.58 35.71
CA VAL B 153 -7.12 12.00 36.46
C VAL B 153 -5.89 11.17 36.14
N ARG B 154 -6.05 9.84 36.12
CA ARG B 154 -4.94 8.94 35.87
C ARG B 154 -4.64 8.67 34.41
N LEU B 155 -5.69 8.58 33.58
CA LEU B 155 -5.49 8.30 32.16
C LEU B 155 -4.71 9.39 31.43
N PRO B 156 -5.11 10.66 31.59
CA PRO B 156 -4.43 11.77 30.93
C PRO B 156 -2.95 11.87 31.30
N ARG B 157 -2.61 11.46 32.51
CA ARG B 157 -1.23 11.51 32.98
C ARG B 157 -0.48 10.22 32.67
N LEU B 158 -1.21 9.20 32.25
CA LEU B 158 -0.60 7.91 31.91
C LEU B 158 -0.35 7.69 30.42
N ILE B 159 -1.32 8.06 29.58
CA ILE B 159 -1.18 7.88 28.15
C ILE B 159 -1.09 9.18 27.37
N GLY B 160 -1.13 10.31 28.08
CA GLY B 160 -1.04 11.59 27.40
C GLY B 160 -2.38 12.31 27.28
N VAL B 161 -2.34 13.64 27.31
CA VAL B 161 -3.54 14.46 27.22
C VAL B 161 -4.42 14.10 26.02
N ASP B 162 -3.89 14.30 24.82
CA ASP B 162 -4.61 14.01 23.58
C ASP B 162 -5.29 12.63 23.60
N ASN B 163 -4.49 11.58 23.65
CA ASN B 163 -5.02 10.21 23.65
C ASN B 163 -6.09 10.02 24.72
N ALA B 164 -5.91 10.67 25.87
CA ALA B 164 -6.87 10.55 26.96
C ALA B 164 -8.18 11.21 26.56
N VAL B 165 -8.08 12.42 26.02
CA VAL B 165 -9.25 13.18 25.60
C VAL B 165 -10.09 12.34 24.64
N GLU B 166 -9.42 11.59 23.76
CA GLU B 166 -10.09 10.76 22.78
C GLU B 166 -10.80 9.60 23.47
N TRP B 167 -10.06 8.84 24.27
CA TRP B 167 -10.60 7.69 24.98
C TRP B 167 -11.81 8.05 25.84
N ILE B 168 -11.86 9.31 26.29
CA ILE B 168 -12.95 9.78 27.13
C ILE B 168 -14.12 10.39 26.35
N ALA B 169 -13.81 11.29 25.44
CA ALA B 169 -14.84 11.97 24.64
C ALA B 169 -15.62 11.01 23.76
N SER B 170 -15.02 9.88 23.42
CA SER B 170 -15.67 8.90 22.55
C SER B 170 -16.30 7.76 23.34
N GLY B 171 -15.61 7.34 24.41
CA GLY B 171 -16.14 6.26 25.22
C GLY B 171 -16.10 4.94 24.47
N LYS B 172 -15.29 4.90 23.41
CA LYS B 172 -15.15 3.72 22.58
C LYS B 172 -14.36 2.61 23.29
N GLU B 173 -14.63 1.38 22.90
CA GLU B 173 -13.92 0.23 23.47
C GLU B 173 -12.58 0.17 22.75
N ASN B 174 -11.57 -0.36 23.41
CA ASN B 174 -10.24 -0.43 22.80
C ASN B 174 -9.68 -1.85 22.76
N ARG B 175 -9.20 -2.25 21.58
CA ARG B 175 -8.63 -3.57 21.39
C ARG B 175 -7.28 -3.68 22.10
N ALA B 176 -6.78 -4.90 22.23
CA ALA B 176 -5.50 -5.15 22.89
C ALA B 176 -4.36 -4.41 22.21
N GLU B 177 -4.31 -4.50 20.89
CA GLU B 177 -3.26 -3.85 20.11
C GLU B 177 -3.16 -2.35 20.39
N ASP B 178 -4.29 -1.66 20.25
CA ASP B 178 -4.33 -0.22 20.48
C ASP B 178 -4.07 0.16 21.93
N ALA B 179 -4.55 -0.66 22.85
CA ALA B 179 -4.36 -0.40 24.28
C ALA B 179 -2.89 -0.33 24.65
N LEU B 180 -2.07 -1.17 24.01
CA LEU B 180 -0.65 -1.20 24.29
C LEU B 180 0.07 -0.02 23.65
N LYS B 181 -0.30 0.30 22.43
CA LYS B 181 0.32 1.41 21.71
C LYS B 181 0.20 2.74 22.44
N VAL B 182 -0.92 2.93 23.12
CA VAL B 182 -1.14 4.17 23.88
C VAL B 182 -0.60 4.00 25.29
N SER B 183 -0.04 2.83 25.57
CA SER B 183 0.52 2.52 26.87
C SER B 183 -0.49 2.46 28.02
N ALA B 184 -1.75 2.21 27.67
CA ALA B 184 -2.80 2.10 28.67
C ALA B 184 -2.56 0.75 29.36
N VAL B 185 -1.82 -0.10 28.67
CA VAL B 185 -1.48 -1.43 29.15
C VAL B 185 0.04 -1.57 28.96
N ASP B 186 0.69 -2.35 29.82
CA ASP B 186 2.13 -2.52 29.73
C ASP B 186 2.56 -3.74 28.91
N ALA B 187 1.67 -4.69 28.72
CA ALA B 187 2.00 -5.90 27.96
C ALA B 187 0.77 -6.73 27.62
N VAL B 188 0.79 -7.31 26.42
CA VAL B 188 -0.32 -8.15 25.96
C VAL B 188 0.18 -9.58 25.78
N VAL B 189 -0.60 -10.54 26.28
CA VAL B 189 -0.25 -11.94 26.17
C VAL B 189 -1.50 -12.80 25.96
N THR B 190 -1.29 -14.05 25.55
CA THR B 190 -2.39 -14.97 25.31
C THR B 190 -3.17 -15.15 26.61
N ALA B 191 -4.43 -15.54 26.49
CA ALA B 191 -5.29 -15.75 27.65
C ALA B 191 -4.68 -16.70 28.68
N ASP B 192 -4.28 -17.89 28.23
CA ASP B 192 -3.71 -18.90 29.12
C ASP B 192 -2.44 -18.46 29.84
N LYS B 193 -1.59 -17.70 29.15
CA LYS B 193 -0.33 -17.25 29.72
C LYS B 193 -0.44 -15.96 30.53
N LEU B 194 -1.64 -15.39 30.59
CA LEU B 194 -1.87 -14.16 31.33
C LEU B 194 -1.59 -14.34 32.81
N GLY B 195 -1.72 -15.57 33.28
CA GLY B 195 -1.47 -15.84 34.69
C GLY B 195 -0.03 -15.59 35.11
N ALA B 196 0.90 -16.34 34.52
CA ALA B 196 2.31 -16.20 34.84
C ALA B 196 2.82 -14.82 34.44
N ALA B 197 2.13 -14.20 33.49
CA ALA B 197 2.52 -12.87 33.01
C ALA B 197 2.53 -11.86 34.16
N ALA B 198 1.53 -11.95 35.03
CA ALA B 198 1.43 -11.04 36.18
C ALA B 198 2.44 -11.40 37.26
N LEU B 199 2.55 -12.70 37.54
CA LEU B 199 3.47 -13.18 38.55
C LEU B 199 4.90 -12.79 38.20
N ASP B 200 5.29 -13.09 36.96
CA ASP B 200 6.63 -12.77 36.48
C ASP B 200 6.93 -11.27 36.56
N LEU B 201 5.91 -10.47 36.28
CA LEU B 201 6.06 -9.02 36.31
C LEU B 201 6.27 -8.53 37.74
N ILE B 202 5.49 -9.07 38.67
CA ILE B 202 5.60 -8.69 40.07
C ILE B 202 7.01 -8.88 40.60
N LYS B 203 7.55 -10.08 40.42
CA LYS B 203 8.90 -10.38 40.88
C LYS B 203 9.95 -9.46 40.28
N ARG B 204 9.70 -9.03 39.04
CA ARG B 204 10.63 -8.14 38.36
C ARG B 204 10.43 -6.70 38.80
N ALA B 205 9.51 -6.50 39.73
CA ALA B 205 9.23 -5.17 40.27
C ALA B 205 9.75 -5.09 41.70
N ILE B 206 9.60 -6.20 42.42
CA ILE B 206 10.05 -6.29 43.80
C ILE B 206 11.57 -6.22 43.87
N SER B 207 12.23 -7.01 43.02
CA SER B 207 13.68 -7.05 42.97
C SER B 207 14.26 -5.66 42.68
N GLY B 208 13.56 -4.91 41.83
CA GLY B 208 14.03 -3.58 41.48
C GLY B 208 14.29 -3.43 40.01
N GLU B 209 14.07 -4.51 39.26
CA GLU B 209 14.27 -4.51 37.82
C GLU B 209 13.38 -3.43 37.19
N LEU B 210 12.11 -3.43 37.60
CA LEU B 210 11.13 -2.46 37.10
C LEU B 210 10.78 -1.50 38.22
N ASP B 211 11.32 -0.29 38.14
CA ASP B 211 11.07 0.74 39.16
C ASP B 211 9.58 1.08 39.17
N TYR B 212 8.83 0.49 40.10
CA TYR B 212 7.41 0.73 40.19
C TYR B 212 7.09 2.10 40.79
N LYS B 213 8.00 2.59 41.62
CA LYS B 213 7.83 3.89 42.26
C LYS B 213 7.88 5.01 41.23
N ALA B 214 8.70 4.81 40.21
CA ALA B 214 8.87 5.80 39.15
C ALA B 214 7.75 5.71 38.12
N LYS B 215 7.18 4.53 37.96
CA LYS B 215 6.11 4.32 37.00
C LYS B 215 4.76 4.79 37.56
N ARG B 216 4.70 4.90 38.88
CA ARG B 216 3.49 5.33 39.57
C ARG B 216 3.45 6.85 39.73
N GLN B 217 4.63 7.46 39.73
CA GLN B 217 4.77 8.89 39.91
C GLN B 217 3.98 9.79 38.94
N PRO B 218 4.09 9.52 37.64
CA PRO B 218 3.39 10.31 36.62
C PRO B 218 1.94 10.71 36.94
N LYS B 219 1.16 9.78 37.47
CA LYS B 219 -0.24 10.06 37.79
C LYS B 219 -0.44 10.60 39.20
N LEU B 220 0.63 11.11 39.79
CA LEU B 220 0.59 11.68 41.13
C LEU B 220 1.13 13.11 41.06
N GLU B 221 1.45 13.55 39.85
CA GLU B 221 1.99 14.88 39.62
C GLU B 221 1.38 15.58 38.41
N LYS B 222 1.73 16.85 38.26
CA LYS B 222 1.24 17.68 37.15
C LYS B 222 1.62 17.08 35.81
N LEU B 223 0.88 17.44 34.78
CA LEU B 223 1.13 16.94 33.43
C LEU B 223 2.51 17.41 33.01
N LYS B 224 3.16 16.66 32.12
CA LYS B 224 4.49 17.00 31.66
C LYS B 224 4.46 18.09 30.59
N LEU B 225 3.30 18.32 30.00
CA LEU B 225 3.15 19.34 28.95
C LEU B 225 3.51 20.76 29.38
N ASN B 226 3.93 21.54 28.39
CA ASN B 226 4.31 22.93 28.60
C ASN B 226 3.04 23.74 28.76
N ALA B 227 3.15 24.95 29.27
CA ALA B 227 1.99 25.82 29.44
C ALA B 227 1.44 26.15 28.05
N ILE B 228 2.35 26.51 27.15
CA ILE B 228 2.01 26.86 25.78
C ILE B 228 1.43 25.63 25.10
N GLU B 229 2.06 24.48 25.30
CA GLU B 229 1.60 23.24 24.71
C GLU B 229 0.21 22.88 25.21
N GLN B 230 -0.07 23.24 26.46
CA GLN B 230 -1.38 22.96 27.05
C GLN B 230 -2.45 23.81 26.38
N MET B 231 -2.13 25.09 26.17
CA MET B 231 -3.06 26.03 25.55
C MET B 231 -3.60 25.42 24.27
N MET B 232 -2.72 24.81 23.48
CA MET B 232 -3.14 24.18 22.24
C MET B 232 -3.76 22.81 22.48
N ALA B 233 -3.09 22.00 23.30
CA ALA B 233 -3.55 20.65 23.61
C ALA B 233 -5.03 20.59 23.99
N PHE B 234 -5.50 21.60 24.72
CA PHE B 234 -6.90 21.63 25.15
C PHE B 234 -7.83 22.41 24.22
N GLU B 235 -7.45 23.64 23.88
CA GLU B 235 -8.28 24.48 23.02
C GLU B 235 -8.64 23.78 21.70
N THR B 236 -7.66 23.15 21.07
CA THR B 236 -7.91 22.45 19.82
C THR B 236 -8.85 21.28 20.08
N ALA B 237 -8.63 20.60 21.21
CA ALA B 237 -9.46 19.48 21.59
C ALA B 237 -10.90 19.94 21.77
N LYS B 238 -11.06 21.07 22.45
CA LYS B 238 -12.38 21.64 22.69
C LYS B 238 -13.05 22.00 21.37
N GLY B 239 -12.34 22.73 20.52
CA GLY B 239 -12.89 23.12 19.24
C GLY B 239 -13.22 21.93 18.37
N PHE B 240 -12.44 20.86 18.52
CA PHE B 240 -12.64 19.64 17.74
C PHE B 240 -13.93 18.94 18.16
N VAL B 241 -14.05 18.66 19.45
CA VAL B 241 -15.22 17.98 20.00
C VAL B 241 -16.49 18.80 19.81
N ALA B 242 -16.40 20.10 20.08
CA ALA B 242 -17.55 20.99 19.96
C ALA B 242 -18.09 21.02 18.53
N GLY B 243 -17.24 20.72 17.56
CA GLY B 243 -17.67 20.73 16.18
C GLY B 243 -18.12 19.39 15.64
N GLN B 244 -17.94 18.33 16.41
CA GLN B 244 -18.33 17.00 15.98
C GLN B 244 -19.28 16.35 16.98
N ALA B 245 -19.66 17.11 18.01
CA ALA B 245 -20.57 16.61 19.03
C ALA B 245 -21.79 17.52 19.13
N GLY B 246 -21.56 18.82 19.21
CA GLY B 246 -22.65 19.77 19.31
C GLY B 246 -22.76 20.36 20.70
N PRO B 247 -23.26 21.60 20.81
CA PRO B 247 -23.43 22.28 22.11
C PRO B 247 -24.45 21.58 23.00
N ASN B 248 -25.07 20.54 22.49
CA ASN B 248 -26.10 19.80 23.24
C ASN B 248 -25.56 18.76 24.21
N TYR B 249 -24.34 18.28 23.97
CA TYR B 249 -23.73 17.27 24.85
C TYR B 249 -22.60 17.90 25.67
N PRO B 250 -22.89 18.26 26.92
CA PRO B 250 -21.91 18.87 27.84
C PRO B 250 -20.73 17.98 28.22
N ALA B 251 -21.03 16.73 28.58
CA ALA B 251 -20.03 15.77 29.00
C ALA B 251 -18.72 15.77 28.19
N PRO B 252 -18.81 15.60 26.86
CA PRO B 252 -17.63 15.59 26.00
C PRO B 252 -16.66 16.74 26.24
N VAL B 253 -17.19 17.96 26.32
CA VAL B 253 -16.38 19.14 26.52
C VAL B 253 -15.96 19.33 27.98
N GLU B 254 -16.87 19.03 28.90
CA GLU B 254 -16.56 19.16 30.32
C GLU B 254 -15.38 18.31 30.74
N ALA B 255 -15.24 17.14 30.12
CA ALA B 255 -14.14 16.24 30.42
C ALA B 255 -12.82 16.94 30.12
N ILE B 256 -12.79 17.69 29.02
CA ILE B 256 -11.59 18.43 28.61
C ILE B 256 -11.31 19.56 29.60
N LYS B 257 -12.33 20.36 29.88
CA LYS B 257 -12.18 21.48 30.80
C LYS B 257 -11.68 21.00 32.16
N THR B 258 -12.07 19.79 32.53
CA THR B 258 -11.65 19.22 33.81
C THR B 258 -10.15 18.96 33.79
N ILE B 259 -9.70 18.23 32.77
CA ILE B 259 -8.29 17.89 32.63
C ILE B 259 -7.47 19.17 32.43
N GLN B 260 -8.10 20.18 31.85
CA GLN B 260 -7.43 21.45 31.59
C GLN B 260 -7.16 22.21 32.88
N LYS B 261 -8.05 22.08 33.86
CA LYS B 261 -7.87 22.76 35.14
C LYS B 261 -6.84 22.06 36.02
N ALA B 262 -6.89 20.74 36.07
CA ALA B 262 -5.96 19.96 36.88
C ALA B 262 -4.61 19.77 36.19
N ALA B 263 -4.46 20.42 35.04
CA ALA B 263 -3.23 20.32 34.25
C ALA B 263 -1.99 20.76 35.03
N ASN B 264 -2.18 21.43 36.15
CA ASN B 264 -1.05 21.89 36.97
C ASN B 264 -1.15 21.43 38.41
N PHE B 265 -2.06 20.51 38.69
CA PHE B 265 -2.24 20.01 40.03
C PHE B 265 -1.81 18.56 40.17
N GLY B 266 -1.78 18.07 41.41
CA GLY B 266 -1.42 16.70 41.67
C GLY B 266 -2.66 15.84 41.57
N ARG B 267 -2.66 14.67 42.21
CA ARG B 267 -3.81 13.79 42.15
C ARG B 267 -4.99 14.30 42.98
N ASP B 268 -4.69 14.74 44.20
CA ASP B 268 -5.70 15.24 45.11
C ASP B 268 -6.58 16.36 44.55
N LYS B 269 -5.95 17.46 44.15
CA LYS B 269 -6.69 18.60 43.60
C LYS B 269 -7.39 18.22 42.30
N ALA B 270 -6.79 17.31 41.54
CA ALA B 270 -7.36 16.86 40.28
C ALA B 270 -8.67 16.13 40.52
N LEU B 271 -8.70 15.30 41.56
CA LEU B 271 -9.89 14.55 41.90
C LEU B 271 -11.02 15.50 42.32
N GLU B 272 -10.66 16.59 42.98
CA GLU B 272 -11.63 17.58 43.43
C GLU B 272 -12.30 18.23 42.24
N VAL B 273 -11.55 18.37 41.14
CA VAL B 273 -12.07 18.98 39.94
C VAL B 273 -12.93 17.96 39.19
N GLU B 274 -12.56 16.69 39.32
CA GLU B 274 -13.27 15.60 38.67
C GLU B 274 -14.68 15.47 39.25
N ALA B 275 -14.75 15.23 40.56
CA ALA B 275 -16.01 15.08 41.25
C ALA B 275 -16.91 16.31 41.08
N ALA B 276 -16.30 17.49 41.14
CA ALA B 276 -17.05 18.74 41.00
C ALA B 276 -17.81 18.78 39.67
N GLY B 277 -17.15 18.36 38.60
CA GLY B 277 -17.79 18.35 37.30
C GLY B 277 -18.74 17.20 37.14
N PHE B 278 -18.44 16.08 37.79
CA PHE B 278 -19.27 14.89 37.73
C PHE B 278 -20.68 15.21 38.23
N ALA B 279 -20.74 15.96 39.33
CA ALA B 279 -22.02 16.35 39.92
C ALA B 279 -22.81 17.28 39.00
N LYS B 280 -22.09 18.18 38.33
CA LYS B 280 -22.70 19.14 37.43
C LYS B 280 -23.35 18.45 36.23
N LEU B 281 -22.71 17.39 35.74
CA LEU B 281 -23.24 16.65 34.58
C LEU B 281 -24.36 15.70 34.97
N ALA B 282 -24.27 15.15 36.18
CA ALA B 282 -25.28 14.20 36.65
C ALA B 282 -26.67 14.84 36.78
N LYS B 283 -26.74 16.16 36.72
CA LYS B 283 -28.00 16.86 36.85
C LYS B 283 -28.52 17.40 35.52
N THR B 284 -27.68 17.36 34.49
CA THR B 284 -28.06 17.86 33.18
C THR B 284 -29.10 16.99 32.47
N SER B 285 -29.95 17.64 31.69
CA SER B 285 -31.03 16.97 30.95
C SER B 285 -30.57 15.93 29.93
N ALA B 286 -29.38 16.12 29.37
CA ALA B 286 -28.87 15.18 28.38
C ALA B 286 -28.45 13.90 29.07
N SER B 287 -27.97 14.03 30.31
CA SER B 287 -27.51 12.90 31.09
C SER B 287 -28.59 11.83 31.27
N ASN B 288 -29.60 12.14 32.08
CA ASN B 288 -30.69 11.22 32.35
C ASN B 288 -31.38 10.66 31.11
N CYS B 289 -31.30 11.39 29.99
CA CYS B 289 -31.91 10.92 28.75
C CYS B 289 -31.07 9.81 28.15
N LEU B 290 -29.77 10.06 28.02
CA LEU B 290 -28.86 9.07 27.47
C LEU B 290 -28.92 7.85 28.38
N ILE B 291 -29.03 8.11 29.69
CA ILE B 291 -29.13 7.04 30.67
C ILE B 291 -30.42 6.28 30.41
N GLY B 292 -31.45 7.01 29.99
CA GLY B 292 -32.73 6.40 29.69
C GLY B 292 -32.63 5.50 28.47
N LEU B 293 -31.82 5.90 27.50
CA LEU B 293 -31.65 5.11 26.29
C LEU B 293 -31.13 3.73 26.66
N PHE B 294 -30.05 3.71 27.44
CA PHE B 294 -29.45 2.46 27.90
C PHE B 294 -30.42 1.74 28.81
N LEU B 295 -31.24 2.50 29.51
CA LEU B 295 -32.22 1.94 30.43
C LEU B 295 -33.26 1.18 29.61
N ASN B 296 -33.51 1.66 28.40
CA ASN B 296 -34.48 1.03 27.50
C ASN B 296 -33.82 -0.12 26.78
N ASP B 297 -32.51 0.00 26.57
CA ASP B 297 -31.74 -1.04 25.88
C ASP B 297 -31.83 -2.34 26.66
N GLN B 298 -31.68 -2.26 27.98
CA GLN B 298 -31.75 -3.43 28.84
C GLN B 298 -33.08 -4.15 28.68
N GLU B 299 -34.17 -3.39 28.72
CA GLU B 299 -35.50 -3.95 28.58
C GLU B 299 -35.61 -4.68 27.24
N LEU B 300 -35.01 -4.08 26.21
CA LEU B 300 -35.03 -4.68 24.88
C LEU B 300 -34.34 -6.04 24.85
N LYS B 301 -33.10 -6.07 25.34
CA LYS B 301 -32.32 -7.30 25.37
C LYS B 301 -33.02 -8.37 26.20
N LYS B 302 -33.79 -7.94 27.19
CA LYS B 302 -34.52 -8.89 28.02
C LYS B 302 -35.64 -9.53 27.21
N LYS B 303 -36.31 -8.71 26.41
CA LYS B 303 -37.38 -9.20 25.56
C LYS B 303 -36.77 -10.07 24.48
N ALA B 304 -35.60 -9.66 24.00
CA ALA B 304 -34.89 -10.39 22.97
C ALA B 304 -34.64 -11.82 23.42
N LYS B 305 -34.24 -11.97 24.68
CA LYS B 305 -33.96 -13.30 25.22
C LYS B 305 -35.21 -14.18 25.21
N VAL B 306 -36.37 -13.54 25.20
CA VAL B 306 -37.63 -14.28 25.17
C VAL B 306 -37.81 -14.91 23.80
N TYR B 307 -37.32 -14.23 22.77
CA TYR B 307 -37.41 -14.72 21.40
C TYR B 307 -36.47 -15.89 21.17
N ASP B 308 -35.24 -15.74 21.63
CA ASP B 308 -34.21 -16.76 21.47
C ASP B 308 -34.58 -18.12 22.07
N LYS B 309 -35.67 -18.17 22.84
CA LYS B 309 -36.10 -19.40 23.46
C LYS B 309 -36.90 -20.28 22.49
N ILE B 310 -37.26 -19.70 21.36
CA ILE B 310 -38.03 -20.44 20.35
C ILE B 310 -37.57 -20.12 18.93
N ALA B 311 -36.63 -19.20 18.80
CA ALA B 311 -36.12 -18.81 17.50
C ALA B 311 -35.21 -19.86 16.90
N LYS B 312 -35.23 -19.96 15.57
CA LYS B 312 -34.40 -20.92 14.85
C LYS B 312 -33.26 -20.17 14.15
N ASP B 313 -32.08 -20.78 14.12
CA ASP B 313 -30.93 -20.16 13.49
C ASP B 313 -30.88 -20.44 12.01
N VAL B 314 -31.23 -19.43 11.20
CA VAL B 314 -31.22 -19.56 9.76
C VAL B 314 -29.80 -19.83 9.26
N LYS B 315 -29.51 -21.10 9.00
CA LYS B 315 -28.18 -21.51 8.52
C LYS B 315 -28.14 -21.45 7.00
N GLN B 316 -29.26 -21.10 6.38
CA GLN B 316 -29.34 -21.01 4.93
C GLN B 316 -30.43 -20.03 4.54
N ALA B 317 -30.05 -18.78 4.31
CA ALA B 317 -31.00 -17.74 3.93
C ALA B 317 -31.14 -17.65 2.42
N ALA B 318 -32.09 -16.84 1.97
CA ALA B 318 -32.34 -16.65 0.55
C ALA B 318 -33.22 -15.42 0.31
N VAL B 319 -32.81 -14.60 -0.64
CA VAL B 319 -33.56 -13.38 -0.97
C VAL B 319 -34.03 -13.40 -2.42
N LEU B 320 -35.26 -12.95 -2.64
CA LEU B 320 -35.82 -12.92 -3.99
C LEU B 320 -35.62 -11.54 -4.62
N GLY B 321 -34.40 -11.27 -5.06
CA GLY B 321 -34.12 -9.98 -5.68
C GLY B 321 -32.65 -9.64 -5.66
N ALA B 322 -32.33 -8.45 -6.15
CA ALA B 322 -30.94 -7.99 -6.19
C ALA B 322 -30.90 -6.49 -6.44
N GLY B 323 -29.76 -6.02 -6.97
CA GLY B 323 -29.60 -4.61 -7.26
C GLY B 323 -29.41 -3.72 -6.04
N ILE B 324 -30.50 -3.06 -5.62
CA ILE B 324 -30.45 -2.16 -4.49
C ILE B 324 -30.66 -2.86 -3.14
N MET B 325 -31.91 -3.21 -2.84
CA MET B 325 -32.24 -3.87 -1.59
C MET B 325 -31.87 -5.36 -1.58
N GLY B 326 -32.19 -6.04 -2.67
CA GLY B 326 -31.89 -7.46 -2.75
C GLY B 326 -30.43 -7.75 -2.50
N GLY B 327 -29.56 -7.05 -3.23
CA GLY B 327 -28.13 -7.24 -3.08
C GLY B 327 -27.63 -6.92 -1.69
N GLY B 328 -28.20 -5.86 -1.10
CA GLY B 328 -27.80 -5.47 0.24
C GLY B 328 -28.13 -6.52 1.26
N ILE B 329 -29.34 -7.07 1.17
CA ILE B 329 -29.79 -8.11 2.10
C ILE B 329 -28.92 -9.35 1.94
N ALA B 330 -28.51 -9.62 0.69
CA ALA B 330 -27.67 -10.77 0.40
C ALA B 330 -26.26 -10.52 0.94
N TYR B 331 -25.87 -9.26 1.00
CA TYR B 331 -24.57 -8.87 1.50
C TYR B 331 -24.50 -9.02 3.02
N GLN B 332 -25.37 -8.29 3.72
CA GLN B 332 -25.42 -8.34 5.17
C GLN B 332 -25.48 -9.77 5.70
N SER B 333 -26.29 -10.61 5.05
CA SER B 333 -26.44 -11.99 5.48
C SER B 333 -25.13 -12.75 5.37
N ALA B 334 -24.41 -12.52 4.28
CA ALA B 334 -23.14 -13.20 4.05
C ALA B 334 -22.02 -12.61 4.90
N SER B 335 -21.98 -11.29 5.00
CA SER B 335 -20.96 -10.60 5.78
C SER B 335 -20.95 -11.02 7.25
N LYS B 336 -22.03 -11.64 7.71
CA LYS B 336 -22.13 -12.07 9.11
C LYS B 336 -22.04 -13.59 9.27
N GLY B 337 -22.11 -14.32 8.17
CA GLY B 337 -22.03 -15.77 8.24
C GLY B 337 -23.33 -16.51 7.99
N THR B 338 -24.00 -16.19 6.89
CA THR B 338 -25.25 -16.86 6.55
C THR B 338 -25.40 -17.01 5.04
N PRO B 339 -25.12 -18.21 4.52
CA PRO B 339 -25.24 -18.48 3.08
C PRO B 339 -26.61 -18.07 2.55
N ILE B 340 -26.65 -16.97 1.82
CA ILE B 340 -27.91 -16.47 1.27
C ILE B 340 -27.99 -16.61 -0.24
N LEU B 341 -29.14 -17.07 -0.73
CA LEU B 341 -29.36 -17.25 -2.15
C LEU B 341 -29.84 -15.95 -2.77
N MET B 342 -29.68 -15.82 -4.09
CA MET B 342 -30.11 -14.62 -4.79
C MET B 342 -30.91 -15.05 -6.01
N LYS B 343 -32.24 -15.09 -5.86
CA LYS B 343 -33.12 -15.51 -6.94
C LYS B 343 -33.58 -14.31 -7.74
N ASP B 344 -33.71 -14.48 -9.06
CA ASP B 344 -34.14 -13.40 -9.95
C ASP B 344 -34.65 -14.02 -11.25
N ILE B 345 -35.56 -13.34 -11.92
CA ILE B 345 -36.12 -13.85 -13.17
C ILE B 345 -35.22 -13.65 -14.38
N ASN B 346 -34.34 -12.65 -14.32
CA ASN B 346 -33.42 -12.35 -15.42
C ASN B 346 -31.97 -12.28 -14.96
N GLU B 347 -31.06 -12.62 -15.87
CA GLU B 347 -29.63 -12.62 -15.58
C GLU B 347 -29.12 -11.22 -15.25
N HIS B 348 -29.65 -10.23 -15.95
CA HIS B 348 -29.23 -8.85 -15.73
C HIS B 348 -29.45 -8.40 -14.29
N GLY B 349 -30.48 -8.96 -13.65
CA GLY B 349 -30.77 -8.61 -12.28
C GLY B 349 -29.70 -9.12 -11.34
N ILE B 350 -29.34 -10.40 -11.47
CA ILE B 350 -28.31 -10.99 -10.63
C ILE B 350 -26.98 -10.27 -10.82
N GLU B 351 -26.81 -9.62 -11.97
CA GLU B 351 -25.59 -8.87 -12.26
C GLU B 351 -25.48 -7.68 -11.33
N GLN B 352 -26.50 -6.84 -11.32
CA GLN B 352 -26.52 -5.65 -10.47
C GLN B 352 -26.34 -6.04 -9.00
N GLY B 353 -26.95 -7.15 -8.60
CA GLY B 353 -26.85 -7.59 -7.23
C GLY B 353 -25.42 -7.87 -6.81
N LEU B 354 -24.75 -8.74 -7.57
CA LEU B 354 -23.37 -9.10 -7.27
C LEU B 354 -22.44 -7.91 -7.49
N ALA B 355 -22.85 -7.01 -8.38
CA ALA B 355 -22.05 -5.83 -8.70
C ALA B 355 -21.82 -4.96 -7.46
N GLU B 356 -22.89 -4.42 -6.91
CA GLU B 356 -22.80 -3.57 -5.73
C GLU B 356 -22.32 -4.34 -4.52
N ALA B 357 -22.65 -5.63 -4.45
CA ALA B 357 -22.24 -6.48 -3.34
C ALA B 357 -20.72 -6.67 -3.38
N ALA B 358 -20.13 -6.41 -4.53
CA ALA B 358 -18.69 -6.56 -4.70
C ALA B 358 -17.98 -5.23 -4.44
N LYS B 359 -18.57 -4.14 -4.90
CA LYS B 359 -18.00 -2.80 -4.72
C LYS B 359 -17.83 -2.47 -3.24
N LEU B 360 -18.60 -3.14 -2.38
CA LEU B 360 -18.53 -2.91 -0.95
C LEU B 360 -17.32 -3.59 -0.34
N LEU B 361 -17.22 -4.89 -0.55
CA LEU B 361 -16.10 -5.67 -0.01
C LEU B 361 -14.78 -5.13 -0.53
N VAL B 362 -14.67 -5.02 -1.85
CA VAL B 362 -13.45 -4.51 -2.47
C VAL B 362 -13.21 -3.07 -2.04
N GLY B 363 -14.30 -2.36 -1.77
CA GLY B 363 -14.19 -0.98 -1.35
C GLY B 363 -13.43 -0.81 -0.06
N ARG B 364 -13.31 -1.89 0.71
CA ARG B 364 -12.59 -1.86 1.97
C ARG B 364 -11.22 -2.50 1.86
N VAL B 365 -11.10 -3.51 1.01
CA VAL B 365 -9.82 -4.19 0.80
C VAL B 365 -8.83 -3.23 0.15
N ASP B 366 -9.35 -2.33 -0.68
CA ASP B 366 -8.53 -1.34 -1.36
C ASP B 366 -8.30 -0.12 -0.47
N LYS B 367 -8.21 -0.37 0.84
CA LYS B 367 -8.01 0.70 1.80
C LYS B 367 -7.31 0.16 3.05
N GLY B 368 -7.33 -1.16 3.20
CA GLY B 368 -6.68 -1.79 4.33
C GLY B 368 -7.57 -2.00 5.55
N ARG B 369 -8.75 -2.59 5.34
CA ARG B 369 -9.67 -2.85 6.44
C ARG B 369 -10.17 -4.29 6.46
N MET B 370 -9.99 -5.01 5.36
CA MET B 370 -10.44 -6.40 5.27
C MET B 370 -9.50 -7.26 4.45
N THR B 371 -9.23 -8.46 4.94
CA THR B 371 -8.35 -9.40 4.27
C THR B 371 -9.06 -10.04 3.08
N PRO B 372 -8.37 -10.17 1.93
CA PRO B 372 -8.98 -10.76 0.73
C PRO B 372 -9.53 -12.15 1.04
N ALA B 373 -8.85 -12.86 1.94
CA ALA B 373 -9.28 -14.20 2.33
C ALA B 373 -10.69 -14.16 2.87
N LYS B 374 -11.05 -13.04 3.51
CA LYS B 374 -12.38 -12.87 4.08
C LYS B 374 -13.36 -12.47 2.97
N MET B 375 -12.89 -11.69 2.01
CA MET B 375 -13.72 -11.24 0.91
C MET B 375 -14.21 -12.46 0.13
N ALA B 376 -13.35 -13.46 0.04
CA ALA B 376 -13.68 -14.68 -0.66
C ALA B 376 -14.81 -15.42 0.05
N GLU B 377 -14.63 -15.63 1.36
CA GLU B 377 -15.64 -16.31 2.17
C GLU B 377 -17.01 -15.67 1.99
N VAL B 378 -17.06 -14.35 2.07
CA VAL B 378 -18.31 -13.61 1.92
C VAL B 378 -18.92 -13.81 0.54
N LEU B 379 -18.10 -13.71 -0.50
CA LEU B 379 -18.56 -13.87 -1.86
C LEU B 379 -18.93 -15.31 -2.18
N ASN B 380 -18.52 -16.24 -1.34
CA ASN B 380 -18.84 -17.64 -1.54
C ASN B 380 -20.16 -18.00 -0.89
N GLY B 381 -20.54 -17.21 0.12
CA GLY B 381 -21.79 -17.45 0.80
C GLY B 381 -22.97 -17.05 -0.08
N ILE B 382 -22.75 -16.05 -0.92
CA ILE B 382 -23.78 -15.57 -1.82
C ILE B 382 -23.82 -16.49 -3.04
N ARG B 383 -24.95 -17.15 -3.25
CA ARG B 383 -25.08 -18.06 -4.39
C ARG B 383 -26.22 -17.67 -5.33
N PRO B 384 -25.88 -17.07 -6.48
CA PRO B 384 -26.83 -16.62 -7.50
C PRO B 384 -27.62 -17.79 -8.09
N THR B 385 -28.85 -17.51 -8.51
CA THR B 385 -29.71 -18.54 -9.08
C THR B 385 -30.89 -17.92 -9.82
N LEU B 386 -31.41 -18.65 -10.82
CA LEU B 386 -32.56 -18.20 -11.60
C LEU B 386 -33.74 -19.15 -11.42
N SER B 387 -33.52 -20.21 -10.64
CA SER B 387 -34.56 -21.20 -10.39
C SER B 387 -34.65 -21.49 -8.90
N TYR B 388 -35.76 -22.10 -8.47
CA TYR B 388 -35.96 -22.42 -7.06
C TYR B 388 -35.38 -23.79 -6.73
N GLY B 389 -34.47 -24.27 -7.56
CA GLY B 389 -33.88 -25.59 -7.34
C GLY B 389 -33.00 -25.72 -6.10
N ASP B 390 -32.47 -24.60 -5.62
CA ASP B 390 -31.60 -24.63 -4.45
C ASP B 390 -32.29 -24.20 -3.15
N PHE B 391 -33.57 -23.88 -3.23
CA PHE B 391 -34.32 -23.45 -2.05
C PHE B 391 -34.76 -24.64 -1.20
N GLY B 392 -34.25 -25.82 -1.52
CA GLY B 392 -34.60 -27.02 -0.79
C GLY B 392 -34.28 -27.02 0.69
N ASN B 393 -33.34 -26.18 1.12
CA ASN B 393 -32.97 -26.14 2.53
C ASN B 393 -32.90 -24.73 3.13
N VAL B 394 -33.64 -23.80 2.54
CA VAL B 394 -33.64 -22.42 3.05
C VAL B 394 -34.49 -22.34 4.31
N ASP B 395 -33.98 -21.64 5.32
CA ASP B 395 -34.70 -21.49 6.59
C ASP B 395 -35.54 -20.22 6.64
N LEU B 396 -35.23 -19.27 5.75
CA LEU B 396 -35.96 -18.01 5.72
C LEU B 396 -35.76 -17.30 4.38
N VAL B 397 -36.85 -16.84 3.78
CA VAL B 397 -36.79 -16.17 2.49
C VAL B 397 -37.28 -14.73 2.61
N VAL B 398 -36.57 -13.81 1.97
CA VAL B 398 -36.93 -12.39 2.00
C VAL B 398 -37.28 -11.91 0.59
N GLU B 399 -38.51 -11.43 0.43
CA GLU B 399 -38.99 -10.95 -0.86
C GLU B 399 -38.64 -9.47 -1.07
N ALA B 400 -37.87 -9.20 -2.12
CA ALA B 400 -37.47 -7.83 -2.43
C ALA B 400 -38.04 -7.40 -3.77
N VAL B 401 -39.12 -8.05 -4.18
CA VAL B 401 -39.79 -7.75 -5.43
C VAL B 401 -40.41 -6.35 -5.39
N VAL B 402 -40.63 -5.78 -6.57
CA VAL B 402 -41.20 -4.44 -6.68
C VAL B 402 -42.52 -4.33 -5.92
N GLU B 403 -42.85 -3.10 -5.51
CA GLU B 403 -44.08 -2.85 -4.78
C GLU B 403 -45.32 -3.11 -5.63
N ASN B 404 -45.89 -4.30 -5.46
CA ASN B 404 -47.08 -4.69 -6.22
C ASN B 404 -47.74 -5.90 -5.56
N PRO B 405 -48.85 -5.66 -4.84
CA PRO B 405 -49.60 -6.71 -4.16
C PRO B 405 -49.88 -7.92 -5.05
N LYS B 406 -50.40 -7.65 -6.26
CA LYS B 406 -50.73 -8.69 -7.21
C LYS B 406 -49.52 -9.58 -7.47
N VAL B 407 -48.39 -8.95 -7.79
CA VAL B 407 -47.16 -9.67 -8.06
C VAL B 407 -46.63 -10.42 -6.85
N LYS B 408 -46.48 -9.71 -5.74
CA LYS B 408 -45.98 -10.31 -4.51
C LYS B 408 -46.74 -11.56 -4.09
N GLN B 409 -48.04 -11.58 -4.36
CA GLN B 409 -48.88 -12.73 -4.01
C GLN B 409 -48.55 -13.93 -4.89
N ALA B 410 -48.28 -13.67 -6.17
CA ALA B 410 -47.95 -14.73 -7.11
C ALA B 410 -46.55 -15.29 -6.82
N VAL B 411 -45.64 -14.41 -6.43
CA VAL B 411 -44.28 -14.80 -6.12
C VAL B 411 -44.22 -15.63 -4.84
N LEU B 412 -44.62 -15.03 -3.73
CA LEU B 412 -44.61 -15.71 -2.44
C LEU B 412 -45.31 -17.05 -2.50
N ALA B 413 -46.44 -17.10 -3.19
CA ALA B 413 -47.21 -18.34 -3.31
C ALA B 413 -46.39 -19.40 -4.05
N GLU B 414 -45.67 -18.97 -5.07
CA GLU B 414 -44.84 -19.87 -5.87
C GLU B 414 -43.67 -20.41 -5.05
N VAL B 415 -43.18 -19.59 -4.13
CA VAL B 415 -42.03 -19.98 -3.30
C VAL B 415 -42.43 -21.00 -2.25
N GLU B 416 -43.60 -20.79 -1.66
CA GLU B 416 -44.09 -21.69 -0.61
C GLU B 416 -44.24 -23.13 -1.08
N ASN B 417 -44.24 -23.32 -2.40
CA ASN B 417 -44.38 -24.66 -2.97
C ASN B 417 -43.04 -25.38 -3.04
N HIS B 418 -41.96 -24.60 -3.14
CA HIS B 418 -40.62 -25.18 -3.21
C HIS B 418 -39.96 -25.29 -1.85
N VAL B 419 -40.12 -24.26 -1.03
CA VAL B 419 -39.54 -24.26 0.31
C VAL B 419 -40.23 -25.29 1.20
N ARG B 420 -39.66 -25.56 2.36
CA ARG B 420 -40.24 -26.51 3.30
C ARG B 420 -41.51 -25.89 3.89
N GLU B 421 -42.24 -26.65 4.68
CA GLU B 421 -43.46 -26.13 5.28
C GLU B 421 -43.16 -25.38 6.57
N ASP B 422 -42.06 -25.74 7.22
CA ASP B 422 -41.66 -25.09 8.46
C ASP B 422 -40.83 -23.86 8.15
N ALA B 423 -40.46 -23.71 6.88
CA ALA B 423 -39.66 -22.58 6.44
C ALA B 423 -40.44 -21.29 6.66
N ILE B 424 -39.73 -20.22 7.00
CA ILE B 424 -40.35 -18.92 7.24
C ILE B 424 -40.19 -17.99 6.05
N LEU B 425 -41.28 -17.36 5.65
CA LEU B 425 -41.26 -16.41 4.54
C LEU B 425 -41.27 -15.00 5.13
N ALA B 426 -40.88 -14.02 4.32
CA ALA B 426 -40.87 -12.63 4.78
C ALA B 426 -40.91 -11.63 3.63
N SER B 427 -41.56 -10.50 3.87
CA SER B 427 -41.66 -9.45 2.85
C SER B 427 -40.86 -8.23 3.29
N ASN B 428 -40.28 -7.53 2.32
CA ASN B 428 -39.48 -6.35 2.61
C ASN B 428 -40.22 -5.08 2.16
N THR B 429 -41.49 -5.25 1.79
CA THR B 429 -42.29 -4.12 1.33
C THR B 429 -42.30 -2.99 2.36
N SER B 430 -42.54 -1.77 1.90
CA SER B 430 -42.55 -0.61 2.78
C SER B 430 -43.88 0.16 2.72
N THR B 431 -44.67 -0.09 1.68
CA THR B 431 -45.95 0.60 1.53
C THR B 431 -47.12 -0.35 1.22
N ILE B 432 -46.97 -1.62 1.57
CA ILE B 432 -48.01 -2.61 1.33
C ILE B 432 -48.29 -3.43 2.58
N SER B 433 -49.58 -3.68 2.83
CA SER B 433 -50.01 -4.44 3.99
C SER B 433 -49.55 -5.90 3.93
N ILE B 434 -49.06 -6.40 5.06
CA ILE B 434 -48.60 -7.79 5.15
C ILE B 434 -49.79 -8.73 5.24
N SER B 435 -50.80 -8.31 6.01
CA SER B 435 -52.00 -9.12 6.19
C SER B 435 -52.67 -9.39 4.85
N LEU B 436 -52.42 -8.51 3.88
CA LEU B 436 -53.01 -8.65 2.55
C LEU B 436 -52.18 -9.63 1.73
N LEU B 437 -50.86 -9.45 1.78
CA LEU B 437 -49.94 -10.30 1.03
C LEU B 437 -49.92 -11.71 1.63
N ALA B 438 -50.53 -11.86 2.79
CA ALA B 438 -50.55 -13.16 3.48
C ALA B 438 -51.74 -14.03 3.08
N LYS B 439 -52.78 -13.41 2.54
CA LYS B 439 -53.98 -14.14 2.15
C LYS B 439 -53.76 -15.00 0.89
N ALA B 440 -52.54 -14.98 0.38
CA ALA B 440 -52.22 -15.75 -0.81
C ALA B 440 -51.58 -17.08 -0.43
N LEU B 441 -50.79 -17.05 0.64
CA LEU B 441 -50.12 -18.26 1.12
C LEU B 441 -51.10 -19.24 1.73
N LYS B 442 -50.73 -20.52 1.71
CA LYS B 442 -51.57 -21.57 2.27
C LYS B 442 -51.17 -21.80 3.73
N ARG B 443 -50.07 -21.16 4.13
CA ARG B 443 -49.57 -21.27 5.50
C ARG B 443 -49.09 -19.90 5.99
N PRO B 444 -50.02 -18.94 6.14
CA PRO B 444 -49.72 -17.59 6.59
C PRO B 444 -49.05 -17.52 7.97
N GLU B 445 -49.10 -18.61 8.72
CA GLU B 445 -48.52 -18.64 10.05
C GLU B 445 -47.01 -18.42 9.99
N ASN B 446 -46.38 -18.95 8.95
CA ASN B 446 -44.94 -18.81 8.78
C ASN B 446 -44.55 -17.56 8.01
N PHE B 447 -45.48 -16.63 7.88
CA PHE B 447 -45.19 -15.40 7.14
C PHE B 447 -45.23 -14.17 8.05
N VAL B 448 -44.23 -13.32 7.89
CA VAL B 448 -44.11 -12.09 8.66
C VAL B 448 -43.60 -10.97 7.76
N GLY B 449 -42.98 -9.97 8.37
CA GLY B 449 -42.46 -8.86 7.60
C GLY B 449 -41.09 -8.43 8.08
N MET B 450 -40.14 -8.36 7.15
CA MET B 450 -38.78 -7.96 7.48
C MET B 450 -38.47 -6.72 6.64
N HIS B 451 -38.57 -5.56 7.26
CA HIS B 451 -38.35 -4.28 6.58
C HIS B 451 -36.94 -3.70 6.79
N PHE B 452 -36.10 -3.82 5.76
CA PHE B 452 -34.74 -3.27 5.82
C PHE B 452 -34.80 -1.85 5.27
N PHE B 453 -33.73 -1.09 5.45
CA PHE B 453 -33.70 0.27 4.95
C PHE B 453 -32.56 0.49 3.95
N ASN B 454 -32.60 1.62 3.25
CA ASN B 454 -31.60 1.96 2.26
C ASN B 454 -30.59 2.97 2.80
N PRO B 455 -29.29 2.61 2.81
CA PRO B 455 -28.72 1.35 2.34
C PRO B 455 -28.86 0.24 3.38
N VAL B 456 -29.02 -1.00 2.93
CA VAL B 456 -29.18 -2.14 3.82
C VAL B 456 -27.96 -2.38 4.70
N HIS B 457 -26.79 -1.97 4.23
CA HIS B 457 -25.55 -2.17 4.97
C HIS B 457 -25.18 -1.00 5.88
N MET B 458 -25.99 0.05 5.86
CA MET B 458 -25.73 1.23 6.69
C MET B 458 -26.75 1.42 7.80
N MET B 459 -28.03 1.30 7.47
CA MET B 459 -29.10 1.49 8.44
C MET B 459 -29.23 0.30 9.39
N PRO B 460 -29.31 0.58 10.70
CA PRO B 460 -29.44 -0.41 11.77
C PRO B 460 -30.81 -1.09 11.91
N LEU B 461 -31.84 -0.26 12.06
CA LEU B 461 -33.20 -0.75 12.24
C LEU B 461 -33.71 -1.72 11.20
N VAL B 462 -34.46 -2.73 11.67
CA VAL B 462 -35.06 -3.75 10.83
C VAL B 462 -36.39 -4.14 11.47
N GLU B 463 -37.46 -3.47 11.07
CA GLU B 463 -38.79 -3.73 11.62
C GLU B 463 -39.29 -5.13 11.30
N VAL B 464 -39.79 -5.83 12.31
CA VAL B 464 -40.32 -7.16 12.15
C VAL B 464 -41.84 -7.06 12.20
N ILE B 465 -42.45 -6.85 11.04
CA ILE B 465 -43.90 -6.73 10.98
C ILE B 465 -44.62 -8.04 11.27
N ARG B 466 -45.71 -7.95 12.03
CA ARG B 466 -46.48 -9.13 12.38
C ARG B 466 -47.89 -9.03 11.80
N GLY B 467 -48.23 -9.99 10.95
CA GLY B 467 -49.55 -9.99 10.34
C GLY B 467 -50.57 -10.63 11.28
N GLU B 468 -51.84 -10.46 10.97
CA GLU B 468 -52.91 -11.03 11.79
C GLU B 468 -52.80 -12.55 11.85
N LYS B 469 -52.25 -13.16 10.81
CA LYS B 469 -52.09 -14.60 10.76
C LYS B 469 -50.69 -15.05 11.13
N SER B 470 -49.84 -14.10 11.49
CA SER B 470 -48.46 -14.41 11.87
C SER B 470 -48.37 -15.12 13.21
N SER B 471 -47.38 -16.00 13.34
CA SER B 471 -47.17 -16.75 14.57
C SER B 471 -46.00 -16.19 15.36
N ASP B 472 -45.93 -16.53 16.64
CA ASP B 472 -44.85 -16.06 17.50
C ASP B 472 -43.50 -16.60 17.05
N LEU B 473 -43.49 -17.85 16.58
CA LEU B 473 -42.27 -18.48 16.12
C LEU B 473 -41.77 -17.80 14.85
N ALA B 474 -42.71 -17.41 13.99
CA ALA B 474 -42.36 -16.75 12.75
C ALA B 474 -41.67 -15.42 13.04
N VAL B 475 -42.24 -14.66 13.97
CA VAL B 475 -41.69 -13.37 14.35
C VAL B 475 -40.34 -13.54 15.04
N ALA B 476 -40.29 -14.49 15.98
CA ALA B 476 -39.06 -14.76 16.73
C ALA B 476 -37.91 -15.11 15.80
N THR B 477 -38.18 -15.93 14.80
CA THR B 477 -37.16 -16.34 13.84
C THR B 477 -36.57 -15.15 13.10
N THR B 478 -37.44 -14.25 12.66
CA THR B 478 -37.02 -13.06 11.94
C THR B 478 -36.15 -12.17 12.83
N VAL B 479 -36.55 -12.01 14.09
CA VAL B 479 -35.81 -11.19 15.03
C VAL B 479 -34.38 -11.71 15.19
N ALA B 480 -34.26 -12.99 15.52
CA ALA B 480 -32.95 -13.61 15.70
C ALA B 480 -32.09 -13.46 14.44
N TYR B 481 -32.68 -13.74 13.29
CA TYR B 481 -31.96 -13.65 12.02
C TYR B 481 -31.52 -12.22 11.76
N ALA B 482 -32.32 -11.27 12.23
CA ALA B 482 -32.01 -9.86 12.06
C ALA B 482 -30.87 -9.47 12.99
N LYS B 483 -30.97 -9.91 14.24
CA LYS B 483 -29.95 -9.62 15.25
C LYS B 483 -28.62 -10.27 14.87
N LYS B 484 -28.68 -11.43 14.24
CA LYS B 484 -27.47 -12.13 13.83
C LYS B 484 -26.74 -11.37 12.75
N MET B 485 -27.49 -10.57 11.99
CA MET B 485 -26.89 -9.77 10.92
C MET B 485 -26.42 -8.42 11.46
N GLY B 486 -26.21 -8.36 12.78
CA GLY B 486 -25.74 -7.14 13.40
C GLY B 486 -26.71 -5.97 13.24
N LYS B 487 -27.99 -6.24 13.47
CA LYS B 487 -29.02 -5.20 13.35
C LYS B 487 -29.75 -4.98 14.67
N ASN B 488 -30.79 -4.16 14.62
CA ASN B 488 -31.61 -3.86 15.81
C ASN B 488 -33.09 -4.03 15.44
N PRO B 489 -33.58 -5.28 15.50
CA PRO B 489 -34.97 -5.60 15.17
C PRO B 489 -35.99 -5.16 16.23
N ILE B 490 -37.15 -4.71 15.77
CA ILE B 490 -38.22 -4.26 16.65
C ILE B 490 -39.55 -4.70 16.02
N VAL B 491 -40.26 -5.59 16.70
CA VAL B 491 -41.54 -6.09 16.21
C VAL B 491 -42.59 -4.99 16.10
N VAL B 492 -43.21 -4.90 14.93
CA VAL B 492 -44.24 -3.90 14.68
C VAL B 492 -45.47 -4.55 14.04
N ASN B 493 -46.65 -4.16 14.49
CA ASN B 493 -47.89 -4.71 13.96
C ASN B 493 -48.23 -4.07 12.62
N ASP B 494 -48.66 -4.89 11.67
CA ASP B 494 -48.99 -4.43 10.33
C ASP B 494 -49.97 -3.26 10.33
N CYS B 495 -49.51 -2.15 9.75
CA CYS B 495 -50.32 -0.94 9.64
C CYS B 495 -49.68 -0.01 8.62
N PRO B 496 -50.49 0.75 7.88
CA PRO B 496 -49.97 1.68 6.86
C PRO B 496 -48.85 2.58 7.37
N GLY B 497 -47.64 2.33 6.89
CA GLY B 497 -46.51 3.13 7.32
C GLY B 497 -45.68 2.49 8.41
N PHE B 498 -46.20 1.40 8.97
CA PHE B 498 -45.51 0.69 10.03
C PHE B 498 -45.21 1.64 11.18
N LEU B 499 -43.93 1.76 11.55
CA LEU B 499 -43.54 2.64 12.64
C LEU B 499 -42.80 3.89 12.16
N VAL B 500 -41.66 3.68 11.52
CA VAL B 500 -40.85 4.78 11.03
C VAL B 500 -41.59 5.69 10.05
N ASN B 501 -42.05 5.13 8.94
CA ASN B 501 -42.76 5.90 7.93
C ASN B 501 -44.05 6.52 8.45
N ARG B 502 -44.71 5.83 9.37
CA ARG B 502 -45.97 6.32 9.94
C ARG B 502 -45.76 7.58 10.77
N VAL B 503 -44.53 7.77 11.25
CA VAL B 503 -44.21 8.94 12.06
C VAL B 503 -43.42 9.97 11.26
N LEU B 504 -42.73 9.51 10.22
CA LEU B 504 -41.93 10.38 9.38
C LEU B 504 -42.72 11.41 8.57
N PHE B 505 -43.81 10.97 7.95
CA PHE B 505 -44.61 11.87 7.14
C PHE B 505 -45.44 12.87 7.94
N PRO B 506 -46.02 12.44 9.07
CA PRO B 506 -46.80 13.42 9.83
C PRO B 506 -45.85 14.55 10.23
N TYR B 507 -44.57 14.18 10.36
CA TYR B 507 -43.51 15.11 10.71
C TYR B 507 -43.26 16.00 9.51
N PHE B 508 -43.27 15.40 8.32
CA PHE B 508 -43.07 16.14 7.08
C PHE B 508 -44.29 17.00 6.80
N GLY B 509 -45.41 16.66 7.42
CA GLY B 509 -46.63 17.44 7.23
C GLY B 509 -46.43 18.81 7.83
N GLY B 510 -45.75 18.86 8.96
CA GLY B 510 -45.49 20.13 9.62
C GLY B 510 -44.55 20.96 8.77
N PHE B 511 -43.69 20.26 8.03
CA PHE B 511 -42.73 20.93 7.16
C PHE B 511 -43.48 21.54 5.97
N ALA B 512 -44.36 20.75 5.37
CA ALA B 512 -45.15 21.21 4.24
C ALA B 512 -45.96 22.45 4.61
N LYS B 513 -46.53 22.43 5.82
CA LYS B 513 -47.32 23.55 6.30
C LYS B 513 -46.45 24.78 6.49
N LEU B 514 -45.24 24.58 7.01
CA LEU B 514 -44.31 25.69 7.21
C LEU B 514 -43.99 26.38 5.90
N VAL B 515 -43.64 25.59 4.89
CA VAL B 515 -43.30 26.13 3.58
C VAL B 515 -44.48 26.91 3.00
N SER B 516 -45.67 26.35 3.14
CA SER B 516 -46.89 26.99 2.63
C SER B 516 -47.19 28.23 3.46
N ALA B 517 -46.61 28.32 4.65
CA ALA B 517 -46.82 29.46 5.53
C ALA B 517 -45.78 30.55 5.27
N GLY B 518 -45.06 30.42 4.16
CA GLY B 518 -44.05 31.40 3.81
C GLY B 518 -42.80 31.35 4.67
N VAL B 519 -42.51 30.18 5.23
CA VAL B 519 -41.33 30.02 6.07
C VAL B 519 -40.16 29.46 5.25
N ASP B 520 -39.06 30.21 5.23
CA ASP B 520 -37.87 29.80 4.48
C ASP B 520 -37.38 28.45 5.00
N PHE B 521 -37.41 27.44 4.14
CA PHE B 521 -36.98 26.10 4.51
C PHE B 521 -35.51 26.06 4.92
N VAL B 522 -34.71 26.93 4.34
CA VAL B 522 -33.28 26.98 4.66
C VAL B 522 -33.12 27.34 6.13
N ARG B 523 -34.08 28.10 6.65
CA ARG B 523 -34.06 28.50 8.05
C ARG B 523 -34.61 27.38 8.91
N ILE B 524 -35.69 26.76 8.44
CA ILE B 524 -36.33 25.65 9.15
C ILE B 524 -35.35 24.56 9.54
N ASP B 525 -34.73 23.94 8.54
CA ASP B 525 -33.78 22.86 8.81
C ASP B 525 -32.52 23.32 9.54
N LYS B 526 -32.31 24.63 9.62
CA LYS B 526 -31.14 25.15 10.31
C LYS B 526 -31.46 25.17 11.81
N VAL B 527 -32.75 25.24 12.11
CA VAL B 527 -33.23 25.25 13.48
C VAL B 527 -33.43 23.82 13.94
N MET B 528 -33.68 22.92 12.99
CA MET B 528 -33.87 21.52 13.32
C MET B 528 -32.54 20.82 13.54
N GLU B 529 -31.55 21.15 12.69
CA GLU B 529 -30.22 20.55 12.82
C GLU B 529 -29.60 21.05 14.12
N LYS B 530 -29.98 22.27 14.51
CA LYS B 530 -29.48 22.86 15.74
C LYS B 530 -30.22 22.19 16.89
N PHE B 531 -31.43 21.73 16.59
CA PHE B 531 -32.27 21.05 17.59
C PHE B 531 -31.63 19.72 17.93
N GLY B 532 -30.84 19.19 17.00
CA GLY B 532 -30.17 17.92 17.24
C GLY B 532 -30.24 16.95 16.07
N TRP B 533 -31.21 17.15 15.18
CA TRP B 533 -31.37 16.26 14.04
C TRP B 533 -30.16 16.28 13.11
N PRO B 534 -29.71 15.10 12.68
CA PRO B 534 -28.56 14.96 11.78
C PRO B 534 -28.76 15.77 10.51
N MET B 535 -29.92 15.58 9.87
CA MET B 535 -30.24 16.29 8.66
C MET B 535 -31.59 16.99 8.82
N GLY B 536 -31.69 18.21 8.31
CA GLY B 536 -32.93 18.95 8.41
C GLY B 536 -34.02 18.36 7.55
N PRO B 537 -35.30 18.70 7.81
CA PRO B 537 -36.43 18.19 7.03
C PRO B 537 -36.27 18.37 5.53
N ALA B 538 -35.88 19.57 5.11
CA ALA B 538 -35.69 19.87 3.70
C ALA B 538 -34.56 19.04 3.11
N TYR B 539 -33.38 19.16 3.69
CA TYR B 539 -32.21 18.41 3.22
C TYR B 539 -32.46 16.91 3.29
N LEU B 540 -33.42 16.49 4.11
CA LEU B 540 -33.74 15.08 4.27
C LEU B 540 -34.56 14.61 3.08
N MET B 541 -35.48 15.46 2.63
CA MET B 541 -36.33 15.13 1.49
C MET B 541 -35.50 14.83 0.25
N ASP B 542 -34.29 15.39 0.18
CA ASP B 542 -33.41 15.17 -0.95
C ASP B 542 -32.71 13.84 -0.83
N VAL B 543 -32.32 13.48 0.40
CA VAL B 543 -31.64 12.23 0.64
C VAL B 543 -32.55 11.06 0.29
N VAL B 544 -33.81 11.16 0.71
CA VAL B 544 -34.80 10.12 0.45
C VAL B 544 -35.32 10.24 -0.98
N GLY B 545 -35.54 11.47 -1.42
CA GLY B 545 -36.03 11.70 -2.77
C GLY B 545 -37.47 12.17 -2.80
N ILE B 546 -37.71 13.27 -3.49
CA ILE B 546 -39.07 13.82 -3.58
C ILE B 546 -40.01 12.79 -4.18
N ASP B 547 -39.55 12.11 -5.22
CA ASP B 547 -40.37 11.10 -5.89
C ASP B 547 -40.75 10.00 -4.92
N THR B 548 -39.93 9.84 -3.87
CA THR B 548 -40.18 8.81 -2.86
C THR B 548 -41.09 9.39 -1.79
N GLY B 549 -40.80 10.61 -1.36
CA GLY B 549 -41.59 11.25 -0.34
C GLY B 549 -43.00 11.55 -0.83
N HIS B 550 -43.20 11.43 -2.14
CA HIS B 550 -44.50 11.70 -2.73
C HIS B 550 -45.37 10.44 -2.65
N HIS B 551 -44.84 9.33 -3.15
CA HIS B 551 -45.58 8.07 -3.12
C HIS B 551 -45.90 7.68 -1.69
N GLY B 552 -44.94 7.88 -0.80
CA GLY B 552 -45.14 7.54 0.60
C GLY B 552 -46.29 8.31 1.20
N ARG B 553 -46.49 9.53 0.73
CA ARG B 553 -47.57 10.39 1.22
C ARG B 553 -48.92 9.78 0.84
N ASP B 554 -49.04 9.36 -0.41
CA ASP B 554 -50.28 8.77 -0.91
C ASP B 554 -50.64 7.51 -0.13
N VAL B 555 -49.63 6.78 0.30
CA VAL B 555 -49.84 5.56 1.05
C VAL B 555 -50.40 5.85 2.44
N MET B 556 -49.86 6.88 3.08
CA MET B 556 -50.31 7.26 4.41
C MET B 556 -51.66 7.94 4.37
N ALA B 557 -52.03 8.42 3.18
CA ALA B 557 -53.31 9.09 3.00
C ALA B 557 -54.44 8.06 2.98
N GLU B 558 -54.32 7.07 2.09
CA GLU B 558 -55.32 6.03 1.98
C GLU B 558 -55.28 5.13 3.22
N GLY B 559 -54.27 5.34 4.06
CA GLY B 559 -54.15 4.55 5.27
C GLY B 559 -54.83 5.18 6.46
N PHE B 560 -54.57 6.46 6.68
CA PHE B 560 -55.18 7.19 7.79
C PHE B 560 -55.84 8.49 7.30
N PRO B 561 -56.97 8.38 6.59
CA PRO B 561 -57.72 9.51 6.04
C PRO B 561 -58.18 10.49 7.12
N ASP B 562 -58.55 9.96 8.28
CA ASP B 562 -59.04 10.78 9.40
C ASP B 562 -58.09 11.89 9.86
N ARG B 563 -56.80 11.75 9.57
CA ARG B 563 -55.84 12.76 9.99
C ARG B 563 -54.59 12.94 9.12
N MET B 564 -54.42 12.08 8.11
CA MET B 564 -53.26 12.20 7.24
C MET B 564 -53.58 12.43 5.77
N LYS B 565 -54.78 12.92 5.49
CA LYS B 565 -55.20 13.18 4.12
C LYS B 565 -55.01 14.67 3.83
N ASP B 566 -54.66 14.98 2.59
CA ASP B 566 -54.44 16.38 2.19
C ASP B 566 -54.93 16.62 0.77
N ASP B 567 -55.67 17.71 0.56
CA ASP B 567 -56.22 18.03 -0.75
C ASP B 567 -55.55 19.23 -1.42
N ARG B 568 -54.75 19.98 -0.66
CA ARG B 568 -54.07 21.14 -1.21
C ARG B 568 -52.74 20.78 -1.89
N ARG B 569 -52.01 21.80 -2.34
CA ARG B 569 -50.74 21.59 -3.01
C ARG B 569 -49.57 22.01 -2.13
N SER B 570 -48.78 21.03 -1.68
CA SER B 570 -47.63 21.29 -0.83
C SER B 570 -46.36 21.41 -1.67
N ALA B 571 -45.28 21.86 -1.04
CA ALA B 571 -44.01 22.01 -1.73
C ALA B 571 -43.55 20.67 -2.31
N ILE B 572 -43.93 19.58 -1.66
CA ILE B 572 -43.57 18.24 -2.12
C ILE B 572 -44.14 18.00 -3.51
N ASP B 573 -45.29 18.61 -3.79
CA ASP B 573 -45.94 18.47 -5.09
C ASP B 573 -45.27 19.37 -6.13
N ALA B 574 -44.98 20.60 -5.71
CA ALA B 574 -44.36 21.59 -6.59
C ALA B 574 -43.05 21.06 -7.17
N LEU B 575 -42.38 20.19 -6.43
CA LEU B 575 -41.11 19.62 -6.88
C LEU B 575 -41.33 18.41 -7.77
N TYR B 576 -42.28 17.55 -7.39
CA TYR B 576 -42.57 16.35 -8.17
C TYR B 576 -43.08 16.74 -9.56
N GLU B 577 -43.69 17.91 -9.65
CA GLU B 577 -44.24 18.40 -10.91
C GLU B 577 -43.29 19.41 -11.55
N ALA B 578 -42.03 19.38 -11.12
CA ALA B 578 -41.01 20.27 -11.66
C ALA B 578 -39.75 19.47 -11.98
N LYS B 579 -39.92 18.16 -12.15
CA LYS B 579 -38.84 17.25 -12.47
C LYS B 579 -37.74 17.21 -11.40
N ARG B 580 -37.97 17.91 -10.29
CA ARG B 580 -37.01 17.92 -9.18
C ARG B 580 -37.30 16.65 -8.39
N LEU B 581 -36.32 15.75 -8.32
CA LEU B 581 -36.55 14.48 -7.62
C LEU B 581 -35.58 14.15 -6.49
N GLY B 582 -34.79 15.12 -6.04
CA GLY B 582 -33.87 14.85 -4.94
C GLY B 582 -32.39 14.84 -5.25
N GLN B 583 -31.63 14.21 -4.36
CA GLN B 583 -30.17 14.13 -4.51
C GLN B 583 -29.76 13.27 -5.70
N LYS B 584 -30.58 12.29 -6.05
CA LYS B 584 -30.27 11.41 -7.18
C LYS B 584 -30.40 12.17 -8.49
N ASN B 585 -31.35 13.11 -8.53
CA ASN B 585 -31.59 13.92 -9.73
C ASN B 585 -30.70 15.15 -9.70
N GLY B 586 -30.13 15.45 -8.54
CA GLY B 586 -29.28 16.61 -8.40
C GLY B 586 -30.07 17.88 -8.15
N LYS B 587 -31.40 17.75 -8.11
CA LYS B 587 -32.27 18.89 -7.89
C LYS B 587 -33.40 18.61 -6.91
N GLY B 588 -33.44 19.41 -5.83
CA GLY B 588 -34.47 19.29 -4.82
C GLY B 588 -34.63 20.68 -4.24
N PHE B 589 -34.50 20.81 -2.93
CA PHE B 589 -34.60 22.12 -2.31
C PHE B 589 -33.25 22.78 -2.50
N TYR B 590 -32.22 21.94 -2.63
CA TYR B 590 -30.86 22.39 -2.84
C TYR B 590 -30.34 21.85 -4.16
N ALA B 591 -29.14 22.28 -4.54
CA ALA B 591 -28.52 21.83 -5.77
C ALA B 591 -27.44 20.82 -5.39
N TYR B 592 -27.38 19.71 -6.11
CA TYR B 592 -26.38 18.68 -5.83
C TYR B 592 -25.62 18.36 -7.12
N GLU B 593 -25.24 19.42 -7.82
CA GLU B 593 -24.52 19.31 -9.09
C GLU B 593 -23.23 18.48 -9.03
N ALA B 594 -22.56 18.48 -7.87
CA ALA B 594 -21.32 17.72 -7.76
C ALA B 594 -21.11 17.06 -6.41
N ASP B 595 -19.99 16.37 -6.27
CA ASP B 595 -19.63 15.68 -5.04
C ASP B 595 -18.14 15.35 -5.02
N GLN B 600 -19.08 17.53 0.80
CA GLN B 600 -20.18 17.22 -0.10
C GLN B 600 -20.81 18.52 -0.59
N LYS B 601 -21.18 18.56 -1.87
CA LYS B 601 -21.75 19.76 -2.46
C LYS B 601 -23.25 19.90 -2.19
N LYS B 602 -23.58 20.75 -1.21
CA LYS B 602 -24.96 21.04 -0.85
C LYS B 602 -25.10 22.55 -0.95
N LEU B 603 -25.61 23.03 -2.08
CA LEU B 603 -25.75 24.47 -2.28
C LEU B 603 -27.19 24.96 -2.35
N VAL B 604 -27.38 26.20 -1.91
CA VAL B 604 -28.70 26.82 -1.91
C VAL B 604 -28.90 27.51 -3.25
N ASP B 605 -29.80 27.00 -4.08
CA ASP B 605 -30.07 27.59 -5.39
C ASP B 605 -31.39 28.32 -5.39
N SER B 606 -31.37 29.56 -5.88
CA SER B 606 -32.56 30.40 -5.93
C SER B 606 -33.53 30.02 -7.05
N SER B 607 -33.14 29.05 -7.87
CA SER B 607 -34.00 28.62 -8.97
C SER B 607 -35.18 27.80 -8.46
N VAL B 608 -35.29 27.66 -7.14
CA VAL B 608 -36.38 26.90 -6.54
C VAL B 608 -37.50 27.83 -6.10
N LEU B 609 -37.14 29.09 -5.82
CA LEU B 609 -38.11 30.09 -5.39
C LEU B 609 -39.24 30.24 -6.39
N GLU B 610 -38.91 30.13 -7.68
CA GLU B 610 -39.91 30.26 -8.75
C GLU B 610 -40.81 29.03 -8.80
N VAL B 611 -40.41 27.96 -8.11
CA VAL B 611 -41.17 26.72 -8.10
C VAL B 611 -42.05 26.60 -6.86
N LEU B 612 -41.56 27.11 -5.73
CA LEU B 612 -42.30 27.02 -4.47
C LEU B 612 -43.35 28.12 -4.29
N LYS B 613 -43.47 29.00 -5.28
CA LYS B 613 -44.44 30.09 -5.20
C LYS B 613 -45.88 29.57 -5.10
N PRO B 614 -46.27 28.63 -5.99
CA PRO B 614 -47.63 28.07 -5.97
C PRO B 614 -48.03 27.40 -4.66
N ILE B 615 -47.07 27.27 -3.74
CA ILE B 615 -47.35 26.64 -2.46
C ILE B 615 -47.50 27.67 -1.34
N VAL B 616 -46.81 28.79 -1.47
CA VAL B 616 -46.89 29.85 -0.47
C VAL B 616 -48.28 30.47 -0.45
N TYR B 617 -49.03 30.19 0.62
CA TYR B 617 -50.38 30.71 0.79
C TYR B 617 -50.37 31.95 1.66
N GLU B 618 -50.48 31.76 2.97
CA GLU B 618 -50.47 32.90 3.89
C GLU B 618 -49.02 33.38 4.02
N GLN B 619 -48.80 34.37 4.87
CA GLN B 619 -47.46 34.91 5.10
C GLN B 619 -47.31 35.20 6.58
N ARG B 620 -47.78 34.25 7.39
CA ARG B 620 -47.75 34.34 8.84
C ARG B 620 -46.33 34.40 9.41
N ASP B 621 -46.17 35.19 10.46
CA ASP B 621 -44.87 35.33 11.12
C ASP B 621 -44.61 34.07 11.94
N VAL B 622 -43.36 33.86 12.33
CA VAL B 622 -43.02 32.68 13.12
C VAL B 622 -41.60 32.73 13.68
N THR B 623 -41.44 32.31 14.92
CA THR B 623 -40.15 32.29 15.58
C THR B 623 -39.54 30.91 15.40
N ASP B 624 -38.51 30.62 16.20
CA ASP B 624 -37.85 29.31 16.12
C ASP B 624 -38.57 28.30 16.99
N GLU B 625 -38.96 28.73 18.19
CA GLU B 625 -39.64 27.85 19.12
C GLU B 625 -40.92 27.30 18.50
N ASP B 626 -41.48 28.03 17.55
CA ASP B 626 -42.70 27.59 16.88
C ASP B 626 -42.37 26.47 15.90
N ILE B 627 -41.32 26.69 15.11
CA ILE B 627 -40.88 25.72 14.12
C ILE B 627 -40.63 24.37 14.79
N ILE B 628 -40.10 24.41 16.00
CA ILE B 628 -39.80 23.21 16.76
C ILE B 628 -41.09 22.43 17.07
N ASN B 629 -42.15 23.15 17.38
CA ASN B 629 -43.43 22.53 17.70
C ASN B 629 -44.22 22.19 16.43
N TRP B 630 -44.06 23.00 15.40
CA TRP B 630 -44.75 22.76 14.14
C TRP B 630 -44.26 21.44 13.55
N MET B 631 -43.13 20.96 14.05
CA MET B 631 -42.55 19.72 13.55
C MET B 631 -42.60 18.57 14.55
N MET B 632 -42.18 18.85 15.78
CA MET B 632 -42.15 17.82 16.82
C MET B 632 -43.51 17.32 17.33
N ILE B 633 -44.47 18.24 17.47
CA ILE B 633 -45.79 17.85 17.97
C ILE B 633 -46.40 16.71 17.16
N PRO B 634 -46.42 16.82 15.82
CA PRO B 634 -46.99 15.75 15.00
C PRO B 634 -46.26 14.43 15.17
N LEU B 635 -44.93 14.49 15.13
CA LEU B 635 -44.09 13.31 15.25
C LEU B 635 -44.33 12.60 16.57
N CYS B 636 -44.34 13.34 17.66
CA CYS B 636 -44.57 12.76 18.98
C CYS B 636 -45.97 12.19 19.13
N LEU B 637 -46.97 13.02 18.84
CA LEU B 637 -48.37 12.59 18.94
C LEU B 637 -48.63 11.31 18.18
N GLU B 638 -48.09 11.22 16.96
CA GLU B 638 -48.28 10.03 16.15
C GLU B 638 -47.60 8.84 16.81
N THR B 639 -46.45 9.08 17.43
CA THR B 639 -45.71 8.02 18.10
C THR B 639 -46.59 7.50 19.24
N VAL B 640 -47.34 8.42 19.84
CA VAL B 640 -48.23 8.08 20.95
C VAL B 640 -49.33 7.16 20.45
N ARG B 641 -49.78 7.40 19.22
CA ARG B 641 -50.82 6.58 18.62
C ARG B 641 -50.28 5.21 18.26
N CYS B 642 -49.01 5.17 17.87
CA CYS B 642 -48.38 3.91 17.51
C CYS B 642 -48.22 3.04 18.73
N LEU B 643 -48.58 3.59 19.89
CA LEU B 643 -48.47 2.86 21.14
C LEU B 643 -49.86 2.51 21.65
N GLU B 644 -50.77 3.48 21.57
CA GLU B 644 -52.15 3.28 22.01
C GLU B 644 -52.91 2.33 21.09
N ASP B 645 -52.85 2.59 19.79
CA ASP B 645 -53.54 1.75 18.82
C ASP B 645 -53.07 0.31 18.89
N GLY B 646 -51.88 0.10 19.46
CA GLY B 646 -51.36 -1.25 19.59
C GLY B 646 -50.48 -1.68 18.44
N ILE B 647 -49.37 -0.98 18.24
CA ILE B 647 -48.42 -1.30 17.17
C ILE B 647 -47.12 -1.75 17.82
N VAL B 648 -46.51 -0.87 18.61
CA VAL B 648 -45.27 -1.19 19.30
C VAL B 648 -45.65 -1.69 20.69
N GLU B 649 -45.19 -2.89 21.02
CA GLU B 649 -45.51 -3.50 22.30
C GLU B 649 -45.29 -2.62 23.53
N THR B 650 -44.19 -1.87 23.56
CA THR B 650 -43.91 -1.01 24.70
C THR B 650 -43.51 0.41 24.33
N ALA B 651 -43.27 1.24 25.34
CA ALA B 651 -42.86 2.62 25.13
C ALA B 651 -41.37 2.69 24.82
N ALA B 652 -40.61 1.82 25.46
CA ALA B 652 -39.16 1.78 25.25
C ALA B 652 -38.85 1.38 23.83
N GLU B 653 -39.60 0.40 23.32
CA GLU B 653 -39.40 -0.08 21.96
C GLU B 653 -39.83 0.96 20.94
N ALA B 654 -40.81 1.78 21.31
CA ALA B 654 -41.32 2.82 20.43
C ALA B 654 -40.28 3.91 20.20
N ASP B 655 -39.57 4.29 21.25
CA ASP B 655 -38.54 5.32 21.15
C ASP B 655 -37.29 4.81 20.45
N MET B 656 -36.82 3.64 20.86
CA MET B 656 -35.63 3.06 20.24
C MET B 656 -35.86 2.82 18.75
N GLY B 657 -37.13 2.75 18.36
CA GLY B 657 -37.45 2.52 16.97
C GLY B 657 -37.09 3.74 16.14
N LEU B 658 -37.24 4.92 16.73
CA LEU B 658 -36.94 6.16 16.04
C LEU B 658 -35.45 6.49 16.20
N VAL B 659 -34.91 6.20 17.37
CA VAL B 659 -33.50 6.46 17.65
C VAL B 659 -32.62 5.77 16.61
N TYR B 660 -33.09 4.66 16.08
CA TYR B 660 -32.35 3.88 15.09
C TYR B 660 -32.79 4.15 13.66
N GLY B 661 -34.10 4.31 13.47
CA GLY B 661 -34.63 4.52 12.14
C GLY B 661 -34.60 5.94 11.58
N ILE B 662 -35.17 6.88 12.31
CA ILE B 662 -35.21 8.26 11.86
C ILE B 662 -34.00 9.08 12.35
N GLY B 663 -33.27 8.53 13.32
CA GLY B 663 -32.11 9.22 13.85
C GLY B 663 -32.50 10.32 14.83
N PHE B 664 -33.37 9.97 15.78
CA PHE B 664 -33.84 10.92 16.78
C PHE B 664 -32.68 11.34 17.68
N PRO B 665 -32.57 12.65 17.97
CA PRO B 665 -31.49 13.17 18.82
C PRO B 665 -31.32 12.34 20.09
N LEU B 666 -30.11 11.80 20.28
CA LEU B 666 -29.80 10.96 21.44
C LEU B 666 -29.93 11.68 22.77
N PHE B 667 -29.48 12.93 22.82
CA PHE B 667 -29.53 13.70 24.06
C PHE B 667 -30.96 14.07 24.45
N ARG B 668 -31.92 13.56 23.71
CA ARG B 668 -33.32 13.83 24.00
C ARG B 668 -34.06 12.56 24.41
N GLY B 669 -33.42 11.41 24.19
CA GLY B 669 -34.02 10.15 24.57
C GLY B 669 -34.98 9.54 23.56
N GLY B 670 -35.83 10.37 22.98
CA GLY B 670 -36.79 9.86 22.01
C GLY B 670 -38.02 10.74 21.90
N ALA B 671 -39.00 10.29 21.13
CA ALA B 671 -40.24 11.05 20.95
C ALA B 671 -41.07 11.09 22.23
N LEU B 672 -41.42 9.92 22.73
CA LEU B 672 -42.23 9.83 23.95
C LEU B 672 -41.52 10.44 25.15
N ARG B 673 -40.24 10.10 25.32
CA ARG B 673 -39.46 10.65 26.43
C ARG B 673 -39.40 12.17 26.34
N TYR B 674 -39.45 12.70 25.13
CA TYR B 674 -39.40 14.14 24.92
C TYR B 674 -40.63 14.75 25.59
N ILE B 675 -41.77 14.09 25.42
CA ILE B 675 -43.01 14.55 26.02
C ILE B 675 -42.85 14.53 27.53
N ASP B 676 -42.12 13.54 28.03
CA ASP B 676 -41.87 13.41 29.46
C ASP B 676 -40.95 14.52 29.95
N SER B 677 -40.03 14.93 29.09
CA SER B 677 -39.08 15.99 29.43
C SER B 677 -39.82 17.29 29.66
N ILE B 678 -40.77 17.59 28.79
CA ILE B 678 -41.57 18.81 28.89
C ILE B 678 -42.74 18.58 29.84
N GLY B 679 -43.09 17.31 30.03
CA GLY B 679 -44.21 16.97 30.89
C GLY B 679 -45.42 16.60 30.05
N VAL B 680 -45.98 15.42 30.30
CA VAL B 680 -47.13 14.96 29.53
C VAL B 680 -48.27 15.97 29.59
N ALA B 681 -48.46 16.58 30.76
CA ALA B 681 -49.51 17.56 30.94
C ALA B 681 -49.18 18.85 30.20
N GLU B 682 -47.96 19.34 30.39
CA GLU B 682 -47.52 20.57 29.74
C GLU B 682 -47.50 20.43 28.22
N PHE B 683 -47.23 19.22 27.75
CA PHE B 683 -47.17 18.95 26.32
C PHE B 683 -48.56 19.09 25.69
N VAL B 684 -49.57 18.63 26.41
CA VAL B 684 -50.95 18.71 25.93
C VAL B 684 -51.31 20.17 25.66
N ALA B 685 -50.92 21.04 26.58
CA ALA B 685 -51.19 22.47 26.44
C ALA B 685 -50.44 23.02 25.24
N LEU B 686 -49.26 22.43 24.99
CA LEU B 686 -48.42 22.85 23.88
C LEU B 686 -49.04 22.38 22.57
N ALA B 687 -49.94 21.40 22.67
CA ALA B 687 -50.62 20.87 21.50
C ALA B 687 -51.88 21.66 21.14
N ASP B 688 -52.45 22.33 22.14
CA ASP B 688 -53.66 23.13 21.91
C ASP B 688 -53.30 24.47 21.27
N GLN B 689 -52.17 25.03 21.66
CA GLN B 689 -51.73 26.31 21.12
C GLN B 689 -51.56 26.25 19.60
N TYR B 690 -51.17 25.08 19.09
CA TYR B 690 -50.98 24.91 17.66
C TYR B 690 -52.02 23.95 17.10
N ALA B 691 -53.06 23.69 17.87
CA ALA B 691 -54.13 22.78 17.46
C ALA B 691 -54.87 23.26 16.23
N GLU B 692 -54.68 24.54 15.88
CA GLU B 692 -55.34 25.13 14.72
C GLU B 692 -54.70 24.67 13.41
N LEU B 693 -53.92 23.59 13.45
CA LEU B 693 -53.25 23.09 12.26
C LEU B 693 -53.74 21.71 11.81
N GLY B 694 -54.78 21.20 12.45
CA GLY B 694 -55.31 19.91 12.05
C GLY B 694 -55.33 18.86 13.15
N ALA B 695 -55.81 17.67 12.81
CA ALA B 695 -55.91 16.56 13.76
C ALA B 695 -54.54 16.05 14.17
N LEU B 696 -53.52 16.42 13.41
CA LEU B 696 -52.15 16.00 13.72
C LEU B 696 -51.59 16.72 14.94
N TYR B 697 -52.36 17.69 15.44
CA TYR B 697 -51.92 18.45 16.61
C TYR B 697 -52.87 18.30 17.80
N HIS B 698 -53.76 17.32 17.74
CA HIS B 698 -54.71 17.09 18.83
C HIS B 698 -54.42 15.82 19.63
N PRO B 699 -54.13 15.98 20.93
CA PRO B 699 -53.84 14.84 21.81
C PRO B 699 -54.96 13.82 21.78
N THR B 700 -54.72 12.65 22.36
CA THR B 700 -55.73 11.60 22.40
C THR B 700 -56.44 11.59 23.75
N ALA B 701 -57.54 10.86 23.82
CA ALA B 701 -58.30 10.76 25.05
C ALA B 701 -57.47 10.12 26.15
N LYS B 702 -56.52 9.28 25.76
CA LYS B 702 -55.67 8.59 26.71
C LYS B 702 -54.48 9.47 27.09
N LEU B 703 -54.02 10.28 26.16
CA LEU B 703 -52.90 11.18 26.40
C LEU B 703 -53.34 12.30 27.33
N ARG B 704 -54.61 12.68 27.21
CA ARG B 704 -55.16 13.74 28.06
C ARG B 704 -55.42 13.20 29.45
N GLU B 705 -55.87 11.94 29.51
CA GLU B 705 -56.18 11.30 30.78
C GLU B 705 -54.93 11.13 31.64
N MET B 706 -53.88 10.57 31.05
CA MET B 706 -52.64 10.35 31.78
C MET B 706 -51.97 11.67 32.12
N ALA B 707 -52.44 12.74 31.49
CA ALA B 707 -51.90 14.08 31.74
C ALA B 707 -52.49 14.62 33.04
N LYS B 708 -53.66 14.10 33.42
CA LYS B 708 -54.33 14.53 34.63
C LYS B 708 -53.78 13.80 35.84
N ASN B 709 -53.60 12.49 35.69
CA ASN B 709 -53.08 11.66 36.77
C ASN B 709 -51.60 11.96 37.05
N GLY B 710 -50.98 12.71 36.14
CA GLY B 710 -49.59 13.06 36.30
C GLY B 710 -48.66 11.97 35.78
N GLN B 711 -49.25 10.88 35.32
CA GLN B 711 -48.48 9.75 34.80
C GLN B 711 -47.60 10.18 33.63
N SER B 712 -46.60 9.35 33.34
CA SER B 712 -45.67 9.61 32.23
C SER B 712 -45.33 8.30 31.53
N PHE B 713 -44.76 8.39 30.34
CA PHE B 713 -44.41 7.19 29.59
C PHE B 713 -43.32 6.38 30.24
N PHE B 714 -42.38 7.04 30.91
CA PHE B 714 -41.28 6.35 31.57
C PHE B 714 -41.24 6.63 33.07
N GLY B 715 -42.42 6.69 33.70
CA GLY B 715 -42.49 6.95 35.12
C GLY B 715 -41.77 5.89 35.94
N SER C 1 48.60 18.16 25.20
CA SER C 1 47.66 19.30 25.42
C SER C 1 46.52 19.27 24.40
N LEU C 2 45.45 20.00 24.70
CA LEU C 2 44.29 20.05 23.82
C LEU C 2 43.79 21.48 23.65
N ASN C 3 43.76 21.96 22.41
CA ASN C 3 43.28 23.31 22.13
C ASN C 3 41.77 23.36 22.33
N PRO C 4 41.27 24.47 22.90
CA PRO C 4 39.83 24.65 23.15
C PRO C 4 38.92 24.33 21.97
N ARG C 5 39.44 24.49 20.76
CA ARG C 5 38.66 24.24 19.56
C ARG C 5 38.52 22.76 19.18
N ASP C 6 39.30 21.89 19.82
CA ASP C 6 39.23 20.46 19.50
C ASP C 6 37.90 19.89 19.96
N VAL C 7 37.56 18.70 19.49
CA VAL C 7 36.30 18.05 19.84
C VAL C 7 36.49 16.98 20.90
N VAL C 8 35.54 16.89 21.83
CA VAL C 8 35.60 15.92 22.91
C VAL C 8 34.34 15.06 23.02
N ILE C 9 34.54 13.76 23.21
CA ILE C 9 33.42 12.83 23.34
C ILE C 9 33.28 12.49 24.82
N VAL C 10 32.21 12.97 25.44
CA VAL C 10 31.96 12.74 26.86
C VAL C 10 31.59 11.29 27.18
N ASP C 11 30.48 10.82 26.63
CA ASP C 11 30.03 9.45 26.90
C ASP C 11 29.39 8.81 25.67
N PHE C 12 29.36 7.49 25.66
CA PHE C 12 28.77 6.74 24.56
C PHE C 12 27.76 5.74 25.10
N GLY C 13 26.65 5.58 24.39
CA GLY C 13 25.62 4.65 24.81
C GLY C 13 24.94 3.99 23.63
N ARG C 14 24.43 2.78 23.82
CA ARG C 14 23.76 2.06 22.76
C ARG C 14 22.73 1.09 23.29
N THR C 15 21.58 1.02 22.63
CA THR C 15 20.50 0.13 23.04
C THR C 15 20.86 -1.32 22.74
N PRO C 16 20.30 -2.26 23.51
CA PRO C 16 20.59 -3.68 23.28
C PRO C 16 20.03 -4.09 21.92
N MET C 17 20.89 -4.59 21.04
CA MET C 17 20.46 -5.01 19.72
C MET C 17 19.40 -6.09 19.81
N GLY C 18 18.65 -6.28 18.72
CA GLY C 18 17.61 -7.30 18.74
C GLY C 18 17.05 -7.61 17.36
N ARG C 19 16.75 -8.89 17.12
CA ARG C 19 16.22 -9.34 15.85
C ARG C 19 14.96 -8.55 15.49
N SER C 20 14.92 -8.05 14.26
CA SER C 20 13.78 -7.28 13.79
C SER C 20 12.54 -8.14 13.68
N LYS C 21 12.73 -9.44 13.47
CA LYS C 21 11.63 -10.38 13.35
C LYS C 21 11.26 -10.99 14.71
N GLY C 22 10.13 -10.55 15.26
CA GLY C 22 9.69 -11.06 16.54
C GLY C 22 10.75 -10.93 17.63
N GLY C 23 11.45 -9.80 17.62
CA GLY C 23 12.49 -9.56 18.60
C GLY C 23 12.04 -8.81 19.84
N MET C 24 13.02 -8.33 20.60
CA MET C 24 12.77 -7.59 21.82
C MET C 24 12.21 -6.19 21.58
N HIS C 25 12.35 -5.70 20.36
CA HIS C 25 11.86 -4.37 20.01
C HIS C 25 10.60 -4.40 19.15
N ARG C 26 10.00 -5.58 19.01
CA ARG C 26 8.81 -5.73 18.19
C ARG C 26 7.68 -4.76 18.54
N ASN C 27 7.70 -4.25 19.77
CA ASN C 27 6.67 -3.33 20.22
C ASN C 27 7.23 -1.99 20.71
N THR C 28 8.37 -1.58 20.17
CA THR C 28 8.99 -0.32 20.56
C THR C 28 9.25 0.57 19.35
N ARG C 29 8.66 1.77 19.37
CA ARG C 29 8.83 2.74 18.28
C ARG C 29 10.26 3.25 18.21
N ALA C 30 10.72 3.53 16.99
CA ALA C 30 12.06 4.03 16.78
C ALA C 30 12.24 5.39 17.43
N GLU C 31 11.13 6.12 17.55
CA GLU C 31 11.13 7.44 18.17
C GLU C 31 11.33 7.33 19.67
N ASP C 32 10.59 6.43 20.30
CA ASP C 32 10.70 6.22 21.75
C ASP C 32 12.01 5.54 22.10
N MET C 33 12.51 4.71 21.18
CA MET C 33 13.75 3.99 21.40
C MET C 33 14.90 4.99 21.49
N SER C 34 14.83 6.04 20.68
CA SER C 34 15.87 7.06 20.67
C SER C 34 15.74 7.97 21.87
N ALA C 35 14.55 8.52 22.08
CA ALA C 35 14.29 9.42 23.18
C ALA C 35 14.65 8.78 24.52
N HIS C 36 14.40 7.49 24.63
CA HIS C 36 14.70 6.76 25.86
C HIS C 36 16.21 6.64 26.06
N LEU C 37 16.92 6.36 24.97
CA LEU C 37 18.37 6.21 25.02
C LEU C 37 19.03 7.55 25.35
N ILE C 38 18.66 8.59 24.61
CA ILE C 38 19.21 9.91 24.82
C ILE C 38 19.04 10.36 26.27
N SER C 39 17.83 10.14 26.80
CA SER C 39 17.50 10.51 28.17
C SER C 39 18.38 9.80 29.19
N LYS C 40 18.57 8.50 28.99
CA LYS C 40 19.38 7.69 29.89
C LYS C 40 20.87 8.06 29.85
N VAL C 41 21.39 8.29 28.65
CA VAL C 41 22.80 8.65 28.50
C VAL C 41 23.08 10.00 29.17
N LEU C 42 22.07 10.86 29.21
CA LEU C 42 22.23 12.17 29.82
C LEU C 42 22.22 12.05 31.34
N GLU C 43 21.61 11.00 31.86
CA GLU C 43 21.54 10.78 33.30
C GLU C 43 22.90 10.37 33.87
N ARG C 44 23.62 9.54 33.13
CA ARG C 44 24.93 9.07 33.57
C ARG C 44 25.91 10.25 33.62
N ASN C 45 25.57 11.32 32.93
CA ASN C 45 26.40 12.51 32.87
C ASN C 45 25.62 13.70 33.40
N SER C 46 25.22 13.63 34.65
CA SER C 46 24.44 14.70 35.28
C SER C 46 25.15 16.05 35.28
N LYS C 47 26.44 16.06 34.94
CA LYS C 47 27.19 17.30 34.92
C LYS C 47 26.80 18.20 33.76
N VAL C 48 26.52 17.60 32.61
CA VAL C 48 26.14 18.36 31.43
C VAL C 48 24.66 18.73 31.48
N ASP C 49 24.36 20.01 31.26
CA ASP C 49 22.99 20.49 31.29
C ASP C 49 22.29 20.35 29.94
N PRO C 50 21.16 19.60 29.93
CA PRO C 50 20.38 19.36 28.71
C PRO C 50 20.03 20.65 27.98
N GLY C 51 19.93 21.74 28.73
CA GLY C 51 19.59 23.02 28.12
C GLY C 51 20.69 23.57 27.24
N GLU C 52 21.93 23.30 27.60
CA GLU C 52 23.08 23.79 26.83
C GLU C 52 23.24 23.03 25.51
N VAL C 53 22.46 21.96 25.34
CA VAL C 53 22.54 21.18 24.12
C VAL C 53 22.11 22.00 22.92
N GLU C 54 23.07 22.58 22.21
CA GLU C 54 22.79 23.41 21.04
C GLU C 54 21.94 22.70 19.99
N ASP C 55 22.34 21.50 19.60
CA ASP C 55 21.59 20.76 18.60
C ASP C 55 21.74 19.24 18.74
N VAL C 56 20.67 18.54 18.41
CA VAL C 56 20.66 17.08 18.47
C VAL C 56 20.63 16.53 17.04
N ILE C 57 21.78 16.06 16.57
CA ILE C 57 21.90 15.51 15.22
C ILE C 57 21.77 13.99 15.26
N TRP C 58 20.61 13.49 14.85
CA TRP C 58 20.35 12.06 14.86
C TRP C 58 20.54 11.46 13.47
N GLY C 59 20.77 10.16 13.43
CA GLY C 59 20.97 9.48 12.16
C GLY C 59 19.82 8.56 11.81
N CYS C 60 19.40 8.58 10.55
CA CYS C 60 18.30 7.74 10.11
C CYS C 60 18.31 7.66 8.59
N VAL C 61 17.83 6.54 8.04
CA VAL C 61 17.82 6.34 6.59
C VAL C 61 16.42 6.33 5.98
N ASN C 62 15.67 5.27 6.26
CA ASN C 62 14.31 5.13 5.73
C ASN C 62 13.36 6.02 6.53
N GLN C 63 13.55 7.33 6.42
CA GLN C 63 12.74 8.30 7.15
C GLN C 63 11.31 8.42 6.62
N THR C 64 10.43 7.58 7.15
CA THR C 64 9.02 7.56 6.79
C THR C 64 8.25 6.96 7.96
N LEU C 65 6.96 7.23 8.03
CA LEU C 65 6.16 6.70 9.12
C LEU C 65 6.79 7.09 10.46
N GLU C 66 7.21 6.09 11.22
CA GLU C 66 7.83 6.32 12.52
C GLU C 66 9.08 7.17 12.45
N GLN C 67 9.94 6.86 11.48
CA GLN C 67 11.20 7.58 11.32
C GLN C 67 11.12 8.81 10.41
N GLY C 68 9.91 9.22 10.04
CA GLY C 68 9.78 10.37 9.17
C GLY C 68 9.56 11.68 9.91
N TRP C 69 9.52 12.77 9.16
CA TRP C 69 9.31 14.11 9.71
C TRP C 69 10.32 14.52 10.78
N ASN C 70 11.59 14.38 10.45
CA ASN C 70 12.67 14.77 11.36
C ASN C 70 12.53 14.07 12.71
N ILE C 71 12.90 12.80 12.76
CA ILE C 71 12.80 12.01 13.98
C ILE C 71 13.72 12.56 15.07
N ALA C 72 14.75 13.29 14.67
CA ALA C 72 15.71 13.87 15.60
C ALA C 72 15.01 14.78 16.60
N ARG C 73 14.04 15.54 16.11
CA ARG C 73 13.29 16.45 16.96
C ARG C 73 12.13 15.71 17.66
N MET C 74 11.51 14.79 16.94
CA MET C 74 10.41 14.01 17.47
C MET C 74 10.82 13.21 18.68
N ALA C 75 12.13 12.99 18.82
CA ALA C 75 12.67 12.24 19.94
C ALA C 75 13.20 13.16 21.02
N SER C 76 13.79 14.29 20.60
CA SER C 76 14.35 15.24 21.53
C SER C 76 13.27 15.91 22.38
N LEU C 77 12.02 15.82 21.93
CA LEU C 77 10.91 16.43 22.63
C LEU C 77 10.39 15.57 23.78
N MET C 78 10.75 14.28 23.76
CA MET C 78 10.31 13.36 24.80
C MET C 78 11.46 13.06 25.76
N THR C 79 12.40 14.01 25.85
CA THR C 79 13.54 13.86 26.74
C THR C 79 13.64 15.08 27.64
N GLN C 80 14.77 15.23 28.32
CA GLN C 80 14.97 16.39 29.20
C GLN C 80 15.52 17.56 28.39
N ILE C 81 15.70 17.35 27.10
CA ILE C 81 16.21 18.38 26.20
C ILE C 81 15.11 19.42 25.98
N PRO C 82 15.36 20.68 26.37
CA PRO C 82 14.40 21.76 26.20
C PRO C 82 13.97 21.99 24.75
N HIS C 83 12.84 22.66 24.57
CA HIS C 83 12.33 22.94 23.24
C HIS C 83 13.20 23.99 22.58
N THR C 84 14.07 24.60 23.37
CA THR C 84 14.98 25.64 22.90
C THR C 84 16.10 25.07 22.04
N SER C 85 16.33 23.77 22.16
CA SER C 85 17.39 23.11 21.39
C SER C 85 16.89 22.74 19.99
N ALA C 86 17.81 22.64 19.05
CA ALA C 86 17.45 22.28 17.67
C ALA C 86 17.65 20.79 17.46
N ALA C 87 17.27 20.31 16.28
CA ALA C 87 17.41 18.90 15.95
C ALA C 87 17.30 18.66 14.44
N GLN C 88 18.26 17.92 13.90
CA GLN C 88 18.26 17.59 12.48
C GLN C 88 18.53 16.12 12.27
N THR C 89 17.98 15.56 11.19
CA THR C 89 18.14 14.16 10.87
C THR C 89 19.03 14.02 9.63
N VAL C 90 20.27 13.60 9.83
CA VAL C 90 21.21 13.41 8.73
C VAL C 90 21.12 12.01 8.15
N SER C 91 21.08 11.93 6.81
CA SER C 91 21.01 10.65 6.13
C SER C 91 22.10 10.46 5.09
N ARG C 92 22.84 9.38 5.23
CA ARG C 92 23.91 9.03 4.29
C ARG C 92 23.95 7.52 4.35
N LEU C 93 22.77 6.92 4.28
CA LEU C 93 22.61 5.47 4.35
C LEU C 93 23.28 4.91 5.60
N CYS C 94 24.11 3.90 5.41
CA CYS C 94 24.81 3.25 6.51
C CYS C 94 25.63 4.19 7.38
N GLY C 95 26.31 5.14 6.76
CA GLY C 95 27.12 6.07 7.53
C GLY C 95 26.40 7.29 8.05
N SER C 96 25.07 7.21 8.15
CA SER C 96 24.27 8.33 8.63
C SER C 96 24.72 8.83 9.99
N SER C 97 24.63 7.97 11.00
CA SER C 97 25.00 8.33 12.36
C SER C 97 26.41 8.91 12.46
N MET C 98 27.34 8.35 11.70
CA MET C 98 28.73 8.84 11.73
C MET C 98 28.81 10.25 11.18
N SER C 99 28.08 10.52 10.10
CA SER C 99 28.09 11.86 9.51
C SER C 99 27.53 12.86 10.51
N ALA C 100 26.60 12.39 11.34
CA ALA C 100 26.00 13.24 12.36
C ALA C 100 27.09 13.71 13.32
N LEU C 101 27.95 12.78 13.71
CA LEU C 101 29.06 13.08 14.61
C LEU C 101 29.92 14.18 14.02
N HIS C 102 30.17 14.12 12.71
CA HIS C 102 31.00 15.11 12.04
C HIS C 102 30.33 16.47 12.04
N THR C 103 29.04 16.50 11.69
CA THR C 103 28.30 17.75 11.64
C THR C 103 28.39 18.49 12.97
N ALA C 104 28.29 17.75 14.06
CA ALA C 104 28.37 18.34 15.39
C ALA C 104 29.79 18.77 15.69
N ALA C 105 30.73 17.86 15.52
CA ALA C 105 32.14 18.13 15.76
C ALA C 105 32.56 19.39 15.02
N GLN C 106 32.24 19.46 13.73
CA GLN C 106 32.58 20.61 12.92
C GLN C 106 31.80 21.86 13.35
N ALA C 107 30.64 21.65 13.94
CA ALA C 107 29.82 22.76 14.41
C ALA C 107 30.47 23.37 15.64
N ILE C 108 31.24 22.54 16.34
CA ILE C 108 31.94 22.95 17.54
C ILE C 108 33.20 23.73 17.18
N MET C 109 33.99 23.16 16.29
CA MET C 109 35.24 23.75 15.85
C MET C 109 35.04 25.16 15.28
N THR C 110 33.88 25.42 14.71
CA THR C 110 33.60 26.73 14.11
C THR C 110 32.83 27.69 15.01
N GLY C 111 32.77 27.37 16.30
CA GLY C 111 32.06 28.23 17.24
C GLY C 111 30.58 28.36 16.99
N ASN C 112 29.96 27.31 16.47
CA ASN C 112 28.53 27.31 16.21
C ASN C 112 27.83 26.34 17.17
N GLY C 113 28.25 26.37 18.43
CA GLY C 113 27.69 25.50 19.44
C GLY C 113 28.79 25.00 20.36
N ASP C 114 28.42 24.64 21.59
CA ASP C 114 29.38 24.15 22.57
C ASP C 114 29.08 22.73 23.02
N VAL C 115 27.80 22.37 23.04
CA VAL C 115 27.38 21.04 23.45
C VAL C 115 26.41 20.43 22.47
N PHE C 116 26.70 19.22 22.00
CA PHE C 116 25.83 18.53 21.06
C PHE C 116 25.56 17.09 21.48
N VAL C 117 24.45 16.55 21.01
CA VAL C 117 24.06 15.17 21.31
C VAL C 117 23.83 14.48 19.97
N VAL C 118 24.79 13.65 19.58
CA VAL C 118 24.69 12.92 18.32
C VAL C 118 24.36 11.44 18.49
N GLY C 119 23.93 10.82 17.41
CA GLY C 119 23.57 9.42 17.45
C GLY C 119 22.72 9.04 16.26
N GLY C 120 22.09 7.87 16.33
CA GLY C 120 21.27 7.42 15.23
C GLY C 120 20.41 6.23 15.60
N VAL C 121 19.37 5.96 14.81
CA VAL C 121 18.48 4.84 15.07
C VAL C 121 17.94 4.28 13.77
N GLU C 122 17.59 3.01 13.78
CA GLU C 122 17.04 2.34 12.60
C GLU C 122 16.25 1.11 13.02
N HIS C 123 14.93 1.25 13.08
CA HIS C 123 14.08 0.14 13.48
C HIS C 123 13.59 -0.57 12.22
N MET C 124 14.45 -1.41 11.65
CA MET C 124 14.14 -2.13 10.43
C MET C 124 12.94 -3.06 10.56
N GLY C 125 12.57 -3.38 11.80
CA GLY C 125 11.43 -4.25 12.02
C GLY C 125 10.16 -3.60 11.50
N HIS C 126 9.87 -2.40 11.97
CA HIS C 126 8.70 -1.64 11.56
C HIS C 126 8.92 -1.04 10.18
N VAL C 127 9.91 -0.14 10.08
CA VAL C 127 10.23 0.49 8.80
C VAL C 127 11.30 -0.31 8.07
N SER C 128 10.89 -1.40 7.44
CA SER C 128 11.81 -2.28 6.71
C SER C 128 12.51 -1.52 5.58
N MET C 129 13.69 -2.00 5.20
CA MET C 129 14.47 -1.37 4.14
C MET C 129 13.82 -1.44 2.76
N MET C 130 12.95 -2.43 2.56
CA MET C 130 12.28 -2.59 1.27
C MET C 130 10.93 -1.88 1.23
N HIS C 131 10.63 -1.12 2.28
CA HIS C 131 9.37 -0.39 2.37
C HIS C 131 9.43 0.92 1.59
N GLY C 132 8.44 1.13 0.71
CA GLY C 132 8.39 2.35 -0.07
C GLY C 132 9.63 2.64 -0.87
N VAL C 133 9.93 1.77 -1.82
CA VAL C 133 11.11 1.95 -2.67
C VAL C 133 10.67 2.06 -4.12
N ASP C 134 10.89 3.23 -4.72
CA ASP C 134 10.50 3.45 -6.11
C ASP C 134 11.75 3.69 -6.97
N PRO C 135 12.27 2.62 -7.58
CA PRO C 135 13.46 2.69 -8.43
C PRO C 135 13.34 3.70 -9.57
N ASN C 136 14.41 4.43 -9.83
CA ASN C 136 14.43 5.41 -10.91
C ASN C 136 15.04 4.81 -12.18
N PRO C 137 14.20 4.58 -13.20
CA PRO C 137 14.65 4.00 -14.47
C PRO C 137 15.86 4.72 -15.08
N HIS C 138 15.82 6.04 -15.02
CA HIS C 138 16.89 6.88 -15.57
C HIS C 138 18.25 6.58 -14.96
N MET C 139 18.25 5.98 -13.77
CA MET C 139 19.49 5.65 -13.08
C MET C 139 20.31 4.64 -13.87
N SER C 140 19.61 3.80 -14.65
CA SER C 140 20.27 2.78 -15.45
C SER C 140 21.03 3.39 -16.62
N LEU C 141 20.75 4.65 -16.91
CA LEU C 141 21.40 5.34 -18.01
C LEU C 141 22.77 5.88 -17.61
N TYR C 142 23.04 5.93 -16.31
CA TYR C 142 24.32 6.42 -15.82
C TYR C 142 25.02 5.39 -14.93
N ALA C 143 24.31 4.34 -14.56
CA ALA C 143 24.86 3.29 -13.72
C ALA C 143 24.07 2.00 -13.86
N ALA C 144 24.48 0.97 -13.13
CA ALA C 144 23.83 -0.32 -13.19
C ALA C 144 22.80 -0.47 -12.07
N LYS C 145 21.58 -0.82 -12.45
CA LYS C 145 20.50 -0.99 -11.48
C LYS C 145 20.90 -2.02 -10.43
N ALA C 146 21.69 -3.00 -10.84
CA ALA C 146 22.13 -4.06 -9.95
C ALA C 146 22.98 -3.51 -8.80
N SER C 147 23.69 -2.42 -9.05
CA SER C 147 24.54 -1.81 -8.03
C SER C 147 23.73 -1.39 -6.81
N GLY C 148 22.42 -1.29 -7.00
CA GLY C 148 21.55 -0.90 -5.90
C GLY C 148 21.44 -2.01 -4.88
N MET C 149 21.42 -3.25 -5.37
CA MET C 149 21.33 -4.39 -4.47
C MET C 149 22.66 -4.63 -3.75
N MET C 150 22.69 -4.24 -2.48
CA MET C 150 23.87 -4.37 -1.65
C MET C 150 24.51 -5.76 -1.71
N GLY C 151 23.68 -6.78 -1.81
CA GLY C 151 24.18 -8.13 -1.85
C GLY C 151 25.07 -8.43 -3.05
N LEU C 152 24.67 -7.95 -4.21
CA LEU C 152 25.43 -8.16 -5.44
C LEU C 152 26.74 -7.38 -5.46
N THR C 153 26.74 -6.19 -4.86
CA THR C 153 27.95 -5.38 -4.81
C THR C 153 29.00 -6.07 -3.96
N ALA C 154 28.54 -7.02 -3.15
CA ALA C 154 29.43 -7.79 -2.27
C ALA C 154 30.03 -8.93 -3.07
N GLU C 155 29.21 -9.51 -3.95
CA GLU C 155 29.65 -10.62 -4.80
C GLU C 155 30.79 -10.18 -5.70
N MET C 156 30.62 -9.02 -6.35
CA MET C 156 31.62 -8.48 -7.26
C MET C 156 32.97 -8.33 -6.59
N LEU C 157 33.00 -7.73 -5.40
CA LEU C 157 34.26 -7.57 -4.68
C LEU C 157 34.80 -8.93 -4.25
N GLY C 158 33.90 -9.88 -4.01
CA GLY C 158 34.32 -11.21 -3.59
C GLY C 158 34.98 -11.95 -4.74
N LYS C 159 34.79 -11.47 -5.95
CA LYS C 159 35.37 -12.08 -7.13
C LYS C 159 36.60 -11.28 -7.56
N MET C 160 36.54 -9.97 -7.36
CA MET C 160 37.63 -9.08 -7.73
C MET C 160 38.90 -9.30 -6.91
N HIS C 161 38.74 -9.57 -5.62
CA HIS C 161 39.90 -9.80 -4.76
C HIS C 161 40.06 -11.27 -4.37
N GLY C 162 39.23 -12.11 -4.97
CA GLY C 162 39.30 -13.54 -4.70
C GLY C 162 39.04 -13.96 -3.27
N ILE C 163 37.81 -13.76 -2.80
CA ILE C 163 37.45 -14.16 -1.44
C ILE C 163 36.53 -15.37 -1.54
N SER C 164 37.02 -16.52 -1.07
CA SER C 164 36.26 -17.76 -1.12
C SER C 164 35.23 -17.91 0.00
N ARG C 165 34.36 -18.90 -0.14
CA ARG C 165 33.32 -19.18 0.83
C ARG C 165 33.94 -19.61 2.15
N GLU C 166 34.97 -20.44 2.06
CA GLU C 166 35.66 -20.94 3.24
C GLU C 166 36.33 -19.82 4.02
N GLN C 167 36.48 -18.65 3.39
CA GLN C 167 37.09 -17.50 4.05
C GLN C 167 36.01 -16.60 4.65
N GLN C 168 34.95 -16.39 3.89
CA GLN C 168 33.83 -15.55 4.34
C GLN C 168 33.18 -16.13 5.59
N ASP C 169 32.92 -17.43 5.58
CA ASP C 169 32.29 -18.07 6.72
C ASP C 169 33.25 -18.05 7.91
N ALA C 170 34.54 -18.03 7.62
CA ALA C 170 35.56 -18.01 8.67
C ALA C 170 35.54 -16.67 9.38
N PHE C 171 35.24 -15.62 8.61
CA PHE C 171 35.18 -14.27 9.15
C PHE C 171 33.89 -14.09 9.95
N ALA C 172 32.84 -14.79 9.53
CA ALA C 172 31.55 -14.72 10.19
C ALA C 172 31.61 -15.33 11.59
N VAL C 173 32.14 -16.54 11.68
CA VAL C 173 32.26 -17.22 12.96
C VAL C 173 33.06 -16.35 13.91
N ARG C 174 34.11 -15.71 13.39
CA ARG C 174 34.97 -14.84 14.18
C ARG C 174 34.15 -13.72 14.83
N SER C 175 33.24 -13.13 14.07
CA SER C 175 32.40 -12.05 14.58
C SER C 175 31.49 -12.54 15.70
N HIS C 176 30.74 -13.60 15.44
CA HIS C 176 29.85 -14.17 16.45
C HIS C 176 30.66 -14.58 17.69
N GLN C 177 31.77 -15.25 17.44
CA GLN C 177 32.64 -15.73 18.51
C GLN C 177 33.10 -14.60 19.42
N LEU C 178 33.86 -13.66 18.85
CA LEU C 178 34.36 -12.53 19.62
C LEU C 178 33.25 -11.70 20.26
N ALA C 179 32.14 -11.55 19.56
CA ALA C 179 31.02 -10.78 20.07
C ALA C 179 30.48 -11.45 21.33
N HIS C 180 30.28 -12.76 21.26
CA HIS C 180 29.78 -13.52 22.39
C HIS C 180 30.79 -13.50 23.54
N LYS C 181 32.06 -13.61 23.19
CA LYS C 181 33.14 -13.60 24.17
C LYS C 181 33.16 -12.29 24.93
N ALA C 182 33.18 -11.18 24.20
CA ALA C 182 33.21 -9.86 24.82
C ALA C 182 31.97 -9.65 25.68
N THR C 183 30.83 -10.14 25.19
CA THR C 183 29.57 -10.01 25.91
C THR C 183 29.64 -10.71 27.26
N VAL C 184 29.95 -12.01 27.25
CA VAL C 184 30.04 -12.79 28.48
C VAL C 184 31.08 -12.23 29.45
N GLU C 185 32.24 -11.87 28.93
CA GLU C 185 33.31 -11.33 29.76
C GLU C 185 33.08 -9.88 30.15
N GLY C 186 31.84 -9.41 29.98
CA GLY C 186 31.50 -8.04 30.32
C GLY C 186 32.42 -6.99 29.74
N LYS C 187 32.17 -6.62 28.49
CA LYS C 187 32.97 -5.60 27.83
C LYS C 187 32.07 -4.54 27.21
N PHE C 188 30.79 -4.88 27.07
CA PHE C 188 29.80 -3.96 26.52
C PHE C 188 28.98 -3.34 27.65
N LYS C 189 29.35 -3.68 28.88
CA LYS C 189 28.66 -3.18 30.06
C LYS C 189 28.61 -1.65 30.18
N ASP C 190 29.69 -0.99 29.81
CA ASP C 190 29.76 0.47 29.91
C ASP C 190 28.97 1.20 28.83
N GLU C 191 28.68 0.51 27.73
CA GLU C 191 27.94 1.13 26.63
C GLU C 191 26.47 0.71 26.51
N ILE C 192 26.17 -0.55 26.84
CA ILE C 192 24.80 -1.04 26.75
C ILE C 192 23.91 -0.45 27.85
N ILE C 193 22.85 0.24 27.42
CA ILE C 193 21.92 0.85 28.35
C ILE C 193 20.71 -0.07 28.52
N PRO C 194 20.53 -0.64 29.72
CA PRO C 194 19.39 -1.54 29.97
C PRO C 194 18.10 -0.94 29.42
N MET C 195 17.41 -1.70 28.58
CA MET C 195 16.17 -1.23 27.97
C MET C 195 15.06 -2.26 28.05
N GLN C 196 13.84 -1.80 28.33
CA GLN C 196 12.69 -2.69 28.41
C GLN C 196 12.34 -3.26 27.05
N GLY C 197 11.91 -4.52 27.04
CA GLY C 197 11.54 -5.17 25.80
C GLY C 197 10.57 -6.30 26.09
N TYR C 198 10.27 -7.10 25.08
CA TYR C 198 9.36 -8.23 25.26
C TYR C 198 9.93 -9.51 24.68
N ASP C 199 9.68 -10.63 25.35
CA ASP C 199 10.17 -11.92 24.90
C ASP C 199 9.13 -12.60 24.01
N GLU C 200 9.35 -13.89 23.72
CA GLU C 200 8.46 -14.65 22.86
C GLU C 200 7.02 -14.66 23.34
N ASN C 201 6.80 -15.10 24.57
CA ASN C 201 5.46 -15.18 25.15
C ASN C 201 4.77 -13.83 25.28
N GLY C 202 5.55 -12.76 25.18
CA GLY C 202 4.98 -11.42 25.30
C GLY C 202 5.15 -10.82 26.68
N PHE C 203 6.06 -11.39 27.46
CA PHE C 203 6.33 -10.91 28.81
C PHE C 203 7.21 -9.66 28.76
N LEU C 204 7.01 -8.78 29.74
CA LEU C 204 7.79 -7.55 29.80
C LEU C 204 9.00 -7.69 30.72
N LYS C 205 10.19 -7.55 30.14
CA LYS C 205 11.42 -7.66 30.92
C LYS C 205 12.51 -6.81 30.29
N ILE C 206 13.55 -6.52 31.07
CA ILE C 206 14.67 -5.70 30.59
C ILE C 206 15.82 -6.51 29.99
N PHE C 207 16.24 -6.11 28.80
CA PHE C 207 17.35 -6.77 28.12
C PHE C 207 18.60 -5.92 28.26
N ASP C 208 19.75 -6.58 28.43
CA ASP C 208 21.03 -5.88 28.57
C ASP C 208 22.08 -6.54 27.70
N TYR C 209 21.67 -7.54 26.94
CA TYR C 209 22.55 -8.27 26.04
C TYR C 209 22.12 -8.07 24.59
N ASP C 210 22.74 -8.82 23.68
CA ASP C 210 22.41 -8.72 22.26
C ASP C 210 21.85 -10.02 21.71
N GLU C 211 20.58 -10.02 21.32
CA GLU C 211 19.93 -11.21 20.78
C GLU C 211 20.60 -11.67 19.50
N THR C 212 20.92 -10.69 18.64
CA THR C 212 21.55 -10.95 17.35
C THR C 212 22.77 -11.88 17.39
N ILE C 213 23.40 -11.99 18.55
CA ILE C 213 24.59 -12.84 18.68
C ILE C 213 24.25 -14.32 18.81
N ARG C 214 24.67 -15.11 17.82
CA ARG C 214 24.43 -16.55 17.82
C ARG C 214 25.75 -17.29 18.07
N PRO C 215 26.03 -17.64 19.33
CA PRO C 215 27.26 -18.36 19.72
C PRO C 215 27.47 -19.70 19.04
N ASP C 216 26.37 -20.39 18.72
CA ASP C 216 26.45 -21.69 18.07
C ASP C 216 26.84 -21.61 16.60
N THR C 217 27.48 -20.52 16.21
CA THR C 217 27.91 -20.35 14.83
C THR C 217 29.25 -21.00 14.57
N THR C 218 29.29 -21.91 13.61
CA THR C 218 30.51 -22.62 13.26
C THR C 218 30.71 -22.62 11.74
N LEU C 219 31.89 -23.02 11.30
CA LEU C 219 32.19 -23.06 9.88
C LEU C 219 31.32 -24.10 9.19
N GLU C 220 30.85 -25.08 9.97
CA GLU C 220 30.02 -26.14 9.44
C GLU C 220 28.58 -25.66 9.28
N SER C 221 28.09 -24.95 10.29
CA SER C 221 26.72 -24.43 10.26
C SER C 221 26.51 -23.42 9.15
N LEU C 222 27.56 -22.67 8.84
CA LEU C 222 27.49 -21.65 7.80
C LEU C 222 27.61 -22.27 6.42
N ALA C 223 28.42 -23.32 6.31
CA ALA C 223 28.64 -24.00 5.05
C ALA C 223 27.36 -24.68 4.56
N ALA C 224 26.47 -25.01 5.49
CA ALA C 224 25.22 -25.67 5.14
C ALA C 224 24.24 -24.69 4.51
N LEU C 225 24.55 -23.41 4.61
CA LEU C 225 23.69 -22.36 4.05
C LEU C 225 23.91 -22.24 2.55
N LYS C 226 22.92 -21.69 1.86
CA LYS C 226 23.00 -21.50 0.41
C LYS C 226 23.09 -20.03 0.03
N PRO C 227 23.68 -19.72 -1.13
CA PRO C 227 23.80 -18.34 -1.58
C PRO C 227 22.45 -17.64 -1.50
N ALA C 228 22.46 -16.41 -1.00
CA ALA C 228 21.24 -15.64 -0.86
C ALA C 228 20.95 -14.67 -2.01
N PHE C 229 21.97 -14.36 -2.81
CA PHE C 229 21.78 -13.43 -3.91
C PHE C 229 22.00 -14.05 -5.29
N ASN C 230 23.11 -14.74 -5.48
CA ASN C 230 23.40 -15.37 -6.76
C ASN C 230 23.39 -16.89 -6.61
N PRO C 231 22.34 -17.55 -7.14
CA PRO C 231 22.20 -19.01 -7.08
C PRO C 231 23.44 -19.78 -7.50
N LYS C 232 23.68 -19.86 -8.80
CA LYS C 232 24.83 -20.58 -9.32
C LYS C 232 26.11 -19.75 -9.35
N GLY C 233 26.92 -19.88 -8.31
CA GLY C 233 28.18 -19.16 -8.25
C GLY C 233 28.27 -18.17 -7.11
N GLY C 234 27.23 -18.10 -6.28
CA GLY C 234 27.23 -17.19 -5.14
C GLY C 234 28.14 -17.63 -4.01
N THR C 235 28.65 -16.66 -3.25
CA THR C 235 29.54 -16.96 -2.14
C THR C 235 29.02 -16.30 -0.86
N VAL C 236 28.33 -15.18 -1.01
CA VAL C 236 27.79 -14.45 0.12
C VAL C 236 26.41 -14.98 0.50
N THR C 237 26.24 -15.28 1.77
CA THR C 237 24.97 -15.80 2.29
C THR C 237 24.48 -14.93 3.43
N ALA C 238 23.29 -15.23 3.94
CA ALA C 238 22.73 -14.47 5.04
C ALA C 238 23.61 -14.60 6.28
N GLY C 239 24.46 -15.63 6.29
CA GLY C 239 25.33 -15.87 7.43
C GLY C 239 26.57 -15.00 7.44
N THR C 240 27.05 -14.64 6.26
CA THR C 240 28.25 -13.81 6.15
C THR C 240 27.89 -12.33 6.07
N SER C 241 26.61 -12.05 5.89
CA SER C 241 26.13 -10.67 5.80
C SER C 241 25.68 -10.19 7.17
N SER C 242 25.50 -8.87 7.30
CA SER C 242 25.05 -8.30 8.57
C SER C 242 23.62 -8.72 8.84
N GLN C 243 23.10 -8.38 10.01
CA GLN C 243 21.73 -8.75 10.38
C GLN C 243 20.76 -7.58 10.39
N ILE C 244 19.48 -7.89 10.17
CA ILE C 244 18.42 -6.89 10.19
C ILE C 244 18.16 -6.71 11.69
N THR C 245 18.59 -5.57 12.23
CA THR C 245 18.41 -5.34 13.66
C THR C 245 17.84 -3.98 14.04
N ASP C 246 17.03 -3.98 15.09
CA ASP C 246 16.42 -2.75 15.61
C ASP C 246 17.36 -2.24 16.69
N GLY C 247 17.65 -0.95 16.70
CA GLY C 247 18.54 -0.43 17.71
C GLY C 247 19.02 0.98 17.45
N ALA C 248 19.49 1.65 18.50
CA ALA C 248 19.98 3.01 18.39
C ALA C 248 21.35 3.14 19.03
N SER C 249 21.88 4.35 19.07
CA SER C 249 23.17 4.63 19.66
C SER C 249 23.27 6.13 19.93
N CYS C 250 23.67 6.49 21.14
CA CYS C 250 23.79 7.89 21.51
C CYS C 250 25.24 8.25 21.83
N MET C 251 25.54 9.54 21.79
CA MET C 251 26.89 10.02 22.08
C MET C 251 26.90 11.50 22.41
N ILE C 252 27.35 11.84 23.62
CA ILE C 252 27.41 13.23 24.06
C ILE C 252 28.74 13.83 23.59
N VAL C 253 28.67 14.89 22.81
CA VAL C 253 29.88 15.53 22.29
C VAL C 253 29.87 17.04 22.53
N MET C 254 31.01 17.56 22.96
CA MET C 254 31.14 18.99 23.24
C MET C 254 32.58 19.46 23.02
N SER C 255 32.81 20.76 23.18
CA SER C 255 34.14 21.32 22.99
C SER C 255 35.07 20.95 24.13
N ALA C 256 36.37 21.04 23.88
CA ALA C 256 37.36 20.70 24.89
C ALA C 256 37.36 21.75 25.99
N GLN C 257 37.21 23.01 25.61
CA GLN C 257 37.19 24.11 26.57
C GLN C 257 36.05 23.94 27.56
N ARG C 258 34.89 23.53 27.06
CA ARG C 258 33.73 23.33 27.92
C ARG C 258 33.96 22.13 28.83
N ALA C 259 34.81 21.21 28.38
CA ALA C 259 35.12 20.02 29.16
C ALA C 259 35.98 20.40 30.36
N LYS C 260 36.88 21.36 30.14
CA LYS C 260 37.77 21.83 31.20
C LYS C 260 37.00 22.70 32.18
N ASP C 261 35.78 23.06 31.81
CA ASP C 261 34.94 23.88 32.67
C ASP C 261 34.01 23.04 33.53
N LEU C 262 33.45 21.98 32.94
CA LEU C 262 32.53 21.11 33.65
C LEU C 262 33.30 20.03 34.41
N GLY C 263 34.62 20.03 34.24
CA GLY C 263 35.46 19.07 34.93
C GLY C 263 35.10 17.61 34.70
N LEU C 264 34.70 17.29 33.47
CA LEU C 264 34.35 15.91 33.15
C LEU C 264 35.42 15.28 32.26
N GLU C 265 35.88 14.10 32.66
CA GLU C 265 36.92 13.38 31.93
C GLU C 265 36.44 12.86 30.59
N PRO C 266 37.13 13.25 29.49
CA PRO C 266 36.78 12.82 28.13
C PRO C 266 36.89 11.31 27.94
N LEU C 267 36.51 10.85 26.75
CA LEU C 267 36.56 9.44 26.40
C LEU C 267 37.47 9.30 25.18
N ALA C 268 37.49 10.36 24.38
CA ALA C 268 38.31 10.39 23.17
C ALA C 268 38.24 11.78 22.55
N VAL C 269 39.15 12.08 21.65
CA VAL C 269 39.18 13.38 20.97
C VAL C 269 39.30 13.20 19.46
N ILE C 270 38.33 13.75 18.73
CA ILE C 270 38.34 13.66 17.28
C ILE C 270 39.54 14.40 16.70
N ARG C 271 40.24 13.75 15.79
CA ARG C 271 41.42 14.37 15.16
C ARG C 271 41.19 14.63 13.67
N SER C 272 40.67 13.63 12.97
CA SER C 272 40.42 13.78 11.54
C SER C 272 39.08 13.17 11.12
N MET C 273 38.43 13.81 10.17
CA MET C 273 37.15 13.36 9.65
C MET C 273 37.23 13.33 8.14
N ALA C 274 36.64 12.32 7.52
CA ALA C 274 36.68 12.21 6.06
C ALA C 274 35.59 11.35 5.46
N VAL C 275 35.23 11.67 4.22
CA VAL C 275 34.22 10.94 3.47
C VAL C 275 34.71 10.88 2.04
N ALA C 276 34.42 9.77 1.35
CA ALA C 276 34.85 9.61 -0.03
C ALA C 276 33.85 8.80 -0.83
N GLY C 277 34.06 8.73 -2.14
CA GLY C 277 33.17 7.98 -3.00
C GLY C 277 33.86 6.94 -3.85
N VAL C 278 33.13 5.88 -4.17
CA VAL C 278 33.64 4.80 -5.00
C VAL C 278 32.54 4.41 -5.97
N ASP C 279 32.79 3.43 -6.83
CA ASP C 279 31.79 2.98 -7.79
C ASP C 279 30.68 2.24 -7.06
N PRO C 280 29.41 2.59 -7.37
CA PRO C 280 28.24 1.95 -6.75
C PRO C 280 28.30 0.43 -6.80
N ALA C 281 28.76 -0.10 -7.94
CA ALA C 281 28.87 -1.54 -8.13
C ALA C 281 29.80 -2.20 -7.14
N ILE C 282 30.73 -1.42 -6.58
CA ILE C 282 31.68 -1.95 -5.62
C ILE C 282 31.76 -1.05 -4.39
N MET C 283 30.60 -0.62 -3.89
CA MET C 283 30.54 0.27 -2.73
C MET C 283 31.25 -0.29 -1.50
N GLY C 284 31.49 -1.59 -1.48
CA GLY C 284 32.16 -2.19 -0.34
C GLY C 284 33.60 -1.75 -0.20
N TYR C 285 34.14 -1.09 -1.23
CA TYR C 285 35.52 -0.63 -1.20
C TYR C 285 35.60 0.82 -0.75
N GLY C 286 34.54 1.30 -0.12
CA GLY C 286 34.51 2.67 0.34
C GLY C 286 35.43 3.02 1.51
N PRO C 287 35.62 2.11 2.48
CA PRO C 287 36.48 2.37 3.63
C PRO C 287 37.90 2.86 3.32
N VAL C 288 38.55 2.24 2.35
CA VAL C 288 39.92 2.61 2.00
C VAL C 288 40.07 4.06 1.57
N PRO C 289 39.22 4.54 0.64
CA PRO C 289 39.34 5.94 0.21
C PRO C 289 39.07 6.92 1.34
N ALA C 290 38.24 6.50 2.28
CA ALA C 290 37.88 7.32 3.42
C ALA C 290 38.97 7.33 4.48
N THR C 291 39.52 6.15 4.77
CA THR C 291 40.58 6.05 5.77
C THR C 291 41.81 6.85 5.35
N GLN C 292 42.18 6.75 4.08
CA GLN C 292 43.34 7.47 3.57
C GLN C 292 43.18 8.98 3.75
N LYS C 293 42.04 9.51 3.29
CA LYS C 293 41.78 10.94 3.39
C LYS C 293 41.70 11.36 4.85
N ALA C 294 41.49 10.38 5.73
CA ALA C 294 41.38 10.65 7.16
C ALA C 294 42.77 10.73 7.80
N LEU C 295 43.57 9.70 7.57
CA LEU C 295 44.92 9.65 8.12
C LEU C 295 45.76 10.83 7.66
N LYS C 296 45.60 11.21 6.40
CA LYS C 296 46.37 12.34 5.85
C LYS C 296 45.97 13.64 6.53
N ARG C 297 44.66 13.78 6.79
CA ARG C 297 44.15 14.99 7.45
C ARG C 297 44.53 14.99 8.93
N ALA C 298 45.16 13.92 9.38
CA ALA C 298 45.57 13.81 10.77
C ALA C 298 47.08 13.68 10.84
N GLY C 299 47.73 13.70 9.67
CA GLY C 299 49.17 13.57 9.63
C GLY C 299 49.63 12.29 10.27
N LEU C 300 48.99 11.18 9.91
CA LEU C 300 49.33 9.88 10.46
C LEU C 300 49.41 8.80 9.38
N ASN C 301 49.70 7.57 9.81
CA ASN C 301 49.80 6.44 8.91
C ASN C 301 48.96 5.33 9.50
N MET C 302 48.72 4.28 8.72
CA MET C 302 47.91 3.15 9.18
C MET C 302 48.61 2.43 10.33
N ALA C 303 49.91 2.67 10.46
CA ALA C 303 50.70 2.04 11.52
C ALA C 303 50.59 2.75 12.86
N ASP C 304 50.07 3.98 12.85
CA ASP C 304 49.93 4.74 14.09
C ASP C 304 48.65 4.38 14.86
N ILE C 305 47.64 3.89 14.14
CA ILE C 305 46.38 3.52 14.76
C ILE C 305 46.51 2.18 15.50
N ASP C 306 46.21 2.20 16.79
CA ASP C 306 46.31 0.98 17.61
C ASP C 306 45.14 0.03 17.43
N PHE C 307 43.92 0.56 17.27
CA PHE C 307 42.74 -0.27 17.10
C PHE C 307 41.82 0.21 15.98
N ILE C 308 41.24 -0.73 15.26
CA ILE C 308 40.36 -0.41 14.14
C ILE C 308 38.99 -1.07 14.25
N GLU C 309 37.97 -0.31 13.89
CA GLU C 309 36.59 -0.79 13.92
C GLU C 309 36.00 -0.64 12.51
N LEU C 310 35.87 -1.77 11.81
CA LEU C 310 35.34 -1.78 10.45
C LEU C 310 33.98 -2.46 10.45
N ASN C 311 32.93 -1.70 10.17
CA ASN C 311 31.59 -2.26 10.14
C ASN C 311 31.53 -3.43 9.17
N GLU C 312 31.20 -4.60 9.71
CA GLU C 312 31.14 -5.81 8.90
C GLU C 312 29.87 -5.90 8.07
N ALA C 313 29.85 -5.22 6.94
CA ALA C 313 28.70 -5.23 6.05
C ALA C 313 28.51 -6.66 5.56
N PHE C 314 29.48 -7.11 4.76
CA PHE C 314 29.50 -8.44 4.19
C PHE C 314 30.90 -9.01 4.44
N ALA C 315 31.03 -10.32 4.46
CA ALA C 315 32.34 -10.92 4.67
C ALA C 315 33.14 -10.74 3.39
N ALA C 316 32.43 -10.57 2.28
CA ALA C 316 33.05 -10.39 0.98
C ALA C 316 33.47 -8.95 0.72
N GLN C 317 33.25 -8.07 1.69
CA GLN C 317 33.61 -6.66 1.51
C GLN C 317 34.59 -6.21 2.59
N ALA C 318 34.49 -6.79 3.77
CA ALA C 318 35.37 -6.43 4.88
C ALA C 318 36.79 -6.90 4.63
N LEU C 319 36.93 -8.18 4.30
CA LEU C 319 38.24 -8.76 4.03
C LEU C 319 39.02 -7.98 2.95
N PRO C 320 38.37 -7.67 1.83
CA PRO C 320 39.05 -6.92 0.76
C PRO C 320 39.60 -5.59 1.26
N VAL C 321 38.82 -4.92 2.11
CA VAL C 321 39.24 -3.63 2.66
C VAL C 321 40.46 -3.80 3.55
N LEU C 322 40.38 -4.70 4.52
CA LEU C 322 41.46 -4.95 5.44
C LEU C 322 42.73 -5.41 4.71
N LYS C 323 42.54 -6.01 3.53
CA LYS C 323 43.69 -6.48 2.75
C LYS C 323 44.40 -5.31 2.07
N ASP C 324 43.61 -4.38 1.54
CA ASP C 324 44.18 -3.22 0.87
C ASP C 324 44.57 -2.13 1.86
N LEU C 325 44.33 -2.39 3.14
CA LEU C 325 44.69 -1.46 4.20
C LEU C 325 45.98 -1.95 4.85
N LYS C 326 46.49 -3.07 4.35
CA LYS C 326 47.72 -3.65 4.84
C LYS C 326 47.66 -3.96 6.34
N VAL C 327 46.50 -4.42 6.80
CA VAL C 327 46.33 -4.77 8.20
C VAL C 327 45.58 -6.09 8.36
N LEU C 328 45.41 -6.82 7.28
CA LEU C 328 44.72 -8.10 7.31
C LEU C 328 45.43 -9.07 8.26
N ASP C 329 46.75 -9.10 8.17
CA ASP C 329 47.55 -9.97 9.03
C ASP C 329 47.61 -9.44 10.46
N LYS C 330 46.82 -8.40 10.73
CA LYS C 330 46.79 -7.79 12.06
C LYS C 330 45.36 -7.77 12.58
N MET C 331 44.49 -8.52 11.89
CA MET C 331 43.08 -8.60 12.25
C MET C 331 42.82 -8.92 13.72
N ASN C 332 43.14 -10.16 14.11
CA ASN C 332 42.93 -10.62 15.47
C ASN C 332 43.61 -9.76 16.53
N GLU C 333 44.39 -8.77 16.11
CA GLU C 333 45.10 -7.92 17.07
C GLU C 333 44.52 -6.52 17.20
N LYS C 334 43.93 -5.99 16.14
CA LYS C 334 43.36 -4.65 16.20
C LYS C 334 42.18 -4.38 15.27
N VAL C 335 41.33 -5.38 15.05
CA VAL C 335 40.17 -5.19 14.19
C VAL C 335 38.94 -5.94 14.68
N ASN C 336 37.94 -5.19 15.14
CA ASN C 336 36.69 -5.75 15.64
C ASN C 336 36.97 -6.84 16.66
N LEU C 337 37.60 -6.46 17.77
CA LEU C 337 37.96 -7.39 18.83
C LEU C 337 36.78 -7.78 19.73
N HIS C 338 35.77 -6.93 19.76
CA HIS C 338 34.60 -7.19 20.59
C HIS C 338 33.44 -7.75 19.78
N GLY C 339 33.63 -7.87 18.47
CA GLY C 339 32.58 -8.38 17.61
C GLY C 339 32.30 -7.45 16.45
N GLY C 340 31.54 -7.94 15.47
CA GLY C 340 31.22 -7.12 14.31
C GLY C 340 29.73 -7.01 14.01
N ALA C 341 29.41 -6.36 12.89
CA ALA C 341 28.03 -6.16 12.48
C ALA C 341 27.34 -7.47 12.09
N ILE C 342 28.13 -8.47 11.72
CA ILE C 342 27.58 -9.76 11.34
C ILE C 342 26.91 -10.45 12.53
N ALA C 343 27.32 -10.08 13.73
CA ALA C 343 26.76 -10.67 14.94
C ALA C 343 26.02 -9.65 15.78
N LEU C 344 26.27 -8.37 15.53
CA LEU C 344 25.62 -7.30 16.28
C LEU C 344 24.52 -6.59 15.48
N GLY C 345 24.38 -6.97 14.21
CA GLY C 345 23.37 -6.35 13.37
C GLY C 345 23.85 -5.05 12.75
N HIS C 346 23.13 -4.56 11.75
CA HIS C 346 23.51 -3.32 11.08
C HIS C 346 22.35 -2.37 10.85
N PRO C 347 21.96 -1.61 11.89
CA PRO C 347 20.87 -0.64 11.76
C PRO C 347 21.32 0.54 10.91
N PHE C 348 20.87 0.56 9.66
CA PHE C 348 21.23 1.60 8.71
C PHE C 348 21.51 2.98 9.32
N GLY C 349 20.71 3.39 10.29
CA GLY C 349 20.91 4.70 10.90
C GLY C 349 21.72 4.75 12.18
N CYS C 350 21.84 3.62 12.86
CA CYS C 350 22.57 3.55 14.13
C CYS C 350 24.03 3.13 14.00
N SER C 351 24.30 2.24 13.05
CA SER C 351 25.64 1.72 12.82
C SER C 351 26.75 2.77 12.75
N GLY C 352 26.40 3.98 12.33
CA GLY C 352 27.40 5.04 12.21
C GLY C 352 28.22 5.28 13.46
N ALA C 353 27.57 5.80 14.50
CA ALA C 353 28.24 6.10 15.76
C ALA C 353 28.38 4.87 16.64
N ARG C 354 27.59 3.83 16.34
CA ARG C 354 27.64 2.60 17.13
C ARG C 354 29.03 1.98 17.10
N ILE C 355 29.58 1.81 15.91
CA ILE C 355 30.91 1.22 15.78
C ILE C 355 31.99 2.18 16.28
N SER C 356 31.75 3.46 16.14
CA SER C 356 32.71 4.46 16.59
C SER C 356 32.74 4.47 18.12
N GLY C 357 31.57 4.33 18.73
CA GLY C 357 31.49 4.33 20.18
C GLY C 357 32.15 3.09 20.75
N THR C 358 31.93 1.95 20.10
CA THR C 358 32.52 0.69 20.53
C THR C 358 34.04 0.78 20.42
N LEU C 359 34.50 1.49 19.39
CA LEU C 359 35.93 1.68 19.15
C LEU C 359 36.59 2.35 20.35
N LEU C 360 35.96 3.41 20.84
CA LEU C 360 36.48 4.16 21.98
C LEU C 360 36.67 3.24 23.19
N ASN C 361 35.74 2.32 23.38
CA ASN C 361 35.83 1.39 24.50
C ASN C 361 36.97 0.40 24.30
N VAL C 362 37.13 -0.08 23.06
CA VAL C 362 38.19 -1.02 22.76
C VAL C 362 39.54 -0.38 23.05
N MET C 363 39.63 0.92 22.83
CA MET C 363 40.87 1.65 23.07
C MET C 363 41.09 1.81 24.57
N LYS C 364 40.07 2.26 25.26
CA LYS C 364 40.15 2.46 26.72
C LYS C 364 40.35 1.14 27.44
N GLN C 365 39.84 0.06 26.88
CA GLN C 365 39.96 -1.27 27.49
C GLN C 365 41.33 -1.91 27.27
N ASN C 366 42.10 -1.39 26.31
CA ASN C 366 43.41 -1.94 26.02
C ASN C 366 44.52 -0.90 25.89
N GLY C 367 44.36 0.21 26.60
CA GLY C 367 45.36 1.26 26.56
C GLY C 367 45.74 1.75 25.18
N GLY C 368 44.78 1.72 24.26
CA GLY C 368 45.07 2.17 22.91
C GLY C 368 45.13 3.69 22.84
N THR C 369 45.62 4.21 21.72
CA THR C 369 45.73 5.66 21.55
C THR C 369 44.87 6.13 20.37
N PHE C 370 45.25 5.71 19.16
CA PHE C 370 44.51 6.09 17.97
C PHE C 370 43.57 4.99 17.50
N GLY C 371 42.35 5.37 17.17
CA GLY C 371 41.37 4.42 16.70
C GLY C 371 40.87 4.76 15.31
N LEU C 372 40.34 3.77 14.60
CA LEU C 372 39.83 3.98 13.26
C LEU C 372 38.42 3.45 13.09
N SER C 373 37.48 4.34 12.82
CA SER C 373 36.09 3.96 12.63
C SER C 373 35.70 4.25 11.19
N THR C 374 35.64 3.21 10.37
CA THR C 374 35.30 3.37 8.96
C THR C 374 34.24 2.36 8.55
N MET C 375 33.52 2.67 7.48
CA MET C 375 32.46 1.78 7.00
C MET C 375 32.09 2.09 5.56
N CYS C 376 31.65 1.05 4.84
CA CYS C 376 31.25 1.24 3.44
C CYS C 376 29.80 1.67 3.40
N ILE C 377 29.45 2.46 2.38
CA ILE C 377 28.08 2.96 2.23
C ILE C 377 27.52 2.60 0.85
N GLY C 378 26.22 2.33 0.82
CA GLY C 378 25.56 1.99 -0.43
C GLY C 378 25.77 3.01 -1.53
N LEU C 379 25.57 2.59 -2.77
CA LEU C 379 25.72 3.47 -3.92
C LEU C 379 27.09 4.10 -4.04
N GLY C 380 28.11 3.37 -3.61
CA GLY C 380 29.48 3.85 -3.71
C GLY C 380 29.89 5.01 -2.84
N GLN C 381 30.04 4.77 -1.54
CA GLN C 381 30.47 5.80 -0.62
C GLN C 381 31.23 5.21 0.57
N GLY C 382 31.99 6.07 1.23
CA GLY C 382 32.77 5.64 2.38
C GLY C 382 32.95 6.78 3.36
N ILE C 383 33.19 6.43 4.63
CA ILE C 383 33.37 7.45 5.67
C ILE C 383 34.26 6.89 6.78
N ALA C 384 35.15 7.74 7.29
CA ALA C 384 36.05 7.32 8.36
C ALA C 384 36.25 8.41 9.41
N THR C 385 36.85 8.04 10.53
CA THR C 385 37.12 8.96 11.62
C THR C 385 38.27 8.43 12.47
N VAL C 386 39.06 9.32 13.03
CA VAL C 386 40.19 8.93 13.87
C VAL C 386 40.10 9.58 15.25
N PHE C 387 39.97 8.75 16.29
CA PHE C 387 39.86 9.27 17.64
C PHE C 387 41.16 9.03 18.42
N GLU C 388 41.52 9.98 19.28
CA GLU C 388 42.72 9.86 20.08
C GLU C 388 42.40 9.78 21.57
N ARG C 389 43.07 8.86 22.25
CA ARG C 389 42.89 8.66 23.68
C ARG C 389 43.90 9.50 24.45
N VAL C 390 43.44 10.62 25.01
CA VAL C 390 44.33 11.49 25.77
C VAL C 390 43.53 12.47 26.61
N SER D 1 38.96 42.71 3.41
CA SER D 1 39.76 41.48 3.16
C SER D 1 38.99 40.23 3.58
N LEU D 2 39.42 39.07 3.07
CA LEU D 2 38.78 37.81 3.38
C LEU D 2 39.80 36.73 3.74
N ASN D 3 39.66 36.16 4.92
CA ASN D 3 40.58 35.11 5.36
C ASN D 3 40.29 33.84 4.56
N PRO D 4 41.34 33.10 4.17
CA PRO D 4 41.20 31.86 3.39
C PRO D 4 40.19 30.86 3.97
N ARG D 5 39.98 30.91 5.27
CA ARG D 5 39.07 29.99 5.95
C ARG D 5 37.59 30.37 5.87
N ASP D 6 37.29 31.57 5.40
CA ASP D 6 35.90 32.02 5.28
C ASP D 6 35.20 31.23 4.19
N VAL D 7 33.87 31.36 4.13
CA VAL D 7 33.08 30.63 3.14
C VAL D 7 32.65 31.54 1.99
N VAL D 8 32.68 31.01 0.78
CA VAL D 8 32.30 31.76 -0.41
C VAL D 8 31.24 31.06 -1.24
N ILE D 9 30.25 31.82 -1.70
CA ILE D 9 29.17 31.28 -2.53
C ILE D 9 29.45 31.70 -3.97
N VAL D 10 29.75 30.73 -4.82
CA VAL D 10 30.04 31.01 -6.22
C VAL D 10 28.81 31.38 -7.05
N ASP D 11 27.80 30.52 -7.05
CA ASP D 11 26.60 30.78 -7.83
C ASP D 11 25.36 30.15 -7.20
N PHE D 12 24.19 30.68 -7.56
CA PHE D 12 22.92 30.18 -7.05
C PHE D 12 22.00 29.85 -8.21
N GLY D 13 21.22 28.78 -8.05
CA GLY D 13 20.29 28.37 -9.08
C GLY D 13 19.06 27.70 -8.49
N ARG D 14 17.93 27.84 -9.17
CA ARG D 14 16.69 27.23 -8.70
C ARG D 14 15.77 26.89 -9.85
N THR D 15 15.08 25.76 -9.74
CA THR D 15 14.15 25.32 -10.77
C THR D 15 12.88 26.15 -10.75
N PRO D 16 12.21 26.30 -11.91
CA PRO D 16 10.97 27.08 -11.95
C PRO D 16 9.92 26.39 -11.09
N MET D 17 9.35 27.11 -10.13
CA MET D 17 8.33 26.56 -9.26
C MET D 17 7.12 26.09 -10.07
N GLY D 18 6.34 25.18 -9.50
CA GLY D 18 5.17 24.68 -10.20
C GLY D 18 4.18 23.98 -9.29
N ARG D 19 2.90 24.20 -9.55
CA ARG D 19 1.83 23.59 -8.76
C ARG D 19 1.97 22.08 -8.72
N SER D 20 1.93 21.50 -7.52
CA SER D 20 2.05 20.05 -7.36
C SER D 20 0.86 19.32 -7.96
N LYS D 21 -0.27 20.02 -8.08
CA LYS D 21 -1.48 19.43 -8.65
C LYS D 21 -1.57 19.70 -10.15
N GLY D 22 -1.26 18.69 -10.94
CA GLY D 22 -1.31 18.82 -12.39
C GLY D 22 -0.46 19.98 -12.90
N GLY D 23 0.72 20.14 -12.31
CA GLY D 23 1.60 21.22 -12.72
C GLY D 23 2.60 20.86 -13.80
N MET D 24 3.65 21.68 -13.91
CA MET D 24 4.70 21.48 -14.90
C MET D 24 5.65 20.34 -14.54
N HIS D 25 5.64 19.92 -13.29
CA HIS D 25 6.53 18.84 -12.85
C HIS D 25 5.77 17.54 -12.60
N ARG D 26 4.51 17.50 -13.01
CA ARG D 26 3.67 16.31 -12.81
C ARG D 26 4.34 15.01 -13.27
N ASN D 27 5.26 15.11 -14.22
CA ASN D 27 5.93 13.93 -14.73
C ASN D 27 7.46 13.99 -14.59
N THR D 28 7.92 14.68 -13.56
CA THR D 28 9.35 14.80 -13.32
C THR D 28 9.72 14.33 -11.91
N ARG D 29 10.62 13.35 -11.84
CA ARG D 29 11.07 12.81 -10.57
C ARG D 29 11.92 13.80 -9.79
N ALA D 30 11.79 13.78 -8.47
CA ALA D 30 12.56 14.69 -7.61
C ALA D 30 14.05 14.45 -7.79
N GLU D 31 14.40 13.23 -8.14
CA GLU D 31 15.79 12.85 -8.34
C GLU D 31 16.34 13.51 -9.60
N ASP D 32 15.63 13.34 -10.71
CA ASP D 32 16.04 13.91 -11.99
C ASP D 32 15.99 15.43 -11.94
N MET D 33 15.04 15.96 -11.17
CA MET D 33 14.89 17.41 -11.02
C MET D 33 16.13 17.99 -10.36
N SER D 34 16.67 17.28 -9.39
CA SER D 34 17.85 17.74 -8.67
C SER D 34 19.10 17.57 -9.52
N ALA D 35 19.29 16.37 -10.06
CA ALA D 35 20.46 16.07 -10.89
C ALA D 35 20.55 17.02 -12.07
N HIS D 36 19.41 17.34 -12.66
CA HIS D 36 19.35 18.24 -13.80
C HIS D 36 19.79 19.65 -13.40
N LEU D 37 19.25 20.13 -12.29
CA LEU D 37 19.58 21.46 -11.78
C LEU D 37 21.07 21.56 -11.43
N ILE D 38 21.55 20.59 -10.66
CA ILE D 38 22.95 20.55 -10.25
C ILE D 38 23.89 20.59 -11.46
N SER D 39 23.55 19.80 -12.48
CA SER D 39 24.34 19.72 -13.70
C SER D 39 24.38 21.07 -14.43
N LYS D 40 23.23 21.72 -14.51
CA LYS D 40 23.14 23.01 -15.19
C LYS D 40 23.92 24.11 -14.48
N VAL D 41 23.79 24.18 -13.16
CA VAL D 41 24.48 25.20 -12.37
C VAL D 41 25.99 25.02 -12.46
N LEU D 42 26.42 23.79 -12.71
CA LEU D 42 27.85 23.50 -12.84
C LEU D 42 28.37 23.94 -14.20
N GLU D 43 27.48 24.04 -15.19
CA GLU D 43 27.86 24.46 -16.53
C GLU D 43 28.13 25.96 -16.60
N ARG D 44 27.30 26.74 -15.91
CA ARG D 44 27.48 28.19 -15.91
C ARG D 44 28.78 28.58 -15.22
N ASN D 45 29.34 27.64 -14.46
CA ASN D 45 30.59 27.87 -13.74
C ASN D 45 31.62 26.84 -14.21
N SER D 46 31.94 26.89 -15.50
CA SER D 46 32.89 25.97 -16.10
C SER D 46 34.28 26.02 -15.46
N LYS D 47 34.50 26.98 -14.58
CA LYS D 47 35.80 27.12 -13.92
C LYS D 47 36.00 26.09 -12.82
N VAL D 48 34.94 25.79 -12.07
CA VAL D 48 35.04 24.82 -10.99
C VAL D 48 34.96 23.40 -11.53
N ASP D 49 35.89 22.54 -11.10
CA ASP D 49 35.94 21.16 -11.54
C ASP D 49 35.04 20.24 -10.70
N PRO D 50 34.08 19.57 -11.36
CA PRO D 50 33.14 18.65 -10.70
C PRO D 50 33.85 17.61 -9.85
N GLY D 51 35.10 17.30 -10.21
CA GLY D 51 35.85 16.32 -9.46
C GLY D 51 36.30 16.81 -8.10
N GLU D 52 36.57 18.11 -7.99
CA GLU D 52 37.01 18.70 -6.74
C GLU D 52 35.87 18.77 -5.72
N VAL D 53 34.65 18.51 -6.16
CA VAL D 53 33.50 18.54 -5.27
C VAL D 53 33.60 17.46 -4.19
N GLU D 54 34.06 17.87 -3.01
CA GLU D 54 34.22 16.95 -1.89
C GLU D 54 32.94 16.24 -1.52
N ASP D 55 31.87 17.00 -1.28
CA ASP D 55 30.59 16.40 -0.91
C ASP D 55 29.38 17.20 -1.38
N VAL D 56 28.31 16.49 -1.71
CA VAL D 56 27.07 17.10 -2.16
C VAL D 56 26.01 16.95 -1.07
N ILE D 57 25.78 18.02 -0.32
CA ILE D 57 24.80 18.00 0.76
C ILE D 57 23.45 18.52 0.26
N TRP D 58 22.51 17.61 0.06
CA TRP D 58 21.19 17.96 -0.44
C TRP D 58 20.17 18.03 0.68
N GLY D 59 19.08 18.75 0.45
CA GLY D 59 18.04 18.88 1.44
C GLY D 59 16.75 18.21 1.03
N CYS D 60 16.17 17.42 1.93
CA CYS D 60 14.92 16.72 1.64
C CYS D 60 14.24 16.34 2.96
N VAL D 61 12.91 16.30 2.94
CA VAL D 61 12.14 15.98 4.14
C VAL D 61 11.51 14.59 4.12
N ASN D 62 10.45 14.45 3.33
CA ASN D 62 9.74 13.18 3.23
C ASN D 62 10.57 12.21 2.39
N GLN D 63 11.66 11.72 2.95
CA GLN D 63 12.56 10.80 2.26
C GLN D 63 12.03 9.37 2.17
N THR D 64 11.34 9.08 1.06
CA THR D 64 10.79 7.76 0.82
C THR D 64 10.45 7.69 -0.67
N LEU D 65 10.33 6.49 -1.21
CA LEU D 65 10.01 6.33 -2.62
C LEU D 65 11.07 7.06 -3.44
N GLU D 66 10.64 8.09 -4.16
CA GLU D 66 11.52 8.88 -5.00
C GLU D 66 12.59 9.62 -4.22
N GLN D 67 12.21 10.14 -3.06
CA GLN D 67 13.13 10.90 -2.21
C GLN D 67 13.84 10.09 -1.12
N GLY D 68 13.72 8.76 -1.19
CA GLY D 68 14.35 7.92 -0.20
C GLY D 68 15.73 7.41 -0.59
N TRP D 69 16.35 6.66 0.32
CA TRP D 69 17.68 6.09 0.08
C TRP D 69 18.74 7.10 -0.31
N ASN D 70 18.84 8.19 0.45
CA ASN D 70 19.83 9.23 0.22
C ASN D 70 19.74 9.76 -1.20
N ILE D 71 18.75 10.63 -1.42
CA ILE D 71 18.54 11.22 -2.73
C ILE D 71 19.69 12.12 -3.16
N ALA D 72 20.50 12.55 -2.19
CA ALA D 72 21.65 13.39 -2.47
C ALA D 72 22.67 12.68 -3.36
N ARG D 73 22.78 11.38 -3.20
CA ARG D 73 23.70 10.58 -4.00
C ARG D 73 23.02 10.06 -5.26
N MET D 74 21.73 9.74 -5.13
CA MET D 74 20.95 9.22 -6.25
C MET D 74 20.86 10.26 -7.36
N ALA D 75 21.18 11.51 -7.04
CA ALA D 75 21.13 12.59 -8.00
C ALA D 75 22.52 12.95 -8.49
N SER D 76 23.49 12.90 -7.59
CA SER D 76 24.87 13.22 -7.93
C SER D 76 25.47 12.25 -8.94
N LEU D 77 24.85 11.08 -9.07
CA LEU D 77 25.32 10.06 -9.99
C LEU D 77 24.86 10.32 -11.43
N MET D 78 23.83 11.14 -11.60
CA MET D 78 23.32 11.46 -12.93
C MET D 78 23.79 12.84 -13.37
N THR D 79 24.96 13.23 -12.88
CA THR D 79 25.54 14.53 -13.21
C THR D 79 26.99 14.34 -13.62
N GLN D 80 27.73 15.44 -13.69
CA GLN D 80 29.14 15.36 -14.05
C GLN D 80 29.98 15.13 -12.80
N ILE D 81 29.31 15.04 -11.66
CA ILE D 81 29.99 14.80 -10.39
C ILE D 81 30.47 13.35 -10.34
N PRO D 82 31.80 13.15 -10.24
CA PRO D 82 32.40 11.81 -10.18
C PRO D 82 31.88 10.95 -9.03
N HIS D 83 32.01 9.64 -9.17
CA HIS D 83 31.56 8.72 -8.14
C HIS D 83 32.47 8.85 -6.92
N THR D 84 33.58 9.56 -7.08
CA THR D 84 34.55 9.76 -6.01
C THR D 84 34.07 10.76 -4.96
N SER D 85 33.06 11.56 -5.33
CA SER D 85 32.51 12.55 -4.43
C SER D 85 31.47 11.92 -3.51
N ALA D 86 31.30 12.49 -2.33
CA ALA D 86 30.34 11.98 -1.35
C ALA D 86 29.01 12.70 -1.50
N ALA D 87 28.00 12.25 -0.76
CA ALA D 87 26.69 12.86 -0.81
C ALA D 87 25.84 12.47 0.39
N GLN D 88 25.30 13.48 1.08
CA GLN D 88 24.46 13.24 2.25
C GLN D 88 23.16 14.04 2.15
N THR D 89 22.08 13.48 2.68
CA THR D 89 20.78 14.14 2.65
C THR D 89 20.42 14.65 4.05
N VAL D 90 20.46 15.96 4.22
CA VAL D 90 20.14 16.57 5.51
C VAL D 90 18.67 16.89 5.62
N SER D 91 18.06 16.54 6.76
CA SER D 91 16.65 16.80 6.97
C SER D 91 16.39 17.51 8.29
N ARG D 92 15.74 18.66 8.21
CA ARG D 92 15.37 19.45 9.36
C ARG D 92 14.09 20.15 8.94
N LEU D 93 13.19 19.35 8.35
CA LEU D 93 11.91 19.83 7.86
C LEU D 93 12.10 20.97 6.86
N CYS D 94 11.49 22.11 7.15
CA CYS D 94 11.57 23.27 6.28
C CYS D 94 12.98 23.83 6.09
N GLY D 95 13.74 23.91 7.16
CA GLY D 95 15.09 24.45 7.06
C GLY D 95 16.13 23.45 6.62
N SER D 96 15.69 22.35 6.02
CA SER D 96 16.60 21.31 5.57
C SER D 96 17.72 21.83 4.68
N SER D 97 17.35 22.42 3.55
CA SER D 97 18.31 22.96 2.61
C SER D 97 19.29 23.94 3.24
N MET D 98 18.78 24.82 4.09
CA MET D 98 19.63 25.81 4.75
C MET D 98 20.64 25.14 5.66
N SER D 99 20.21 24.07 6.35
CA SER D 99 21.11 23.35 7.24
C SER D 99 22.22 22.70 6.41
N ALA D 100 21.89 22.33 5.18
CA ALA D 100 22.85 21.72 4.28
C ALA D 100 23.97 22.72 3.99
N LEU D 101 23.57 23.96 3.77
CA LEU D 101 24.52 25.03 3.47
C LEU D 101 25.51 25.19 4.63
N HIS D 102 24.99 25.08 5.85
CA HIS D 102 25.82 25.21 7.04
C HIS D 102 26.78 24.03 7.18
N THR D 103 26.29 22.82 6.91
CA THR D 103 27.11 21.63 7.03
C THR D 103 28.34 21.72 6.12
N ALA D 104 28.13 22.29 4.94
CA ALA D 104 29.22 22.44 3.99
C ALA D 104 30.13 23.58 4.42
N ALA D 105 29.54 24.73 4.69
CA ALA D 105 30.30 25.90 5.12
C ALA D 105 31.23 25.55 6.28
N GLN D 106 30.68 24.89 7.28
CA GLN D 106 31.44 24.48 8.45
C GLN D 106 32.46 23.40 8.10
N ALA D 107 32.16 22.64 7.05
CA ALA D 107 33.07 21.59 6.60
C ALA D 107 34.28 22.22 5.93
N ILE D 108 34.09 23.41 5.38
CA ILE D 108 35.14 24.14 4.71
C ILE D 108 36.06 24.81 5.72
N MET D 109 35.46 25.53 6.67
CA MET D 109 36.18 26.24 7.71
C MET D 109 37.09 25.33 8.53
N THR D 110 36.75 24.05 8.61
CA THR D 110 37.52 23.09 9.38
C THR D 110 38.52 22.28 8.54
N GLY D 111 38.77 22.73 7.32
CA GLY D 111 39.70 22.02 6.46
C GLY D 111 39.30 20.61 6.08
N ASN D 112 38.00 20.37 5.99
CA ASN D 112 37.47 19.05 5.62
C ASN D 112 36.75 19.17 4.29
N GLY D 113 37.42 19.78 3.33
CA GLY D 113 36.85 19.95 2.01
C GLY D 113 37.06 21.38 1.53
N ASP D 114 37.21 21.56 0.22
CA ASP D 114 37.44 22.88 -0.34
C ASP D 114 36.27 23.33 -1.22
N VAL D 115 35.62 22.38 -1.88
CA VAL D 115 34.50 22.69 -2.75
C VAL D 115 33.30 21.81 -2.46
N PHE D 116 32.14 22.43 -2.30
CA PHE D 116 30.90 21.71 -2.01
C PHE D 116 29.75 22.16 -2.89
N VAL D 117 28.75 21.29 -3.02
CA VAL D 117 27.57 21.58 -3.82
C VAL D 117 26.36 21.35 -2.93
N VAL D 118 25.79 22.44 -2.43
CA VAL D 118 24.62 22.34 -1.55
C VAL D 118 23.31 22.71 -2.24
N GLY D 119 22.20 22.33 -1.63
CA GLY D 119 20.90 22.61 -2.19
C GLY D 119 19.84 21.70 -1.59
N GLY D 120 18.65 21.70 -2.18
CA GLY D 120 17.59 20.85 -1.68
C GLY D 120 16.45 20.71 -2.67
N VAL D 121 15.61 19.69 -2.48
CA VAL D 121 14.50 19.44 -3.38
C VAL D 121 13.32 18.86 -2.61
N GLU D 122 12.13 19.05 -3.15
CA GLU D 122 10.92 18.53 -2.51
C GLU D 122 9.78 18.50 -3.51
N HIS D 123 9.52 17.33 -4.07
CA HIS D 123 8.44 17.18 -5.05
C HIS D 123 7.18 16.70 -4.34
N MET D 124 6.51 17.62 -3.66
CA MET D 124 5.29 17.31 -2.91
C MET D 124 4.20 16.70 -3.78
N GLY D 125 4.27 16.92 -5.08
CA GLY D 125 3.27 16.37 -5.96
C GLY D 125 3.27 14.86 -5.88
N HIS D 126 4.45 14.28 -5.99
CA HIS D 126 4.61 12.82 -5.93
C HIS D 126 4.65 12.37 -4.48
N VAL D 127 5.68 12.81 -3.76
CA VAL D 127 5.84 12.45 -2.35
C VAL D 127 5.13 13.48 -1.46
N SER D 128 3.81 13.42 -1.42
CA SER D 128 3.02 14.36 -0.63
C SER D 128 3.45 14.36 0.82
N MET D 129 3.16 15.45 1.53
CA MET D 129 3.52 15.58 2.92
C MET D 129 2.69 14.71 3.86
N MET D 130 1.53 14.28 3.38
CA MET D 130 0.64 13.44 4.20
C MET D 130 0.84 11.96 3.94
N HIS D 131 1.78 11.62 3.06
CA HIS D 131 2.04 10.22 2.74
C HIS D 131 2.93 9.57 3.79
N GLY D 132 2.56 8.37 4.21
CA GLY D 132 3.34 7.65 5.20
C GLY D 132 3.61 8.43 6.47
N VAL D 133 2.55 8.71 7.23
CA VAL D 133 2.69 9.45 8.48
C VAL D 133 2.07 8.64 9.61
N ASP D 134 2.92 8.15 10.51
CA ASP D 134 2.44 7.36 11.65
C ASP D 134 2.65 8.11 12.95
N PRO D 135 1.62 8.82 13.43
CA PRO D 135 1.65 9.60 14.67
C PRO D 135 2.09 8.78 15.87
N ASN D 136 2.89 9.38 16.75
CA ASN D 136 3.37 8.70 17.94
C ASN D 136 2.50 9.11 19.13
N PRO D 137 1.70 8.17 19.66
CA PRO D 137 0.82 8.43 20.80
C PRO D 137 1.53 9.04 22.00
N HIS D 138 2.71 8.51 22.31
CA HIS D 138 3.50 8.98 23.44
C HIS D 138 3.87 10.46 23.32
N MET D 139 3.84 10.98 22.11
CA MET D 139 4.18 12.39 21.90
C MET D 139 3.21 13.31 22.62
N SER D 140 2.00 12.82 22.86
CA SER D 140 0.96 13.61 23.53
C SER D 140 1.24 13.71 25.01
N LEU D 141 2.16 12.90 25.51
CA LEU D 141 2.51 12.89 26.92
C LEU D 141 3.55 13.95 27.26
N TYR D 142 4.15 14.53 26.23
CA TYR D 142 5.17 15.56 26.43
C TYR D 142 4.84 16.85 25.67
N ALA D 143 3.89 16.75 24.74
CA ALA D 143 3.49 17.90 23.95
C ALA D 143 2.06 17.74 23.44
N ALA D 144 1.61 18.73 22.67
CA ALA D 144 0.26 18.70 22.11
C ALA D 144 0.27 18.16 20.69
N LYS D 145 -0.51 17.10 20.45
CA LYS D 145 -0.58 16.50 19.12
C LYS D 145 -0.94 17.55 18.09
N ALA D 146 -1.77 18.51 18.48
CA ALA D 146 -2.19 19.57 17.58
C ALA D 146 -1.02 20.41 17.10
N SER D 147 0.02 20.50 17.91
CA SER D 147 1.20 21.27 17.56
C SER D 147 1.86 20.72 16.30
N GLY D 148 1.46 19.51 15.91
CA GLY D 148 2.01 18.91 14.72
C GLY D 148 1.45 19.55 13.47
N MET D 149 0.18 19.92 13.51
CA MET D 149 -0.47 20.56 12.38
C MET D 149 -0.02 22.01 12.24
N MET D 150 0.85 22.25 11.26
CA MET D 150 1.39 23.57 10.99
C MET D 150 0.34 24.68 10.92
N GLY D 151 -0.82 24.35 10.37
CA GLY D 151 -1.88 25.34 10.25
C GLY D 151 -2.37 25.89 11.57
N LEU D 152 -2.50 25.00 12.56
CA LEU D 152 -2.98 25.41 13.88
C LEU D 152 -1.93 26.18 14.66
N THR D 153 -0.65 25.90 14.41
CA THR D 153 0.43 26.59 15.10
C THR D 153 0.48 28.03 14.62
N ALA D 154 -0.12 28.27 13.46
CA ALA D 154 -0.16 29.60 12.87
C ALA D 154 -1.32 30.39 13.49
N GLU D 155 -2.42 29.68 13.76
CA GLU D 155 -3.59 30.28 14.37
C GLU D 155 -3.26 30.82 15.75
N MET D 156 -2.57 30.00 16.55
CA MET D 156 -2.19 30.39 17.90
C MET D 156 -1.38 31.68 17.94
N LEU D 157 -0.41 31.80 17.04
CA LEU D 157 0.41 33.02 16.99
C LEU D 157 -0.42 34.19 16.48
N GLY D 158 -1.38 33.89 15.60
CA GLY D 158 -2.23 34.94 15.05
C GLY D 158 -3.14 35.51 16.11
N LYS D 159 -3.27 34.82 17.22
CA LYS D 159 -4.12 35.28 18.32
C LYS D 159 -3.25 35.88 19.41
N MET D 160 -2.05 35.35 19.58
CA MET D 160 -1.12 35.83 20.59
C MET D 160 -0.57 37.23 20.31
N HIS D 161 -0.30 37.51 19.04
CA HIS D 161 0.23 38.81 18.66
C HIS D 161 -0.83 39.68 17.98
N GLY D 162 -2.07 39.20 17.98
CA GLY D 162 -3.17 39.95 17.38
C GLY D 162 -3.04 40.28 15.91
N ILE D 163 -3.10 39.26 15.06
CA ILE D 163 -3.01 39.46 13.62
C ILE D 163 -4.37 39.16 13.02
N SER D 164 -5.03 40.18 12.47
CA SER D 164 -6.35 40.03 11.88
C SER D 164 -6.34 39.48 10.46
N ARG D 165 -7.52 39.07 9.99
CA ARG D 165 -7.68 38.53 8.65
C ARG D 165 -7.34 39.60 7.62
N GLU D 166 -7.78 40.84 7.90
CA GLU D 166 -7.54 41.96 7.01
C GLU D 166 -6.05 42.24 6.87
N GLN D 167 -5.27 41.75 7.83
CA GLN D 167 -3.82 41.95 7.81
C GLN D 167 -3.10 40.80 7.11
N GLN D 168 -3.55 39.58 7.37
CA GLN D 168 -2.96 38.40 6.77
C GLN D 168 -3.13 38.40 5.25
N ASP D 169 -4.35 38.70 4.80
CA ASP D 169 -4.62 38.74 3.37
C ASP D 169 -3.87 39.89 2.71
N ALA D 170 -3.61 40.94 3.47
CA ALA D 170 -2.90 42.10 2.98
C ALA D 170 -1.44 41.74 2.71
N PHE D 171 -0.90 40.82 3.51
CA PHE D 171 0.48 40.38 3.35
C PHE D 171 0.57 39.38 2.21
N ALA D 172 -0.51 38.66 1.98
CA ALA D 172 -0.57 37.66 0.91
C ALA D 172 -0.53 38.33 -0.46
N VAL D 173 -1.38 39.34 -0.64
CA VAL D 173 -1.43 40.06 -1.90
C VAL D 173 -0.06 40.67 -2.19
N ARG D 174 0.60 41.15 -1.15
CA ARG D 174 1.93 41.75 -1.27
C ARG D 174 2.92 40.74 -1.87
N SER D 175 2.87 39.51 -1.39
CA SER D 175 3.76 38.45 -1.88
C SER D 175 3.53 38.18 -3.35
N HIS D 176 2.29 37.90 -3.72
CA HIS D 176 1.94 37.64 -5.11
C HIS D 176 2.31 38.83 -5.98
N GLN D 177 1.96 40.02 -5.51
CA GLN D 177 2.24 41.26 -6.23
C GLN D 177 3.73 41.43 -6.51
N LEU D 178 4.53 41.51 -5.46
CA LEU D 178 5.98 41.67 -5.60
C LEU D 178 6.63 40.53 -6.37
N ALA D 179 6.10 39.32 -6.20
CA ALA D 179 6.63 38.15 -6.89
C ALA D 179 6.42 38.31 -8.40
N HIS D 180 5.20 38.65 -8.78
CA HIS D 180 4.85 38.85 -10.17
C HIS D 180 5.61 40.04 -10.75
N LYS D 181 5.72 41.10 -9.95
CA LYS D 181 6.41 42.31 -10.36
C LYS D 181 7.87 42.00 -10.70
N ALA D 182 8.57 41.36 -9.78
CA ALA D 182 9.97 41.00 -9.97
C ALA D 182 10.12 40.06 -11.18
N THR D 183 9.16 39.15 -11.33
CA THR D 183 9.17 38.20 -12.42
C THR D 183 9.13 38.91 -13.76
N VAL D 184 8.09 39.74 -13.95
CA VAL D 184 7.91 40.49 -15.18
C VAL D 184 9.08 41.42 -15.48
N GLU D 185 9.59 42.09 -14.45
CA GLU D 185 10.70 43.01 -14.63
C GLU D 185 12.05 42.31 -14.71
N GLY D 186 12.02 40.99 -14.89
CA GLY D 186 13.24 40.21 -15.00
C GLY D 186 14.23 40.40 -13.85
N LYS D 187 13.98 39.69 -12.75
CA LYS D 187 14.85 39.77 -11.58
C LYS D 187 15.27 38.36 -11.16
N PHE D 188 14.50 37.37 -11.59
CA PHE D 188 14.76 35.97 -11.28
C PHE D 188 15.54 35.30 -12.41
N LYS D 189 15.84 36.05 -13.46
CA LYS D 189 16.56 35.53 -14.61
C LYS D 189 17.91 34.89 -14.29
N ASP D 190 18.66 35.49 -13.37
CA ASP D 190 19.98 34.97 -13.00
C ASP D 190 19.93 33.69 -12.17
N GLU D 191 18.79 33.44 -11.52
CA GLU D 191 18.64 32.26 -10.67
C GLU D 191 17.78 31.14 -11.27
N ILE D 192 16.78 31.50 -12.06
CA ILE D 192 15.90 30.50 -12.69
C ILE D 192 16.60 29.75 -13.82
N ILE D 193 16.68 28.43 -13.68
CA ILE D 193 17.32 27.59 -14.68
C ILE D 193 16.24 26.98 -15.57
N PRO D 194 16.19 27.40 -16.85
CA PRO D 194 15.19 26.87 -17.77
C PRO D 194 15.06 25.35 -17.65
N MET D 195 13.86 24.86 -17.38
CA MET D 195 13.65 23.43 -17.21
C MET D 195 12.45 22.92 -18.01
N GLN D 196 12.62 21.75 -18.62
CA GLN D 196 11.56 21.14 -19.41
C GLN D 196 10.42 20.68 -18.51
N GLY D 197 9.19 20.83 -19.02
CA GLY D 197 8.02 20.42 -18.26
C GLY D 197 6.86 20.17 -19.19
N TYR D 198 5.69 19.93 -18.64
CA TYR D 198 4.50 19.67 -19.45
C TYR D 198 3.36 20.58 -19.04
N ASP D 199 2.54 20.98 -20.02
CA ASP D 199 1.41 21.85 -19.75
C ASP D 199 0.14 21.03 -19.58
N GLU D 200 -1.01 21.70 -19.60
CA GLU D 200 -2.30 21.03 -19.42
C GLU D 200 -2.53 19.89 -20.40
N ASN D 201 -2.45 20.21 -21.69
CA ASN D 201 -2.68 19.23 -22.75
C ASN D 201 -1.63 18.12 -22.79
N GLY D 202 -0.54 18.30 -22.07
CA GLY D 202 0.50 17.27 -22.04
C GLY D 202 1.59 17.53 -23.06
N PHE D 203 1.73 18.78 -23.49
CA PHE D 203 2.74 19.16 -24.46
C PHE D 203 4.08 19.41 -23.77
N LEU D 204 5.16 19.11 -24.47
CA LEU D 204 6.50 19.31 -23.92
C LEU D 204 7.03 20.70 -24.25
N LYS D 205 7.36 21.47 -23.22
CA LYS D 205 7.89 22.81 -23.40
C LYS D 205 8.73 23.22 -22.20
N ILE D 206 9.56 24.24 -22.38
CA ILE D 206 10.42 24.70 -21.29
C ILE D 206 9.83 25.89 -20.54
N PHE D 207 9.79 25.76 -19.21
CA PHE D 207 9.27 26.82 -18.35
C PHE D 207 10.45 27.59 -17.75
N ASP D 208 10.27 28.90 -17.62
CA ASP D 208 11.31 29.76 -17.06
C ASP D 208 10.70 30.74 -16.06
N TYR D 209 9.42 30.56 -15.78
CA TYR D 209 8.70 31.40 -14.84
C TYR D 209 8.18 30.57 -13.68
N ASP D 210 7.30 31.15 -12.87
CA ASP D 210 6.74 30.45 -11.72
C ASP D 210 5.22 30.36 -11.80
N GLU D 211 4.70 29.14 -11.94
CA GLU D 211 3.25 28.92 -12.03
C GLU D 211 2.55 29.37 -10.76
N THR D 212 3.16 29.03 -9.62
CA THR D 212 2.62 29.36 -8.31
C THR D 212 2.15 30.80 -8.13
N ILE D 213 2.77 31.72 -8.86
CA ILE D 213 2.42 33.14 -8.74
C ILE D 213 1.10 33.49 -9.40
N ARG D 214 0.13 33.91 -8.59
CA ARG D 214 -1.19 34.30 -9.10
C ARG D 214 -1.37 35.82 -9.01
N PRO D 215 -1.09 36.53 -10.10
CA PRO D 215 -1.20 37.99 -10.18
C PRO D 215 -2.60 38.55 -9.84
N ASP D 216 -3.64 37.78 -10.15
CA ASP D 216 -5.01 38.20 -9.90
C ASP D 216 -5.39 38.16 -8.41
N THR D 217 -4.38 38.19 -7.54
CA THR D 217 -4.62 38.15 -6.10
C THR D 217 -4.95 39.53 -5.56
N THR D 218 -6.12 39.65 -4.93
CA THR D 218 -6.55 40.91 -4.35
C THR D 218 -7.06 40.69 -2.92
N LEU D 219 -7.26 41.77 -2.19
CA LEU D 219 -7.74 41.69 -0.82
C LEU D 219 -9.17 41.15 -0.82
N GLU D 220 -9.89 41.41 -1.92
CA GLU D 220 -11.26 40.95 -2.06
C GLU D 220 -11.34 39.48 -2.40
N SER D 221 -10.43 39.04 -3.27
CA SER D 221 -10.38 37.65 -3.70
C SER D 221 -10.02 36.71 -2.56
N LEU D 222 -9.21 37.20 -1.63
CA LEU D 222 -8.78 36.40 -0.48
C LEU D 222 -9.83 36.43 0.64
N ALA D 223 -10.56 37.54 0.73
CA ALA D 223 -11.59 37.70 1.75
C ALA D 223 -12.75 36.74 1.51
N ALA D 224 -12.92 36.32 0.26
CA ALA D 224 -13.99 35.40 -0.11
C ALA D 224 -13.66 33.97 0.32
N LEU D 225 -12.43 33.76 0.76
CA LEU D 225 -11.97 32.44 1.18
C LEU D 225 -12.41 32.14 2.61
N LYS D 226 -12.49 30.87 2.94
CA LYS D 226 -12.91 30.45 4.29
C LYS D 226 -11.74 29.83 5.04
N PRO D 227 -11.75 29.91 6.38
CA PRO D 227 -10.68 29.33 7.19
C PRO D 227 -10.42 27.88 6.79
N ALA D 228 -9.16 27.53 6.61
CA ALA D 228 -8.78 26.18 6.20
C ALA D 228 -8.51 25.22 7.34
N PHE D 229 -8.27 25.75 8.54
CA PHE D 229 -7.98 24.90 9.68
C PHE D 229 -9.02 24.96 10.79
N ASN D 230 -9.33 26.16 11.27
CA ASN D 230 -10.31 26.33 12.33
C ASN D 230 -11.58 26.99 11.80
N PRO D 231 -12.67 26.22 11.69
CA PRO D 231 -13.96 26.71 11.19
C PRO D 231 -14.43 28.00 11.84
N LYS D 232 -14.96 27.90 13.04
CA LYS D 232 -15.46 29.06 13.76
C LYS D 232 -14.39 29.84 14.50
N GLY D 233 -13.88 30.89 13.87
CA GLY D 233 -12.85 31.70 14.49
C GLY D 233 -11.51 31.71 13.78
N GLY D 234 -11.41 30.94 12.70
CA GLY D 234 -10.17 30.88 11.95
C GLY D 234 -9.84 32.15 11.22
N THR D 235 -8.55 32.39 10.99
CA THR D 235 -8.10 33.59 10.28
C THR D 235 -7.15 33.22 9.14
N VAL D 236 -6.46 32.09 9.30
CA VAL D 236 -5.53 31.63 8.28
C VAL D 236 -6.24 30.77 7.25
N THR D 237 -6.01 31.07 5.97
CA THR D 237 -6.61 30.33 4.87
C THR D 237 -5.53 29.86 3.90
N ALA D 238 -5.95 29.10 2.89
CA ALA D 238 -5.02 28.57 1.90
C ALA D 238 -4.38 29.72 1.14
N GLY D 239 -5.03 30.88 1.16
CA GLY D 239 -4.51 32.04 0.46
C GLY D 239 -3.39 32.76 1.19
N THR D 240 -3.39 32.69 2.51
CA THR D 240 -2.37 33.35 3.31
C THR D 240 -1.20 32.40 3.61
N SER D 241 -1.43 31.10 3.45
CA SER D 241 -0.40 30.11 3.70
C SER D 241 0.42 29.89 2.42
N SER D 242 1.56 29.22 2.56
CA SER D 242 2.41 28.93 1.40
C SER D 242 1.70 27.90 0.52
N GLN D 243 2.30 27.61 -0.63
CA GLN D 243 1.70 26.65 -1.56
C GLN D 243 2.47 25.35 -1.67
N ILE D 244 1.76 24.29 -2.02
CA ILE D 244 2.37 22.98 -2.23
C ILE D 244 3.02 23.08 -3.59
N THR D 245 4.35 23.13 -3.63
CA THR D 245 5.05 23.27 -4.89
C THR D 245 6.23 22.33 -5.09
N ASP D 246 6.38 21.85 -6.32
CA ASP D 246 7.49 20.96 -6.67
C ASP D 246 8.62 21.88 -7.11
N GLY D 247 9.83 21.58 -6.67
CA GLY D 247 10.95 22.42 -7.05
C GLY D 247 12.22 22.16 -6.27
N ALA D 248 13.35 22.58 -6.83
CA ALA D 248 14.64 22.41 -6.18
C ALA D 248 15.40 23.74 -6.13
N SER D 249 16.65 23.67 -5.70
CA SER D 249 17.50 24.85 -5.59
C SER D 249 18.94 24.38 -5.33
N CYS D 250 19.87 24.87 -6.15
CA CYS D 250 21.26 24.49 -6.00
C CYS D 250 22.13 25.68 -5.65
N MET D 251 23.32 25.41 -5.12
CA MET D 251 24.25 26.47 -4.75
C MET D 251 25.67 25.94 -4.64
N ILE D 252 26.56 26.49 -5.46
CA ILE D 252 27.96 26.09 -5.45
C ILE D 252 28.67 26.85 -4.34
N VAL D 253 29.30 26.13 -3.43
CA VAL D 253 30.00 26.77 -2.32
C VAL D 253 31.41 26.20 -2.15
N MET D 254 32.35 27.09 -1.85
CA MET D 254 33.75 26.71 -1.65
C MET D 254 34.48 27.71 -0.76
N SER D 255 35.74 27.39 -0.43
CA SER D 255 36.55 28.26 0.41
C SER D 255 36.96 29.52 -0.34
N ALA D 256 37.30 30.56 0.42
CA ALA D 256 37.71 31.82 -0.17
C ALA D 256 39.07 31.66 -0.84
N GLN D 257 39.94 30.88 -0.21
CA GLN D 257 41.27 30.64 -0.74
C GLN D 257 41.21 30.04 -2.14
N ARG D 258 40.35 29.03 -2.30
CA ARG D 258 40.20 28.37 -3.59
C ARG D 258 39.56 29.33 -4.59
N ALA D 259 38.84 30.33 -4.08
CA ALA D 259 38.20 31.32 -4.92
C ALA D 259 39.24 32.25 -5.53
N LYS D 260 40.29 32.53 -4.75
CA LYS D 260 41.38 33.39 -5.18
C LYS D 260 42.29 32.63 -6.14
N ASP D 261 42.12 31.31 -6.20
CA ASP D 261 42.93 30.48 -7.07
C ASP D 261 42.26 30.23 -8.41
N LEU D 262 40.94 30.04 -8.40
CA LEU D 262 40.19 29.80 -9.62
C LEU D 262 39.79 31.11 -10.28
N GLY D 263 40.11 32.22 -9.63
CA GLY D 263 39.80 33.53 -10.16
C GLY D 263 38.34 33.77 -10.49
N LEU D 264 37.44 33.25 -9.65
CA LEU D 264 36.01 33.44 -9.88
C LEU D 264 35.44 34.39 -8.83
N GLU D 265 34.72 35.40 -9.30
CA GLU D 265 34.11 36.41 -8.43
C GLU D 265 32.96 35.84 -7.59
N PRO D 266 33.06 35.98 -6.25
CA PRO D 266 32.04 35.49 -5.32
C PRO D 266 30.68 36.17 -5.52
N LEU D 267 29.69 35.73 -4.75
CA LEU D 267 28.35 36.28 -4.82
C LEU D 267 27.99 36.76 -3.42
N ALA D 268 28.64 36.17 -2.43
CA ALA D 268 28.42 36.51 -1.02
C ALA D 268 29.37 35.70 -0.14
N VAL D 269 29.52 36.11 1.11
CA VAL D 269 30.39 35.41 2.04
C VAL D 269 29.67 35.19 3.37
N ILE D 270 29.51 33.93 3.75
CA ILE D 270 28.84 33.58 5.00
C ILE D 270 29.62 34.15 6.18
N ARG D 271 28.90 34.78 7.11
CA ARG D 271 29.53 35.36 8.29
C ARG D 271 29.08 34.69 9.58
N SER D 272 27.79 34.42 9.70
CA SER D 272 27.24 33.79 10.88
C SER D 272 26.16 32.77 10.56
N MET D 273 26.17 31.67 11.29
CA MET D 273 25.19 30.59 11.10
C MET D 273 24.59 30.27 12.46
N ALA D 274 23.28 30.07 12.51
CA ALA D 274 22.62 29.77 13.78
C ALA D 274 21.33 28.99 13.63
N VAL D 275 21.02 28.21 14.67
CA VAL D 275 19.81 27.40 14.74
C VAL D 275 19.30 27.49 16.17
N ALA D 276 17.99 27.49 16.33
CA ALA D 276 17.41 27.57 17.67
C ALA D 276 16.07 26.84 17.75
N GLY D 277 15.55 26.73 18.96
CA GLY D 277 14.28 26.04 19.14
C GLY D 277 13.24 26.84 19.91
N VAL D 278 11.98 26.53 19.66
CA VAL D 278 10.86 27.19 20.32
C VAL D 278 9.81 26.13 20.58
N ASP D 279 8.70 26.52 21.21
CA ASP D 279 7.64 25.57 21.51
C ASP D 279 6.96 25.14 20.24
N PRO D 280 6.77 23.83 20.05
CA PRO D 280 6.11 23.28 18.85
C PRO D 280 4.77 23.94 18.54
N ALA D 281 4.01 24.24 19.59
CA ALA D 281 2.70 24.85 19.44
C ALA D 281 2.79 26.20 18.70
N ILE D 282 3.91 26.88 18.84
CA ILE D 282 4.11 28.18 18.19
C ILE D 282 5.43 28.21 17.43
N MET D 283 5.65 27.20 16.60
CA MET D 283 6.88 27.10 15.82
C MET D 283 7.12 28.30 14.91
N GLY D 284 6.07 29.05 14.62
CA GLY D 284 6.22 30.20 13.76
C GLY D 284 7.10 31.30 14.34
N TYR D 285 7.40 31.20 15.62
CA TYR D 285 8.23 32.20 16.29
C TYR D 285 9.68 31.78 16.29
N GLY D 286 10.01 30.79 15.46
CA GLY D 286 11.38 30.30 15.40
C GLY D 286 12.42 31.26 14.85
N PRO D 287 12.07 32.08 13.83
CA PRO D 287 13.02 33.02 13.23
C PRO D 287 13.74 33.96 14.19
N VAL D 288 13.01 34.57 15.11
CA VAL D 288 13.62 35.49 16.06
C VAL D 288 14.76 34.89 16.90
N PRO D 289 14.55 33.70 17.50
CA PRO D 289 15.61 33.10 18.29
C PRO D 289 16.83 32.77 17.44
N ALA D 290 16.59 32.40 16.19
CA ALA D 290 17.66 32.05 15.26
C ALA D 290 18.42 33.28 14.79
N THR D 291 17.67 34.34 14.48
CA THR D 291 18.27 35.58 13.99
C THR D 291 19.17 36.19 15.06
N GLN D 292 18.68 36.22 16.29
CA GLN D 292 19.46 36.78 17.39
C GLN D 292 20.79 36.08 17.57
N LYS D 293 20.74 34.75 17.66
CA LYS D 293 21.97 33.97 17.84
C LYS D 293 22.88 34.11 16.63
N ALA D 294 22.32 34.60 15.53
CA ALA D 294 23.07 34.79 14.30
C ALA D 294 23.81 36.12 14.31
N LEU D 295 23.07 37.18 14.59
CA LEU D 295 23.63 38.53 14.63
C LEU D 295 24.71 38.63 15.70
N LYS D 296 24.50 37.95 16.82
CA LYS D 296 25.47 37.96 17.92
C LYS D 296 26.78 37.28 17.52
N ARG D 297 26.66 36.17 16.80
CA ARG D 297 27.83 35.43 16.35
C ARG D 297 28.52 36.15 15.19
N ALA D 298 27.94 37.27 14.78
CA ALA D 298 28.49 38.05 13.68
C ALA D 298 28.86 39.44 14.19
N GLY D 299 28.62 39.68 15.47
CA GLY D 299 28.92 40.98 16.05
C GLY D 299 28.19 42.10 15.34
N LEU D 300 26.89 41.90 15.10
CA LEU D 300 26.08 42.89 14.41
C LEU D 300 24.73 43.08 15.10
N ASN D 301 23.92 43.97 14.52
CA ASN D 301 22.58 44.25 15.01
C ASN D 301 21.61 44.14 13.84
N MET D 302 20.31 44.19 14.15
CA MET D 302 19.30 44.08 13.11
C MET D 302 19.36 45.29 12.19
N ALA D 303 20.02 46.36 12.64
CA ALA D 303 20.13 47.58 11.86
C ALA D 303 21.25 47.53 10.85
N ASP D 304 22.17 46.58 11.02
CA ASP D 304 23.30 46.46 10.09
C ASP D 304 22.93 45.70 8.81
N ILE D 305 21.89 44.88 8.89
CA ILE D 305 21.44 44.11 7.74
C ILE D 305 20.61 44.97 6.78
N ASP D 306 21.05 45.05 5.54
CA ASP D 306 20.37 45.86 4.54
C ASP D 306 19.13 45.21 3.95
N PHE D 307 19.16 43.90 3.75
CA PHE D 307 18.02 43.19 3.20
C PHE D 307 17.71 41.90 3.95
N ILE D 308 16.42 41.60 4.08
CA ILE D 308 15.98 40.42 4.81
C ILE D 308 15.05 39.52 4.00
N GLU D 309 15.29 38.22 4.08
CA GLU D 309 14.48 37.23 3.40
C GLU D 309 13.87 36.26 4.41
N LEU D 310 12.59 36.48 4.72
CA LEU D 310 11.89 35.64 5.68
C LEU D 310 10.90 34.73 4.96
N ASN D 311 11.17 33.43 5.00
CA ASN D 311 10.31 32.46 4.33
C ASN D 311 8.89 32.63 4.83
N GLU D 312 7.99 32.98 3.91
CA GLU D 312 6.59 33.20 4.26
C GLU D 312 5.81 31.91 4.44
N ALA D 313 5.86 31.35 5.63
CA ALA D 313 5.14 30.12 5.93
C ALA D 313 3.66 30.44 5.90
N PHE D 314 3.23 31.21 6.89
CA PHE D 314 1.85 31.64 7.02
C PHE D 314 1.88 33.15 7.25
N ALA D 315 0.78 33.83 6.93
CA ALA D 315 0.73 35.26 7.12
C ALA D 315 0.63 35.53 8.63
N ALA D 316 0.08 34.56 9.35
CA ALA D 316 -0.09 34.67 10.79
C ALA D 316 1.17 34.32 11.57
N GLN D 317 2.27 34.08 10.85
CA GLN D 317 3.54 33.73 11.50
C GLN D 317 4.66 34.68 11.07
N ALA D 318 4.59 35.15 9.84
CA ALA D 318 5.61 36.06 9.32
C ALA D 318 5.53 37.43 10.00
N LEU D 319 4.33 38.01 9.99
CA LEU D 319 4.12 39.32 10.59
C LEU D 319 4.60 39.37 12.04
N PRO D 320 4.21 38.38 12.86
CA PRO D 320 4.64 38.38 14.26
C PRO D 320 6.16 38.42 14.39
N VAL D 321 6.84 37.71 13.49
CA VAL D 321 8.30 37.67 13.50
C VAL D 321 8.88 39.04 13.18
N LEU D 322 8.42 39.63 12.09
CA LEU D 322 8.90 40.94 11.68
C LEU D 322 8.61 42.01 12.72
N LYS D 323 7.54 41.83 13.48
CA LYS D 323 7.17 42.80 14.50
C LYS D 323 8.12 42.72 15.69
N ASP D 324 8.45 41.50 16.12
CA ASP D 324 9.36 41.31 17.24
C ASP D 324 10.82 41.43 16.81
N LEU D 325 11.03 41.71 15.54
CA LEU D 325 12.36 41.89 15.00
C LEU D 325 12.60 43.39 14.80
N LYS D 326 11.57 44.16 15.13
CA LYS D 326 11.63 45.62 15.02
C LYS D 326 11.96 46.09 13.60
N VAL D 327 11.41 45.40 12.61
CA VAL D 327 11.63 45.74 11.22
C VAL D 327 10.33 45.69 10.41
N LEU D 328 9.20 45.61 11.10
CA LEU D 328 7.90 45.55 10.44
C LEU D 328 7.64 46.84 9.66
N ASP D 329 8.01 47.97 10.25
CA ASP D 329 7.81 49.27 9.62
C ASP D 329 8.83 49.47 8.49
N LYS D 330 9.65 48.45 8.25
CA LYS D 330 10.67 48.48 7.20
C LYS D 330 10.44 47.35 6.21
N MET D 331 9.24 46.78 6.25
CA MET D 331 8.87 45.67 5.37
C MET D 331 9.11 45.94 3.89
N ASN D 332 8.33 46.87 3.33
CA ASN D 332 8.44 47.22 1.92
C ASN D 332 9.82 47.74 1.50
N GLU D 333 10.71 47.90 2.46
CA GLU D 333 12.03 48.42 2.14
C GLU D 333 13.15 47.37 2.16
N LYS D 334 13.00 46.34 2.98
CA LYS D 334 14.03 45.30 3.06
C LYS D 334 13.54 43.90 3.45
N VAL D 335 12.32 43.55 3.06
CA VAL D 335 11.79 42.23 3.40
C VAL D 335 10.98 41.61 2.27
N ASN D 336 11.51 40.53 1.68
CA ASN D 336 10.86 39.82 0.59
C ASN D 336 10.41 40.81 -0.49
N LEU D 337 11.37 41.48 -1.10
CA LEU D 337 11.09 42.48 -2.14
C LEU D 337 10.74 41.86 -3.49
N HIS D 338 11.20 40.63 -3.73
CA HIS D 338 10.92 39.96 -4.99
C HIS D 338 9.78 38.95 -4.88
N GLY D 339 9.22 38.82 -3.69
CA GLY D 339 8.13 37.89 -3.49
C GLY D 339 8.42 36.93 -2.34
N GLY D 340 7.38 36.22 -1.89
CA GLY D 340 7.55 35.27 -0.81
C GLY D 340 7.07 33.86 -1.10
N ALA D 341 7.16 33.00 -0.10
CA ALA D 341 6.75 31.61 -0.23
C ALA D 341 5.26 31.47 -0.48
N ILE D 342 4.49 32.50 -0.15
CA ILE D 342 3.04 32.48 -0.36
C ILE D 342 2.70 32.49 -1.84
N ALA D 343 3.61 33.02 -2.66
CA ALA D 343 3.40 33.10 -4.09
C ALA D 343 4.42 32.26 -4.87
N LEU D 344 5.48 31.83 -4.18
CA LEU D 344 6.51 31.03 -4.82
C LEU D 344 6.49 29.57 -4.36
N GLY D 345 5.58 29.25 -3.44
CA GLY D 345 5.49 27.90 -2.93
C GLY D 345 6.53 27.62 -1.87
N HIS D 346 6.35 26.52 -1.13
CA HIS D 346 7.29 26.17 -0.07
C HIS D 346 7.69 24.69 -0.08
N PRO D 347 8.68 24.33 -0.92
CA PRO D 347 9.15 22.95 -1.00
C PRO D 347 9.95 22.60 0.24
N PHE D 348 9.34 21.87 1.16
CA PHE D 348 9.96 21.45 2.41
C PHE D 348 11.49 21.31 2.35
N GLY D 349 12.00 20.68 1.30
CA GLY D 349 13.43 20.48 1.22
C GLY D 349 14.23 21.51 0.45
N CYS D 350 13.56 22.27 -0.42
CA CYS D 350 14.22 23.28 -1.24
C CYS D 350 14.24 24.68 -0.63
N SER D 351 13.16 25.05 0.04
CA SER D 351 13.02 26.36 0.65
C SER D 351 14.24 26.85 1.43
N GLY D 352 14.98 25.93 2.03
CA GLY D 352 16.15 26.31 2.80
C GLY D 352 17.09 27.26 2.11
N ALA D 353 17.77 26.76 1.08
CA ALA D 353 18.72 27.56 0.32
C ALA D 353 18.05 28.41 -0.74
N ARG D 354 16.78 28.09 -1.03
CA ARG D 354 16.03 28.81 -2.05
C ARG D 354 15.91 30.29 -1.69
N ILE D 355 15.48 30.57 -0.47
CA ILE D 355 15.32 31.95 -0.01
C ILE D 355 16.68 32.59 0.24
N SER D 356 17.65 31.78 0.66
CA SER D 356 18.99 32.29 0.92
C SER D 356 19.63 32.74 -0.39
N GLY D 357 19.40 31.99 -1.44
CA GLY D 357 19.95 32.33 -2.74
C GLY D 357 19.30 33.58 -3.29
N THR D 358 17.98 33.65 -3.19
CA THR D 358 17.23 34.81 -3.67
C THR D 358 17.69 36.05 -2.91
N LEU D 359 18.03 35.88 -1.64
CA LEU D 359 18.49 36.99 -0.81
C LEU D 359 19.76 37.60 -1.39
N LEU D 360 20.69 36.74 -1.81
CA LEU D 360 21.95 37.20 -2.38
C LEU D 360 21.71 38.07 -3.62
N ASN D 361 20.66 37.75 -4.36
CA ASN D 361 20.34 38.50 -5.57
C ASN D 361 19.73 39.84 -5.21
N VAL D 362 18.91 39.86 -4.16
CA VAL D 362 18.28 41.10 -3.72
C VAL D 362 19.34 42.10 -3.29
N MET D 363 20.43 41.58 -2.73
CA MET D 363 21.53 42.43 -2.29
C MET D 363 22.33 42.92 -3.48
N LYS D 364 22.69 41.99 -4.37
CA LYS D 364 23.47 42.32 -5.55
C LYS D 364 22.70 43.26 -6.47
N GLN D 365 21.38 43.11 -6.50
CA GLN D 365 20.53 43.96 -7.33
C GLN D 365 20.27 45.35 -6.76
N ASN D 366 20.51 45.51 -5.46
CA ASN D 366 20.28 46.81 -4.81
C ASN D 366 21.48 47.31 -4.01
N GLY D 367 22.67 46.85 -4.38
CA GLY D 367 23.88 47.29 -3.70
C GLY D 367 23.88 47.08 -2.20
N GLY D 368 23.23 46.02 -1.74
CA GLY D 368 23.19 45.75 -0.31
C GLY D 368 24.50 45.14 0.17
N THR D 369 24.63 44.99 1.48
CA THR D 369 25.84 44.43 2.06
C THR D 369 25.53 43.20 2.93
N PHE D 370 24.78 43.42 4.01
CA PHE D 370 24.41 42.33 4.90
C PHE D 370 22.98 41.85 4.63
N GLY D 371 22.83 40.53 4.56
CA GLY D 371 21.53 39.93 4.32
C GLY D 371 21.13 38.96 5.41
N LEU D 372 19.83 38.74 5.56
CA LEU D 372 19.32 37.83 6.58
C LEU D 372 18.37 36.79 6.00
N SER D 373 18.76 35.52 6.13
CA SER D 373 17.94 34.43 5.63
C SER D 373 17.49 33.59 6.81
N THR D 374 16.22 33.73 7.19
CA THR D 374 15.67 32.98 8.32
C THR D 374 14.34 32.36 7.95
N MET D 375 13.93 31.34 8.72
CA MET D 375 12.67 30.66 8.47
C MET D 375 12.25 29.82 9.67
N CYS D 376 10.95 29.71 9.88
CA CYS D 376 10.42 28.91 10.99
C CYS D 376 10.41 27.45 10.57
N ILE D 377 10.54 26.56 11.54
CA ILE D 377 10.55 25.13 11.28
C ILE D 377 9.52 24.40 12.13
N GLY D 378 8.91 23.35 11.56
CA GLY D 378 7.91 22.59 12.28
C GLY D 378 8.42 22.05 13.61
N LEU D 379 7.48 21.75 14.51
CA LEU D 379 7.81 21.22 15.82
C LEU D 379 8.70 22.12 16.66
N GLY D 380 8.58 23.43 16.45
CA GLY D 380 9.35 24.40 17.21
C GLY D 380 10.83 24.52 16.93
N GLN D 381 11.18 25.06 15.77
CA GLN D 381 12.58 25.25 15.41
C GLN D 381 12.76 26.45 14.51
N GLY D 382 13.99 26.97 14.48
CA GLY D 382 14.29 28.13 13.66
C GLY D 382 15.74 28.09 13.20
N ILE D 383 16.02 28.71 12.07
CA ILE D 383 17.37 28.76 11.53
C ILE D 383 17.60 30.05 10.76
N ALA D 384 18.78 30.64 10.92
CA ALA D 384 19.12 31.89 10.25
C ALA D 384 20.55 31.89 9.72
N THR D 385 20.83 32.83 8.81
CA THR D 385 22.15 32.97 8.22
C THR D 385 22.35 34.42 7.79
N VAL D 386 23.60 34.88 7.85
CA VAL D 386 23.93 36.24 7.47
C VAL D 386 25.03 36.26 6.42
N PHE D 387 24.72 36.79 5.24
CA PHE D 387 25.70 36.87 4.15
C PHE D 387 26.17 38.29 3.94
N GLU D 388 27.46 38.44 3.61
CA GLU D 388 28.03 39.76 3.37
C GLU D 388 28.48 39.91 1.93
N ARG D 389 28.11 41.02 1.32
CA ARG D 389 28.46 41.33 -0.06
C ARG D 389 29.80 42.05 -0.11
N VAL D 390 30.85 41.31 -0.47
CA VAL D 390 32.18 41.89 -0.56
C VAL D 390 33.11 41.01 -1.38
PA NAD E . -12.17 -36.23 -8.61
O1A NAD E . -11.03 -35.44 -8.06
O2A NAD E . -12.35 -37.60 -8.07
O5B NAD E . -13.53 -35.44 -8.33
C5B NAD E . -14.80 -35.91 -8.79
C4B NAD E . -15.82 -34.81 -8.58
O4B NAD E . -16.93 -35.01 -9.52
C3B NAD E . -16.44 -34.83 -7.18
O3B NAD E . -16.58 -33.51 -6.67
C2B NAD E . -17.80 -35.49 -7.40
O2B NAD E . -18.77 -35.09 -6.45
C1B NAD E . -18.16 -34.97 -8.79
N9A NAD E . -19.16 -35.80 -9.50
C8A NAD E . -19.19 -37.18 -9.65
N7A NAD E . -20.23 -37.61 -10.34
C5A NAD E . -20.95 -36.46 -10.63
C6A NAD E . -22.16 -36.22 -11.36
N6A NAD E . -22.90 -37.19 -11.90
N1A NAD E . -22.59 -34.92 -11.49
C2A NAD E . -21.86 -33.92 -10.95
N3A NAD E . -20.70 -34.02 -10.25
C4A NAD E . -20.29 -35.32 -10.14
O3 NAD E . -11.95 -36.36 -10.20
PN NAD E . -11.54 -35.10 -11.10
O1N NAD E . -12.24 -33.90 -10.58
O2N NAD E . -10.06 -35.03 -11.11
O5D NAD E . -12.04 -35.34 -12.59
C5D NAD E . -11.63 -36.50 -13.32
C4D NAD E . -11.65 -36.21 -14.80
O4D NAD E . -10.45 -35.45 -15.15
C3D NAD E . -11.57 -37.48 -15.66
O3D NAD E . -12.39 -37.37 -16.82
C2D NAD E . -10.10 -37.59 -16.03
O2D NAD E . -9.87 -38.31 -17.24
C1D NAD E . -9.74 -36.10 -16.20
N1N NAD E . -8.26 -35.87 -16.16
C2N NAD E . -7.56 -35.99 -14.97
C3N NAD E . -6.18 -35.78 -14.94
C7N NAD E . -5.35 -35.91 -13.59
O7N NAD E . -5.38 -35.02 -12.76
N7N NAD E . -4.62 -37.04 -13.45
C4N NAD E . -5.44 -35.43 -16.13
C5N NAD E . -6.23 -35.33 -17.30
C6N NAD E . -7.61 -35.53 -17.39
PA NAD F . -35.42 -2.62 -7.78
O1A NAD F . -34.15 -1.85 -7.61
O2A NAD F . -36.33 -2.16 -8.86
O5B NAD F . -35.05 -4.14 -8.11
C5B NAD F . -36.04 -5.14 -8.33
C4B NAD F . -35.36 -6.49 -8.40
O4B NAD F . -36.34 -7.56 -8.15
C3B NAD F . -34.77 -6.79 -9.78
O3B NAD F . -33.49 -7.40 -9.67
C2B NAD F . -35.80 -7.74 -10.40
O2B NAD F . -35.24 -8.61 -11.38
C1B NAD F . -36.23 -8.53 -9.17
N9A NAD F . -37.55 -9.19 -9.34
C8A NAD F . -38.75 -8.64 -9.71
N7A NAD F . -39.74 -9.50 -9.77
C5A NAD F . -39.16 -10.72 -9.45
C6A NAD F . -39.66 -12.04 -9.30
N6A NAD F . -40.93 -12.37 -9.54
N1A NAD F . -38.78 -13.05 -8.95
C2A NAD F . -37.49 -12.73 -8.72
N3A NAD F . -36.90 -11.52 -8.80
C4A NAD F . -37.80 -10.55 -9.17
O3 NAD F . -36.23 -2.55 -6.40
PN NAD F . -35.51 -2.77 -4.97
O1N NAD F . -34.26 -3.55 -5.18
O2N NAD F . -35.34 -1.41 -4.37
O5D NAD F . -36.46 -3.62 -4.02
C5D NAD F . -37.81 -3.23 -3.81
C4D NAD F . -38.22 -3.51 -2.38
O4D NAD F . -37.40 -2.69 -1.49
C3D NAD F . -39.66 -3.10 -2.08
O3D NAD F . -40.27 -4.02 -1.19
C2D NAD F . -39.52 -1.72 -1.44
O2D NAD F . -40.62 -1.39 -0.60
C1D NAD F . -38.23 -1.90 -0.64
N1N NAD F . -37.63 -0.59 -0.27
C2N NAD F . -36.97 0.18 -1.23
C3N NAD F . -36.42 1.41 -0.88
C7N NAD F . -35.66 2.31 -1.94
O7N NAD F . -34.49 2.10 -2.21
N7N NAD F . -36.40 3.30 -2.50
C4N NAD F . -36.49 1.92 0.47
C5N NAD F . -37.18 1.07 1.37
C6N NAD F . -37.76 -0.15 1.09
N1A ACO G . 24.29 -18.57 11.14
C2A ACO G . 23.42 -19.60 10.90
N3A ACO G . 22.26 -19.54 10.21
C4A ACO G . 22.00 -18.29 9.72
C5A ACO G . 22.81 -17.15 9.86
C6A ACO G . 24.01 -17.32 10.63
N6A ACO G . 24.88 -16.33 10.87
N7A ACO G . 22.24 -16.06 9.24
C8A ACO G . 21.13 -16.54 8.70
N9A ACO G . 20.92 -17.88 8.96
C1B ACO G . 19.81 -18.74 8.53
C2B ACO G . 18.48 -18.35 9.17
O2B ACO G . 18.38 -18.88 10.47
C3B ACO G . 17.49 -18.95 8.19
O3B ACO G . 17.21 -20.31 8.50
P3B ACO G . 15.71 -20.88 8.45
O7A ACO G . 14.88 -20.02 9.36
O8A ACO G . 15.26 -20.78 7.03
O9A ACO G . 15.74 -22.29 8.91
C4B ACO G . 18.19 -18.85 6.82
O4B ACO G . 19.61 -18.58 7.13
C5B ACO G . 17.63 -17.72 5.97
O5B ACO G . 17.90 -16.42 6.49
P1A ACO G . 16.91 -15.20 6.17
O1A ACO G . 15.63 -15.41 6.89
O2A ACO G . 17.65 -13.94 6.48
O3A ACO G . 16.58 -15.19 4.59
P2A ACO G . 15.80 -13.95 3.93
O4A ACO G . 15.46 -14.30 2.51
O5A ACO G . 14.64 -13.62 4.80
O6A ACO G . 16.77 -12.68 3.88
CBP ACO G . 18.79 -11.38 3.38
CCP ACO G . 18.12 -12.78 3.39
CDP ACO G . 18.13 -10.50 2.30
CEP ACO G . 20.29 -11.55 3.03
CAP ACO G . 18.64 -10.70 4.81
OAP ACO G . 19.30 -11.52 5.79
C9P ACO G . 19.27 -9.29 4.83
O9P ACO G . 18.58 -8.30 4.56
N8P ACO G . 20.57 -9.20 5.18
C7P ACO G . 21.26 -7.92 5.25
C6P ACO G . 22.15 -7.65 4.04
C5P ACO G . 22.18 -6.19 3.66
O5P ACO G . 21.34 -5.73 2.87
N4P ACO G . 23.13 -5.45 4.24
C3P ACO G . 23.26 -4.02 3.96
C2P ACO G . 24.66 -3.64 3.53
S1P ACO G . 25.59 -2.83 4.82
C ACO G . 26.82 -1.58 4.43
O ACO G . 27.49 -1.06 5.34
CH3 ACO G . 27.05 -1.18 2.99
N1A ACO H . -7.30 34.70 -4.71
C2A ACO H . -8.47 34.02 -4.89
N3A ACO H . -8.69 32.70 -4.68
C4A ACO H . -7.56 32.05 -4.23
C5A ACO H . -6.29 32.62 -4.02
C6A ACO H . -6.18 34.02 -4.26
N6A ACO H . -5.05 34.70 -4.09
N7A ACO H . -5.40 31.67 -3.57
C8A ACO H . -6.10 30.56 -3.54
N9A ACO H . -7.41 30.71 -3.93
C1B ACO H . -8.48 29.69 -4.01
C2B ACO H . -8.22 28.68 -5.14
O2B ACO H . -8.77 29.14 -6.35
C3B ACO H . -8.91 27.43 -4.60
O3B ACO H . -10.30 27.39 -4.94
P3B ACO H . -10.90 26.11 -5.70
O7A ACO H . -10.23 26.01 -7.02
O8A ACO H . -10.62 24.92 -4.84
O9A ACO H . -12.38 26.35 -5.86
C4B ACO H . -8.74 27.53 -3.08
O4B ACO H . -8.45 28.94 -2.81
C5B ACO H . -7.57 26.71 -2.57
O5B ACO H . -8.03 25.76 -1.61
P1A ACO H . -7.42 24.28 -1.51
O1A ACO H . -7.70 23.55 -2.79
O2A ACO H . -5.98 24.44 -1.15
O3A ACO H . -8.15 23.49 -0.33
P2A ACO H . -7.54 22.11 0.24
O4A ACO H . -8.47 21.58 1.28
O5A ACO H . -7.30 21.22 -0.93
O6A ACO H . -6.14 22.40 0.94
CBP ACO H . -4.80 23.07 2.90
CCP ACO H . -6.02 23.38 1.99
CDP ACO H . -5.00 21.69 3.56
CEP ACO H . -4.72 24.16 4.00
CAP ACO H . -3.46 23.08 2.03
OAP ACO H . -3.29 24.38 1.41
C9P ACO H . -2.22 22.78 2.91
O9P ACO H . -1.82 21.62 3.06
N8P ACO H . -1.63 23.85 3.50
C7P ACO H . -0.47 23.70 4.35
C6P ACO H . 0.41 24.94 4.34
C5P ACO H . 1.89 24.60 4.39
O5P ACO H . 2.54 24.49 3.34
N4P ACO H . 2.42 24.44 5.61
C3P ACO H . 3.82 24.11 5.81
C2P ACO H . 4.43 24.87 6.99
S1P ACO H . 5.70 26.05 6.47
C ACO H . 7.05 26.45 7.59
O ACO H . 8.07 27.01 7.15
CH3 ACO H . 6.95 26.11 9.06
#